data_2VZE
#
_entry.id   2VZE
#
_cell.length_a   97.730
_cell.length_b   97.730
_cell.length_c   384.600
_cell.angle_alpha   90.00
_cell.angle_beta   90.00
_cell.angle_gamma   90.00
#
_symmetry.space_group_name_H-M   'P 41 21 2'
#
loop_
_entity.id
_entity.type
_entity.pdbx_description
1 polymer 'ACYL-COENZYME A SYNTHETASE ACSM2A, MITOCHONDRIAL'
2 non-polymer 'ADENOSINE MONOPHOSPHATE'
3 non-polymer 'MAGNESIUM ION'
4 water water
#
_entity_poly.entity_id   1
_entity_poly.type   'polypeptide(L)'
_entity_poly.pdbx_seq_one_letter_code
;MGHHHHHHSSGVDLGTENLYFQSMSLQWGHQEVPAKFNFASDVLDHWADMEKAGKRPPSPALWWVNGKGKELMWNFRELS
ENSQQAANVLSGACGLQRGDRVAVVLPRVPEWWLVILGCIRAGLIFMPGTIQMKSTDILYRLQMSKAKAIVAGDEVIQEV
DTVASECPSLRIKLLVSEKSCDGWLNFKKLLNEASTTHHCVETGSQEASAIYFTSGTSGLPKMAEHSYSSLGLKAKMDAG
WTGLQASDIMWTISDTGWILNILCSLMEPWALGACTFVHLLPKFDPLVILKTLSSYPIKSMMGAPIVYRMLLQQDLSSYK
FPHLQNCVTVGESLLPETLENWRAQTGLDIRESYGQTETGLTCMVSKTMKIKPGYMGTAASCYDVQIIDDKGNVLPPGTE
GDIGIRVKPIRPIGIFSGYVDNPDKTAANIRGDFWLLGDRGIKDEDGYFQFMGRADDIINSSGYRIGPSEVENALMEHPA
VVETAVISSPDPVRGEVVKAFVVLASQFLSHDPEQLTKELQQHVKSVTAPYKYPRKIEFVLNLPKTVTGKIQRAKLRDKE
WKMSGKARAQ
;
_entity_poly.pdbx_strand_id   A,B,C
#
# COMPACT_ATOMS: atom_id res chain seq x y z
N HIS A 30 -50.02 30.84 -12.55
CA HIS A 30 -51.23 30.99 -11.72
C HIS A 30 -51.40 29.71 -10.88
N GLN A 31 -51.62 29.85 -9.57
CA GLN A 31 -51.81 28.73 -8.63
C GLN A 31 -53.12 28.84 -7.84
N GLU A 32 -53.66 27.70 -7.41
CA GLU A 32 -54.86 27.68 -6.53
C GLU A 32 -54.46 27.22 -5.11
N VAL A 33 -54.05 28.21 -4.32
CA VAL A 33 -53.57 28.02 -2.94
C VAL A 33 -54.33 28.97 -2.00
N PRO A 34 -54.28 28.72 -0.69
CA PRO A 34 -54.67 29.79 0.25
C PRO A 34 -53.66 30.94 0.20
N ALA A 35 -54.05 32.13 0.63
CA ALA A 35 -53.17 33.29 0.58
C ALA A 35 -51.93 33.10 1.46
N LYS A 36 -52.10 32.41 2.57
CA LYS A 36 -51.06 32.27 3.57
C LYS A 36 -50.80 30.82 3.92
N PHE A 37 -49.55 30.47 4.10
CA PHE A 37 -49.18 29.16 4.60
C PHE A 37 -47.81 29.19 5.26
N ASN A 38 -47.68 28.38 6.30
CA ASN A 38 -46.42 28.22 7.03
C ASN A 38 -46.43 26.86 7.69
N PHE A 39 -45.46 26.02 7.36
CA PHE A 39 -45.41 24.66 7.89
C PHE A 39 -45.30 24.61 9.40
N ALA A 40 -44.59 25.56 10.00
CA ALA A 40 -44.39 25.54 11.44
C ALA A 40 -45.68 25.80 12.20
N SER A 41 -46.41 26.85 11.81
CA SER A 41 -47.62 27.27 12.54
C SER A 41 -48.86 26.49 12.16
N ASP A 42 -48.96 26.08 10.89
CA ASP A 42 -50.17 25.44 10.41
C ASP A 42 -50.13 23.92 10.58
N VAL A 43 -48.95 23.33 10.72
CA VAL A 43 -48.84 21.88 10.92
C VAL A 43 -48.17 21.52 12.24
N LEU A 44 -46.95 21.99 12.42
CA LEU A 44 -46.17 21.53 13.54
C LEU A 44 -46.86 21.95 14.83
N ASP A 45 -47.34 23.19 14.89
CA ASP A 45 -47.95 23.71 16.11
C ASP A 45 -49.33 23.15 16.41
N HIS A 46 -50.03 22.67 15.38
CA HIS A 46 -51.24 21.88 15.64
C HIS A 46 -50.90 20.71 16.58
N TRP A 47 -49.84 19.98 16.25
CA TRP A 47 -49.49 18.79 17.03
C TRP A 47 -49.04 19.17 18.44
N ALA A 48 -48.30 20.26 18.56
CA ALA A 48 -47.92 20.76 19.88
C ALA A 48 -49.15 21.14 20.71
N ASP A 49 -50.09 21.87 20.10
CA ASP A 49 -51.31 22.30 20.79
C ASP A 49 -52.18 21.14 21.26
N MET A 50 -52.18 20.04 20.51
CA MET A 50 -52.91 18.83 20.92
C MET A 50 -52.35 18.27 22.21
N GLU A 51 -51.03 18.36 22.38
CA GLU A 51 -50.38 17.89 23.61
C GLU A 51 -50.70 18.81 24.77
N LYS A 52 -50.46 20.11 24.61
CA LYS A 52 -50.74 21.09 25.66
C LYS A 52 -52.16 20.95 26.19
N ALA A 53 -53.11 20.76 25.28
CA ALA A 53 -54.55 20.76 25.62
C ALA A 53 -55.09 19.40 26.08
N GLY A 54 -54.23 18.38 26.14
CA GLY A 54 -54.63 17.06 26.65
C GLY A 54 -55.29 16.13 25.64
N LYS A 55 -55.39 16.59 24.39
CA LYS A 55 -56.11 15.86 23.35
C LYS A 55 -55.32 14.68 22.78
N ARG A 56 -54.01 14.73 22.98
CA ARG A 56 -53.13 13.69 22.53
C ARG A 56 -52.03 13.57 23.59
N PRO A 57 -51.60 12.34 23.90
CA PRO A 57 -50.44 12.16 24.77
C PRO A 57 -49.16 12.73 24.16
N PRO A 58 -48.21 13.19 25.01
CA PRO A 58 -46.87 13.54 24.57
C PRO A 58 -46.30 12.49 23.60
N SER A 59 -46.18 12.85 22.32
CA SER A 59 -45.72 11.88 21.31
C SER A 59 -44.36 12.28 20.83
N PRO A 60 -43.50 11.30 20.54
CA PRO A 60 -42.16 11.64 20.06
C PRO A 60 -42.20 12.25 18.65
N ALA A 61 -41.44 13.33 18.45
CA ALA A 61 -41.39 14.05 17.18
C ALA A 61 -40.04 13.85 16.51
N LEU A 62 -38.97 14.00 17.28
CA LEU A 62 -37.63 13.83 16.77
C LEU A 62 -36.83 12.96 17.74
N TRP A 63 -36.27 11.87 17.22
CA TRP A 63 -35.45 10.96 17.98
C TRP A 63 -34.09 10.85 17.28
N TRP A 64 -33.05 11.33 17.96
CA TRP A 64 -31.69 11.42 17.40
C TRP A 64 -30.72 10.52 18.17
N VAL A 65 -29.82 9.85 17.44
CA VAL A 65 -28.75 9.07 18.03
C VAL A 65 -27.45 9.35 17.29
N ASN A 66 -26.32 9.28 18.00
CA ASN A 66 -25.00 9.43 17.37
C ASN A 66 -24.24 8.14 17.13
N GLY A 67 -24.74 7.04 17.68
CA GLY A 67 -24.15 5.72 17.44
C GLY A 67 -23.07 5.34 18.44
N LYS A 68 -22.71 6.30 19.30
CA LYS A 68 -21.68 6.11 20.33
C LYS A 68 -22.28 6.16 21.73
N GLY A 69 -23.58 5.96 21.85
CA GLY A 69 -24.24 5.94 23.15
C GLY A 69 -25.00 7.20 23.57
N LYS A 70 -25.04 8.21 22.70
CA LYS A 70 -25.80 9.46 22.98
C LYS A 70 -27.09 9.45 22.19
N GLU A 71 -28.21 9.70 22.88
CA GLU A 71 -29.53 9.84 22.25
C GLU A 71 -30.29 11.02 22.83
N LEU A 72 -31.12 11.64 22.02
CA LEU A 72 -31.94 12.75 22.45
C LEU A 72 -33.33 12.63 21.78
N MET A 73 -34.37 13.01 22.50
CA MET A 73 -35.73 12.95 21.94
C MET A 73 -36.57 14.15 22.35
N TRP A 74 -37.30 14.68 21.37
CA TRP A 74 -38.21 15.78 21.57
C TRP A 74 -39.65 15.32 21.29
N ASN A 75 -40.59 15.62 22.18
CA ASN A 75 -42.02 15.51 21.81
C ASN A 75 -42.41 16.77 21.07
N PHE A 76 -43.65 16.82 20.58
CA PHE A 76 -44.05 17.89 19.67
C PHE A 76 -44.10 19.25 20.33
N ARG A 77 -44.43 19.26 21.61
CA ARG A 77 -44.39 20.49 22.37
C ARG A 77 -42.95 20.98 22.55
N GLU A 78 -42.07 20.06 22.92
CA GLU A 78 -40.66 20.36 23.12
C GLU A 78 -40.06 20.86 21.82
N LEU A 79 -40.40 20.19 20.72
CA LEU A 79 -39.95 20.60 19.40
C LEU A 79 -40.46 21.99 19.09
N SER A 80 -41.73 22.25 19.40
CA SER A 80 -42.29 23.57 19.11
C SER A 80 -41.53 24.61 19.91
N GLU A 81 -41.43 24.39 21.21
CA GLU A 81 -40.72 25.33 22.08
C GLU A 81 -39.26 25.55 21.67
N ASN A 82 -38.55 24.47 21.37
CA ASN A 82 -37.11 24.56 21.15
C ASN A 82 -36.85 25.26 19.82
N SER A 83 -37.77 25.08 18.87
CA SER A 83 -37.68 25.69 17.56
C SER A 83 -38.10 27.16 17.58
N GLN A 84 -38.94 27.52 18.55
CA GLN A 84 -39.28 28.92 18.79
C GLN A 84 -38.05 29.63 19.37
N GLN A 85 -37.32 28.92 20.23
CA GLN A 85 -36.03 29.41 20.71
C GLN A 85 -35.06 29.63 19.54
N ALA A 86 -35.06 28.71 18.56
CA ALA A 86 -34.22 28.86 17.35
C ALA A 86 -34.61 30.13 16.55
N ALA A 87 -35.91 30.33 16.33
CA ALA A 87 -36.41 31.54 15.64
C ALA A 87 -35.97 32.82 16.35
N ASN A 88 -35.99 32.81 17.69
CA ASN A 88 -35.65 33.99 18.46
C ASN A 88 -34.15 34.28 18.34
N VAL A 89 -33.32 33.22 18.29
CA VAL A 89 -31.89 33.39 18.08
C VAL A 89 -31.59 34.06 16.75
N LEU A 90 -32.29 33.60 15.73
CA LEU A 90 -32.05 34.04 14.38
C LEU A 90 -32.55 35.45 14.17
N SER A 91 -33.80 35.72 14.58
CA SER A 91 -34.45 37.02 14.31
C SER A 91 -34.26 38.06 15.40
N GLY A 92 -33.91 37.62 16.60
CA GLY A 92 -33.73 38.53 17.75
C GLY A 92 -32.28 38.79 18.05
N ALA A 93 -31.58 37.77 18.54
CA ALA A 93 -30.18 37.91 18.89
C ALA A 93 -29.34 38.33 17.68
N CYS A 94 -29.54 37.65 16.54
CA CYS A 94 -28.81 37.95 15.29
C CYS A 94 -29.52 38.95 14.39
N GLY A 95 -30.75 39.34 14.73
CA GLY A 95 -31.49 40.36 13.99
C GLY A 95 -31.71 40.07 12.52
N LEU A 96 -31.80 38.80 12.14
CA LEU A 96 -32.08 38.47 10.74
C LEU A 96 -33.54 38.78 10.44
N GLN A 97 -33.77 39.38 9.29
CA GLN A 97 -35.08 39.91 8.98
C GLN A 97 -35.75 39.04 7.92
N ARG A 98 -37.08 39.08 7.91
CA ARG A 98 -37.90 38.40 6.92
C ARG A 98 -37.33 38.62 5.51
N GLY A 99 -37.19 37.52 4.76
CA GLY A 99 -36.62 37.58 3.42
C GLY A 99 -35.10 37.38 3.35
N ASP A 100 -34.39 37.45 4.49
CA ASP A 100 -32.92 37.26 4.50
C ASP A 100 -32.59 35.83 4.18
N ARG A 101 -31.48 35.60 3.51
CA ARG A 101 -31.08 34.26 3.12
C ARG A 101 -30.01 33.72 4.02
N VAL A 102 -30.22 32.50 4.51
CA VAL A 102 -29.40 31.91 5.56
C VAL A 102 -28.81 30.60 5.07
N ALA A 103 -27.52 30.55 4.84
CA ALA A 103 -26.91 29.28 4.43
C ALA A 103 -26.87 28.35 5.64
N VAL A 104 -27.19 27.07 5.45
CA VAL A 104 -27.14 26.08 6.53
C VAL A 104 -26.26 24.92 6.10
N VAL A 105 -25.14 24.71 6.80
CA VAL A 105 -24.16 23.67 6.42
C VAL A 105 -23.80 22.86 7.65
N LEU A 106 -24.63 21.86 7.97
CA LEU A 106 -24.51 21.09 9.23
C LEU A 106 -24.54 19.57 8.98
N PRO A 107 -23.92 18.81 9.90
CA PRO A 107 -24.07 17.36 9.81
C PRO A 107 -25.46 16.96 10.31
N ARG A 108 -25.70 15.66 10.40
CA ARG A 108 -26.99 15.15 10.86
C ARG A 108 -27.12 15.26 12.37
N VAL A 109 -27.32 16.50 12.82
CA VAL A 109 -27.47 16.81 14.24
C VAL A 109 -28.83 17.45 14.41
N PRO A 110 -29.43 17.34 15.60
CA PRO A 110 -30.74 17.92 15.85
C PRO A 110 -30.85 19.40 15.48
N GLU A 111 -29.78 20.15 15.67
CA GLU A 111 -29.75 21.57 15.36
C GLU A 111 -30.14 21.90 13.93
N TRP A 112 -29.88 20.99 13.00
CA TRP A 112 -30.34 21.22 11.61
C TRP A 112 -31.85 21.39 11.56
N TRP A 113 -32.56 20.49 12.23
CA TRP A 113 -34.01 20.44 12.19
C TRP A 113 -34.57 21.68 12.90
N LEU A 114 -33.90 22.05 14.00
CA LEU A 114 -34.26 23.22 14.80
C LEU A 114 -34.02 24.51 14.04
N VAL A 115 -32.91 24.58 13.32
CA VAL A 115 -32.57 25.80 12.55
C VAL A 115 -33.49 26.01 11.33
N ILE A 116 -33.77 24.94 10.60
CA ILE A 116 -34.72 25.02 9.48
C ILE A 116 -36.09 25.47 9.96
N LEU A 117 -36.59 24.86 11.02
CA LEU A 117 -37.88 25.27 11.61
C LEU A 117 -37.81 26.75 12.08
N GLY A 118 -36.66 27.15 12.62
CA GLY A 118 -36.47 28.53 13.07
C GLY A 118 -36.56 29.53 11.94
N CYS A 119 -35.97 29.18 10.79
CA CYS A 119 -36.08 30.00 9.59
C CYS A 119 -37.53 30.10 9.12
N ILE A 120 -38.22 28.96 9.05
CA ILE A 120 -39.60 28.93 8.60
C ILE A 120 -40.48 29.85 9.45
N ARG A 121 -40.30 29.80 10.77
CA ARG A 121 -41.05 30.67 11.69
C ARG A 121 -40.73 32.15 11.49
N ALA A 122 -39.45 32.43 11.32
CA ALA A 122 -38.95 33.80 11.31
C ALA A 122 -39.03 34.41 9.91
N GLY A 123 -39.53 33.63 8.96
CA GLY A 123 -39.67 34.06 7.58
C GLY A 123 -38.33 34.18 6.88
N LEU A 124 -37.35 33.35 7.27
CA LEU A 124 -36.02 33.41 6.67
C LEU A 124 -35.85 32.33 5.63
N ILE A 125 -35.12 32.63 4.56
CA ILE A 125 -34.91 31.67 3.50
C ILE A 125 -33.74 30.73 3.82
N PHE A 126 -34.03 29.47 4.06
CA PHE A 126 -32.93 28.52 4.34
C PHE A 126 -32.34 27.90 3.06
N MET A 127 -31.03 27.74 3.08
CA MET A 127 -30.27 27.30 1.91
C MET A 127 -29.30 26.22 2.36
N PRO A 128 -29.81 24.98 2.47
CA PRO A 128 -28.96 23.93 2.99
C PRO A 128 -27.92 23.46 1.97
N GLY A 129 -26.77 23.06 2.47
CA GLY A 129 -25.69 22.52 1.65
C GLY A 129 -24.94 21.47 2.43
N THR A 130 -24.22 20.60 1.73
CA THR A 130 -23.51 19.52 2.39
C THR A 130 -22.27 20.00 3.18
N ILE A 131 -22.00 19.34 4.30
CA ILE A 131 -20.80 19.58 5.09
C ILE A 131 -19.53 19.12 4.40
N GLN A 132 -19.76 18.41 3.29
CA GLN A 132 -18.67 17.98 2.40
C GLN A 132 -18.03 19.14 1.68
N MET A 133 -18.74 20.26 1.58
CA MET A 133 -18.26 21.38 0.75
C MET A 133 -16.88 21.87 1.12
N LYS A 134 -16.13 22.28 0.11
CA LYS A 134 -14.86 22.98 0.29
C LYS A 134 -15.03 24.49 0.09
N SER A 135 -13.96 25.23 0.38
CA SER A 135 -14.03 26.70 0.44
C SER A 135 -14.55 27.35 -0.83
N THR A 136 -14.09 26.89 -1.99
CA THR A 136 -14.55 27.43 -3.27
C THR A 136 -16.04 27.14 -3.50
N ASP A 137 -16.53 26.00 -3.04
CA ASP A 137 -17.97 25.70 -3.14
C ASP A 137 -18.76 26.72 -2.32
N ILE A 138 -18.23 27.03 -1.13
CA ILE A 138 -18.89 27.89 -0.18
C ILE A 138 -18.86 29.34 -0.67
N LEU A 139 -17.70 29.79 -1.14
CA LEU A 139 -17.58 31.12 -1.72
C LEU A 139 -18.65 31.33 -2.77
N TYR A 140 -18.76 30.38 -3.70
CA TYR A 140 -19.72 30.44 -4.81
C TYR A 140 -21.14 30.61 -4.31
N ARG A 141 -21.54 29.81 -3.35
CA ARG A 141 -22.88 29.86 -2.81
CA ARG A 141 -22.86 29.90 -2.81
C ARG A 141 -23.15 31.18 -2.08
N LEU A 142 -22.26 31.57 -1.20
CA LEU A 142 -22.47 32.80 -0.44
C LEU A 142 -22.49 34.03 -1.37
N GLN A 143 -21.61 34.06 -2.38
CA GLN A 143 -21.57 35.22 -3.28
C GLN A 143 -22.78 35.28 -4.21
N MET A 144 -23.16 34.13 -4.77
CA MET A 144 -24.29 34.06 -5.67
CA MET A 144 -24.27 33.97 -5.69
C MET A 144 -25.61 34.37 -4.97
N SER A 145 -25.77 33.90 -3.74
CA SER A 145 -27.01 34.12 -2.98
C SER A 145 -27.05 35.44 -2.25
N LYS A 146 -25.90 36.09 -2.05
CA LYS A 146 -25.78 37.21 -1.13
C LYS A 146 -26.34 36.83 0.24
N ALA A 147 -25.98 35.65 0.73
CA ALA A 147 -26.39 35.21 2.06
C ALA A 147 -26.07 36.28 3.11
N LYS A 148 -26.99 36.51 4.01
CA LYS A 148 -26.76 37.44 5.11
C LYS A 148 -26.21 36.72 6.32
N ALA A 149 -26.41 35.40 6.36
CA ALA A 149 -25.95 34.57 7.47
C ALA A 149 -25.50 33.17 7.01
N ILE A 150 -24.65 32.54 7.81
CA ILE A 150 -24.35 31.14 7.65
C ILE A 150 -24.41 30.45 9.01
N VAL A 151 -25.01 29.24 9.06
CA VAL A 151 -25.04 28.40 10.25
C VAL A 151 -24.23 27.17 9.92
N ALA A 152 -23.09 27.01 10.58
CA ALA A 152 -22.17 25.93 10.24
C ALA A 152 -21.71 25.15 11.49
N GLY A 153 -21.13 23.98 11.23
CA GLY A 153 -20.56 23.14 12.25
C GLY A 153 -19.05 23.10 12.13
N ASP A 154 -18.42 22.28 12.98
CA ASP A 154 -16.97 22.13 13.06
C ASP A 154 -16.33 21.69 11.74
N GLU A 155 -17.07 20.92 10.96
CA GLU A 155 -16.58 20.36 9.70
C GLU A 155 -16.13 21.44 8.73
N VAL A 156 -16.90 22.51 8.63
CA VAL A 156 -16.61 23.54 7.64
C VAL A 156 -16.12 24.91 8.14
N ILE A 157 -15.89 25.09 9.45
CA ILE A 157 -15.41 26.39 10.00
C ILE A 157 -14.30 26.98 9.14
N GLN A 158 -13.20 26.22 9.01
CA GLN A 158 -11.96 26.72 8.40
C GLN A 158 -12.18 27.02 6.92
N GLU A 159 -13.04 26.23 6.29
CA GLU A 159 -13.38 26.40 4.89
C GLU A 159 -14.12 27.72 4.69
N VAL A 160 -15.07 27.98 5.58
CA VAL A 160 -15.85 29.22 5.57
C VAL A 160 -14.94 30.41 5.85
N ASP A 161 -14.10 30.29 6.88
CA ASP A 161 -13.24 31.41 7.26
C ASP A 161 -12.16 31.77 6.24
N THR A 162 -11.81 30.81 5.39
CA THR A 162 -10.84 31.05 4.33
C THR A 162 -11.42 32.06 3.32
N VAL A 163 -12.76 32.08 3.19
CA VAL A 163 -13.45 32.88 2.18
C VAL A 163 -14.46 33.94 2.67
N ALA A 164 -14.76 33.95 3.98
CA ALA A 164 -15.81 34.86 4.55
C ALA A 164 -15.59 36.33 4.24
N SER A 165 -14.35 36.75 4.26
CA SER A 165 -14.04 38.15 4.03
C SER A 165 -14.28 38.60 2.56
N GLU A 166 -14.38 37.66 1.63
CA GLU A 166 -14.72 37.99 0.24
C GLU A 166 -16.24 38.10 0.00
N CYS A 167 -17.05 38.02 1.07
CA CYS A 167 -18.51 38.00 0.99
C CYS A 167 -19.13 39.19 1.72
N PRO A 168 -19.34 40.31 0.99
CA PRO A 168 -19.70 41.56 1.68
C PRO A 168 -21.13 41.60 2.26
N SER A 169 -22.01 40.73 1.77
CA SER A 169 -23.35 40.61 2.32
C SER A 169 -23.39 39.77 3.61
N LEU A 170 -22.39 38.92 3.81
CA LEU A 170 -22.36 38.10 5.03
C LEU A 170 -22.21 38.94 6.30
N ARG A 171 -23.24 38.93 7.15
CA ARG A 171 -23.28 39.68 8.41
C ARG A 171 -23.32 38.80 9.67
N ILE A 172 -23.81 37.57 9.57
CA ILE A 172 -23.91 36.68 10.74
C ILE A 172 -23.26 35.31 10.46
N LYS A 173 -22.43 34.85 11.38
CA LYS A 173 -21.88 33.53 11.36
C LYS A 173 -22.24 32.86 12.67
N LEU A 174 -23.09 31.84 12.61
CA LEU A 174 -23.47 31.07 13.79
C LEU A 174 -22.82 29.70 13.75
N LEU A 175 -22.07 29.34 14.81
CA LEU A 175 -21.48 28.01 14.91
C LEU A 175 -22.26 27.10 15.86
N VAL A 176 -22.59 25.90 15.37
CA VAL A 176 -23.13 24.82 16.21
C VAL A 176 -21.97 23.88 16.59
N SER A 177 -21.59 23.90 17.87
CA SER A 177 -20.43 23.13 18.32
C SER A 177 -20.35 23.07 19.84
N GLU A 178 -19.59 22.10 20.36
CA GLU A 178 -19.29 22.10 21.80
C GLU A 178 -18.19 23.12 22.09
N LYS A 179 -17.47 23.54 21.05
CA LYS A 179 -16.40 24.54 21.15
C LYS A 179 -16.91 25.93 20.79
N SER A 180 -16.41 26.96 21.48
CA SER A 180 -16.55 28.34 21.01
C SER A 180 -15.38 28.69 20.09
N CYS A 181 -15.61 29.60 19.14
CA CYS A 181 -14.54 30.04 18.23
C CYS A 181 -14.65 31.52 17.90
N ASP A 182 -13.50 32.19 17.82
CA ASP A 182 -13.48 33.65 17.59
C ASP A 182 -14.09 34.01 16.25
N GLY A 183 -14.92 35.05 16.25
CA GLY A 183 -15.60 35.51 15.04
C GLY A 183 -16.96 34.87 14.81
N TRP A 184 -17.32 33.85 15.59
CA TRP A 184 -18.57 33.11 15.36
C TRP A 184 -19.42 33.13 16.62
N LEU A 185 -20.71 33.39 16.44
CA LEU A 185 -21.67 33.35 17.52
C LEU A 185 -21.96 31.90 17.91
N ASN A 186 -22.03 31.64 19.22
CA ASN A 186 -22.30 30.29 19.75
C ASN A 186 -23.80 30.00 19.74
N PHE A 187 -24.21 29.14 18.81
CA PHE A 187 -25.63 28.86 18.62
C PHE A 187 -26.23 28.18 19.83
N LYS A 188 -25.56 27.16 20.35
CA LYS A 188 -26.09 26.39 21.48
C LYS A 188 -26.33 27.25 22.71
N LYS A 189 -25.40 28.16 22.96
CA LYS A 189 -25.47 29.02 24.15
C LYS A 189 -26.65 29.99 23.97
N LEU A 190 -26.76 30.60 22.79
CA LEU A 190 -27.84 31.55 22.52
C LEU A 190 -29.23 30.87 22.52
N LEU A 191 -29.31 29.67 21.95
CA LEU A 191 -30.54 28.89 21.95
C LEU A 191 -31.05 28.77 23.39
N ASN A 192 -30.17 28.39 24.31
CA ASN A 192 -30.58 28.21 25.69
C ASN A 192 -31.03 29.46 26.38
N GLU A 193 -30.60 30.61 25.88
CA GLU A 193 -30.98 31.91 26.45
C GLU A 193 -32.29 32.45 25.89
N ALA A 194 -32.66 31.96 24.71
CA ALA A 194 -33.81 32.46 23.95
C ALA A 194 -35.13 32.11 24.64
N SER A 195 -36.14 32.96 24.43
CA SER A 195 -37.50 32.67 24.88
C SER A 195 -38.06 31.51 24.10
N THR A 196 -38.92 30.72 24.76
CA THR A 196 -39.64 29.60 24.14
C THR A 196 -40.93 30.06 23.43
N THR A 197 -41.19 31.37 23.41
CA THR A 197 -42.31 31.98 22.69
C THR A 197 -41.81 32.85 21.54
N HIS A 198 -42.17 32.43 20.33
CA HIS A 198 -41.91 33.22 19.15
C HIS A 198 -43.20 33.32 18.38
N HIS A 199 -43.51 34.52 17.92
CA HIS A 199 -44.73 34.74 17.12
C HIS A 199 -44.38 34.49 15.67
N CYS A 200 -44.93 33.40 15.15
CA CYS A 200 -44.67 32.97 13.79
C CYS A 200 -45.05 34.05 12.79
N VAL A 201 -44.19 34.30 11.81
CA VAL A 201 -44.48 35.27 10.75
C VAL A 201 -45.57 34.73 9.86
N GLU A 202 -46.56 35.57 9.56
CA GLU A 202 -47.65 35.18 8.65
C GLU A 202 -47.16 35.12 7.20
N THR A 203 -46.38 34.10 6.90
CA THR A 203 -45.75 33.99 5.60
C THR A 203 -46.76 33.64 4.49
N GLY A 204 -46.48 34.16 3.30
CA GLY A 204 -47.35 33.94 2.16
C GLY A 204 -47.07 32.61 1.49
N SER A 205 -48.10 32.02 0.88
CA SER A 205 -47.96 30.76 0.14
C SER A 205 -46.89 30.76 -0.95
N GLN A 206 -46.79 31.84 -1.71
CA GLN A 206 -45.84 31.95 -2.82
C GLN A 206 -44.51 32.58 -2.40
N GLU A 207 -44.44 32.96 -1.14
CA GLU A 207 -43.27 33.64 -0.61
C GLU A 207 -42.09 32.69 -0.51
N ALA A 208 -40.90 33.19 -0.87
CA ALA A 208 -39.70 32.36 -0.83
C ALA A 208 -39.50 31.80 0.55
N SER A 209 -39.23 30.50 0.64
CA SER A 209 -38.88 29.83 1.90
C SER A 209 -37.51 29.15 1.86
N ALA A 210 -37.14 28.58 0.72
CA ALA A 210 -35.86 27.89 0.62
C ALA A 210 -35.21 28.14 -0.72
N ILE A 211 -33.88 28.02 -0.77
CA ILE A 211 -33.12 28.00 -2.01
C ILE A 211 -32.16 26.81 -1.95
N TYR A 212 -32.33 25.89 -2.89
CA TYR A 212 -31.46 24.74 -3.00
C TYR A 212 -30.60 24.90 -4.23
N PHE A 213 -29.27 24.89 -4.05
CA PHE A 213 -28.39 24.89 -5.21
C PHE A 213 -28.47 23.53 -5.87
N THR A 214 -28.48 23.53 -7.19
CA THR A 214 -28.69 22.34 -7.95
C THR A 214 -27.91 22.35 -9.27
N SER A 215 -27.23 21.25 -9.54
CA SER A 215 -26.29 21.19 -10.65
C SER A 215 -27.00 21.15 -12.01
N GLY A 216 -26.34 21.74 -13.00
CA GLY A 216 -26.85 21.74 -14.36
C GLY A 216 -25.94 21.05 -15.35
N THR A 217 -26.43 20.91 -16.57
CA THR A 217 -25.78 20.16 -17.63
C THR A 217 -24.48 20.81 -18.09
N SER A 218 -24.35 22.11 -17.83
CA SER A 218 -23.08 22.82 -18.00
C SER A 218 -23.09 24.01 -17.10
N GLY A 219 -21.90 24.51 -16.77
CA GLY A 219 -21.72 25.60 -15.86
C GLY A 219 -21.98 25.15 -14.45
N LEU A 220 -22.20 26.12 -13.57
CA LEU A 220 -22.15 25.89 -12.14
C LEU A 220 -23.56 25.94 -11.54
N PRO A 221 -23.71 25.43 -10.32
CA PRO A 221 -25.04 25.20 -9.80
C PRO A 221 -25.94 26.42 -9.83
N LYS A 222 -27.22 26.19 -10.12
CA LYS A 222 -28.23 27.23 -10.10
C LYS A 222 -28.99 27.18 -8.76
N MET A 223 -29.65 28.29 -8.45
CA MET A 223 -30.39 28.46 -7.20
C MET A 223 -31.87 28.18 -7.41
N ALA A 224 -32.33 27.02 -6.90
CA ALA A 224 -33.72 26.61 -7.05
C ALA A 224 -34.55 27.11 -5.86
N GLU A 225 -35.45 28.06 -6.11
CA GLU A 225 -36.25 28.69 -5.04
C GLU A 225 -37.57 27.96 -4.84
N HIS A 226 -37.89 27.65 -3.60
CA HIS A 226 -39.15 27.02 -3.23
C HIS A 226 -39.93 27.91 -2.27
N SER A 227 -41.27 27.83 -2.33
CA SER A 227 -42.13 28.67 -1.49
C SER A 227 -42.60 27.93 -0.22
N TYR A 228 -43.29 28.67 0.65
CA TYR A 228 -43.87 28.05 1.84
C TYR A 228 -44.85 26.92 1.46
N SER A 229 -45.58 27.10 0.37
CA SER A 229 -46.57 26.09 -0.06
C SER A 229 -45.93 24.99 -0.89
N SER A 230 -44.96 25.33 -1.74
CA SER A 230 -44.35 24.31 -2.61
C SER A 230 -43.57 23.24 -1.84
N LEU A 231 -43.18 23.55 -0.62
CA LEU A 231 -42.62 22.53 0.27
C LEU A 231 -43.71 22.02 1.23
N GLY A 232 -44.22 22.89 2.10
CA GLY A 232 -45.07 22.46 3.23
C GLY A 232 -46.51 22.03 2.93
N LEU A 233 -47.19 22.78 2.07
CA LEU A 233 -48.55 22.41 1.68
C LEU A 233 -48.50 21.18 0.80
N LYS A 234 -47.53 21.12 -0.09
CA LYS A 234 -47.30 19.92 -0.92
C LYS A 234 -47.06 18.70 -0.04
N ALA A 235 -46.20 18.84 0.98
CA ALA A 235 -45.93 17.78 1.92
C ALA A 235 -47.19 17.36 2.69
N LYS A 236 -48.00 18.32 3.12
CA LYS A 236 -49.24 18.01 3.85
C LYS A 236 -50.17 17.22 2.94
N MET A 237 -50.22 17.59 1.66
CA MET A 237 -51.04 16.87 0.69
C MET A 237 -50.56 15.45 0.37
N ASP A 238 -49.24 15.24 0.30
CA ASP A 238 -48.68 13.91 0.02
C ASP A 238 -48.57 13.07 1.28
N ALA A 239 -48.80 13.67 2.44
CA ALA A 239 -48.56 13.02 3.73
C ALA A 239 -49.21 11.63 3.81
N GLY A 240 -48.39 10.63 4.11
CA GLY A 240 -48.85 9.26 4.22
C GLY A 240 -48.51 8.39 3.02
N TRP A 241 -48.04 9.00 1.93
CA TRP A 241 -47.68 8.25 0.70
C TRP A 241 -46.67 7.13 0.98
N THR A 242 -45.80 7.37 1.93
CA THR A 242 -44.79 6.41 2.32
C THR A 242 -45.35 5.23 3.09
N GLY A 243 -46.63 5.28 3.47
CA GLY A 243 -47.23 4.26 4.33
C GLY A 243 -47.13 4.58 5.82
N LEU A 244 -46.40 5.63 6.19
CA LEU A 244 -46.25 6.04 7.57
C LEU A 244 -47.58 6.45 8.22
N GLN A 245 -47.73 6.17 9.51
CA GLN A 245 -48.91 6.62 10.23
C GLN A 245 -48.54 7.39 11.48
N ALA A 246 -49.55 8.03 12.08
CA ALA A 246 -49.36 9.01 13.18
C ALA A 246 -48.50 8.50 14.33
N SER A 247 -48.56 7.23 14.65
CA SER A 247 -47.83 6.74 15.81
C SER A 247 -46.60 5.93 15.46
N ASP A 248 -46.03 6.16 14.27
CA ASP A 248 -44.88 5.39 13.77
C ASP A 248 -43.61 6.23 13.78
N ILE A 249 -42.48 5.56 13.52
CA ILE A 249 -41.19 6.21 13.43
C ILE A 249 -40.64 5.98 12.04
N MET A 250 -40.26 7.06 11.36
CA MET A 250 -39.61 6.97 10.05
C MET A 250 -38.17 7.40 10.08
N TRP A 251 -37.32 6.65 9.40
CA TRP A 251 -35.91 7.01 9.27
C TRP A 251 -35.60 7.38 7.82
N THR A 252 -35.36 8.65 7.56
CA THR A 252 -34.90 9.11 6.25
C THR A 252 -33.39 9.26 6.34
N ILE A 253 -32.67 8.57 5.46
CA ILE A 253 -31.20 8.52 5.42
C ILE A 253 -30.77 9.42 4.26
N SER A 254 -30.22 10.59 4.60
CA SER A 254 -29.96 11.65 3.62
C SER A 254 -28.84 12.59 4.04
N ASP A 255 -28.09 13.06 3.04
CA ASP A 255 -27.28 14.28 3.20
C ASP A 255 -28.24 15.39 3.60
N THR A 256 -27.88 16.21 4.59
CA THR A 256 -28.74 17.33 5.03
C THR A 256 -28.89 18.44 3.99
N GLY A 257 -28.06 18.43 2.95
CA GLY A 257 -28.16 19.38 1.83
C GLY A 257 -29.07 18.98 0.68
N TRP A 258 -29.60 17.77 0.72
CA TRP A 258 -30.50 17.27 -0.32
C TRP A 258 -31.91 17.65 0.10
N ILE A 259 -32.69 18.08 -0.88
CA ILE A 259 -34.07 18.44 -0.65
C ILE A 259 -34.84 17.28 -0.02
N LEU A 260 -34.40 16.05 -0.29
CA LEU A 260 -34.99 14.88 0.37
C LEU A 260 -35.11 15.05 1.87
N ASN A 261 -34.13 15.70 2.49
CA ASN A 261 -34.11 15.84 3.93
C ASN A 261 -35.26 16.71 4.44
N ILE A 262 -35.63 17.76 3.70
CA ILE A 262 -36.75 18.60 4.15
C ILE A 262 -38.09 17.90 3.88
N LEU A 263 -38.18 17.23 2.74
CA LEU A 263 -39.46 16.69 2.30
C LEU A 263 -39.82 15.44 3.10
N CYS A 264 -38.86 14.54 3.29
CA CYS A 264 -39.12 13.25 3.95
C CYS A 264 -38.64 13.11 5.35
N SER A 265 -37.50 13.68 5.70
CA SER A 265 -37.02 13.57 7.07
C SER A 265 -37.79 14.47 7.99
N LEU A 266 -38.25 15.60 7.46
CA LEU A 266 -38.89 16.61 8.29
C LEU A 266 -40.40 16.67 8.05
N MET A 267 -40.82 16.98 6.84
CA MET A 267 -42.23 17.33 6.63
C MET A 267 -43.18 16.11 6.57
N GLU A 268 -42.76 15.00 5.97
CA GLU A 268 -43.65 13.84 5.88
C GLU A 268 -44.07 13.42 7.28
N PRO A 269 -43.10 13.01 8.12
CA PRO A 269 -43.56 12.52 9.43
C PRO A 269 -44.30 13.57 10.25
N TRP A 270 -43.90 14.83 10.14
CA TRP A 270 -44.54 15.86 10.98
C TRP A 270 -45.89 16.32 10.44
N ALA A 271 -46.14 16.14 9.16
CA ALA A 271 -47.49 16.29 8.64
C ALA A 271 -48.45 15.33 9.36
N LEU A 272 -47.99 14.11 9.67
CA LEU A 272 -48.85 13.06 10.25
C LEU A 272 -48.83 12.99 11.80
N GLY A 273 -47.97 13.78 12.43
CA GLY A 273 -47.78 13.67 13.88
C GLY A 273 -46.92 12.48 14.28
N ALA A 274 -46.14 11.98 13.31
CA ALA A 274 -45.27 10.80 13.49
C ALA A 274 -43.86 11.22 13.89
N CYS A 275 -43.08 10.26 14.41
CA CYS A 275 -41.70 10.54 14.84
C CYS A 275 -40.72 10.40 13.67
N THR A 276 -39.80 11.34 13.52
CA THR A 276 -38.71 11.12 12.56
C THR A 276 -37.45 10.70 13.33
N PHE A 277 -36.70 9.77 12.76
CA PHE A 277 -35.50 9.23 13.37
C PHE A 277 -34.26 9.74 12.63
N VAL A 278 -33.26 10.24 13.38
CA VAL A 278 -31.99 10.70 12.80
C VAL A 278 -30.79 10.06 13.53
N HIS A 279 -29.90 9.46 12.73
CA HIS A 279 -28.62 8.90 13.16
C HIS A 279 -27.53 9.78 12.55
N LEU A 280 -26.58 10.23 13.36
CA LEU A 280 -25.45 11.03 12.91
C LEU A 280 -24.76 10.40 11.68
N LEU A 281 -24.63 9.07 11.68
CA LEU A 281 -23.94 8.32 10.63
C LEU A 281 -22.72 9.04 10.13
N PRO A 282 -21.77 9.28 11.02
CA PRO A 282 -20.63 10.10 10.63
C PRO A 282 -19.85 9.52 9.48
N LYS A 283 -19.82 8.20 9.37
CA LYS A 283 -18.98 7.51 8.38
C LYS A 283 -19.80 6.73 7.35
N PHE A 284 -21.12 6.80 7.46
CA PHE A 284 -22.03 6.18 6.48
C PHE A 284 -21.70 4.71 6.32
N ASP A 285 -21.75 4.04 7.47
CA ASP A 285 -21.33 2.64 7.56
C ASP A 285 -22.56 1.76 7.43
N PRO A 286 -22.61 0.90 6.41
CA PRO A 286 -23.75 0.01 6.26
C PRO A 286 -24.01 -0.85 7.48
N LEU A 287 -22.97 -1.31 8.16
CA LEU A 287 -23.17 -2.18 9.33
C LEU A 287 -23.87 -1.40 10.47
N VAL A 288 -23.58 -0.10 10.57
CA VAL A 288 -24.25 0.75 11.57
C VAL A 288 -25.70 0.92 11.22
N ILE A 289 -25.97 1.16 9.94
CA ILE A 289 -27.33 1.27 9.45
C ILE A 289 -28.13 0.01 9.78
N LEU A 290 -27.50 -1.13 9.54
CA LEU A 290 -28.17 -2.42 9.74
C LEU A 290 -28.51 -2.65 11.25
N LYS A 291 -27.55 -2.37 12.12
CA LYS A 291 -27.77 -2.56 13.57
C LYS A 291 -28.84 -1.61 14.06
N THR A 292 -28.91 -0.43 13.45
CA THR A 292 -29.90 0.59 13.79
C THR A 292 -31.30 0.14 13.42
N LEU A 293 -31.49 -0.33 12.19
CA LEU A 293 -32.75 -0.89 11.77
C LEU A 293 -33.19 -2.00 12.69
N SER A 294 -32.23 -2.80 13.13
CA SER A 294 -32.50 -3.96 13.94
C SER A 294 -32.86 -3.60 15.38
N SER A 295 -32.19 -2.58 15.92
CA SER A 295 -32.25 -2.28 17.37
C SER A 295 -33.35 -1.31 17.75
N TYR A 296 -33.84 -0.53 16.80
CA TYR A 296 -34.82 0.52 17.05
C TYR A 296 -36.11 0.24 16.28
N PRO A 297 -37.28 0.60 16.85
CA PRO A 297 -38.54 0.20 16.23
C PRO A 297 -38.93 1.15 15.09
N ILE A 298 -38.06 1.18 14.08
CA ILE A 298 -38.29 1.99 12.89
C ILE A 298 -39.29 1.25 12.01
N LYS A 299 -40.43 1.87 11.71
CA LYS A 299 -41.45 1.20 10.91
CA LYS A 299 -41.49 1.25 10.90
C LYS A 299 -41.31 1.54 9.43
N SER A 300 -40.89 2.76 9.13
CA SER A 300 -40.66 3.19 7.74
C SER A 300 -39.23 3.64 7.54
N MET A 301 -38.69 3.41 6.37
CA MET A 301 -37.38 3.94 6.02
C MET A 301 -37.36 4.46 4.59
N MET A 302 -36.59 5.53 4.39
CA MET A 302 -36.38 6.07 3.07
C MET A 302 -34.91 6.26 2.87
N GLY A 303 -34.43 5.91 1.69
CA GLY A 303 -33.05 6.23 1.30
C GLY A 303 -32.82 5.99 -0.18
N ALA A 304 -31.73 6.55 -0.70
CA ALA A 304 -31.35 6.27 -2.09
C ALA A 304 -31.02 4.79 -2.27
N PRO A 305 -31.21 4.29 -3.50
CA PRO A 305 -30.90 2.89 -3.80
C PRO A 305 -29.55 2.40 -3.32
N ILE A 306 -28.55 3.29 -3.30
CA ILE A 306 -27.24 2.89 -2.83
C ILE A 306 -27.31 2.33 -1.39
N VAL A 307 -28.22 2.87 -0.59
CA VAL A 307 -28.37 2.43 0.79
C VAL A 307 -28.80 0.99 0.84
N TYR A 308 -29.80 0.65 0.05
CA TYR A 308 -30.28 -0.71 -0.05
C TYR A 308 -29.23 -1.65 -0.59
N ARG A 309 -28.48 -1.21 -1.60
CA ARG A 309 -27.42 -2.05 -2.19
C ARG A 309 -26.31 -2.33 -1.18
N MET A 310 -25.99 -1.35 -0.34
CA MET A 310 -24.98 -1.55 0.70
C MET A 310 -25.47 -2.55 1.75
N LEU A 311 -26.73 -2.43 2.16
CA LEU A 311 -27.28 -3.34 3.15
C LEU A 311 -27.29 -4.77 2.63
N LEU A 312 -27.55 -4.96 1.33
CA LEU A 312 -27.66 -6.32 0.75
C LEU A 312 -26.31 -7.03 0.75
N GLN A 313 -25.22 -6.28 0.81
CA GLN A 313 -23.88 -6.85 0.95
C GLN A 313 -23.51 -7.23 2.37
N GLN A 314 -24.28 -6.77 3.34
CA GLN A 314 -24.06 -7.14 4.75
C GLN A 314 -24.77 -8.47 5.12
N ASP A 315 -24.60 -8.92 6.37
CA ASP A 315 -25.25 -10.15 6.85
C ASP A 315 -26.67 -9.86 7.38
N LEU A 316 -27.64 -9.94 6.48
CA LEU A 316 -29.04 -9.69 6.81
C LEU A 316 -29.63 -10.76 7.73
N SER A 317 -29.14 -12.00 7.56
CA SER A 317 -29.58 -13.08 8.44
C SER A 317 -29.22 -12.79 9.91
N SER A 318 -28.11 -12.07 10.15
CA SER A 318 -27.64 -11.81 11.51
C SER A 318 -28.45 -10.76 12.27
N TYR A 319 -29.01 -9.78 11.55
CA TYR A 319 -29.69 -8.62 12.17
C TYR A 319 -31.12 -8.45 11.59
N LYS A 320 -32.09 -9.07 12.24
CA LYS A 320 -33.47 -9.08 11.76
C LYS A 320 -34.22 -7.81 12.18
N PHE A 321 -35.21 -7.40 11.38
CA PHE A 321 -36.02 -6.20 11.70
C PHE A 321 -37.52 -6.33 11.41
N PRO A 322 -38.19 -7.29 12.07
CA PRO A 322 -39.61 -7.59 11.80
C PRO A 322 -40.59 -6.42 12.05
N HIS A 323 -40.15 -5.41 12.78
CA HIS A 323 -40.94 -4.19 12.90
C HIS A 323 -40.93 -3.34 11.62
N LEU A 324 -39.90 -3.48 10.76
CA LEU A 324 -39.84 -2.67 9.52
C LEU A 324 -40.93 -3.11 8.53
N GLN A 325 -41.76 -2.15 8.12
CA GLN A 325 -42.89 -2.39 7.21
C GLN A 325 -42.74 -1.67 5.86
N ASN A 326 -42.26 -0.43 5.88
CA ASN A 326 -42.25 0.40 4.69
C ASN A 326 -40.85 0.80 4.30
N CYS A 327 -40.43 0.35 3.11
CA CYS A 327 -39.13 0.69 2.54
C CYS A 327 -39.33 1.48 1.25
N VAL A 328 -39.07 2.79 1.29
CA VAL A 328 -39.20 3.61 0.07
C VAL A 328 -37.83 4.11 -0.38
N THR A 329 -37.75 4.55 -1.62
CA THR A 329 -36.47 4.99 -2.20
C THR A 329 -36.70 6.08 -3.24
N VAL A 330 -35.65 6.87 -3.49
CA VAL A 330 -35.65 7.92 -4.49
C VAL A 330 -34.21 8.33 -4.79
N GLY A 331 -34.01 9.06 -5.89
CA GLY A 331 -32.74 9.74 -6.18
C GLY A 331 -31.96 9.14 -7.33
N GLU A 332 -32.11 7.85 -7.55
CA GLU A 332 -31.47 7.09 -8.51
CA GLU A 332 -31.50 7.13 -8.66
C GLU A 332 -32.45 6.03 -9.01
N SER A 333 -32.13 5.36 -10.10
CA SER A 333 -32.97 4.29 -10.59
C SER A 333 -32.76 3.05 -9.71
N LEU A 334 -33.86 2.49 -9.20
CA LEU A 334 -33.86 1.23 -8.42
C LEU A 334 -33.90 0.03 -9.35
N LEU A 335 -32.79 -0.71 -9.40
CA LEU A 335 -32.68 -1.81 -10.35
C LEU A 335 -33.57 -2.96 -9.90
N PRO A 336 -34.25 -3.64 -10.86
CA PRO A 336 -35.04 -4.85 -10.55
C PRO A 336 -34.27 -5.87 -9.71
N GLU A 337 -32.99 -5.98 -9.99
CA GLU A 337 -32.07 -6.84 -9.27
C GLU A 337 -32.06 -6.57 -7.76
N THR A 338 -32.00 -5.28 -7.40
CA THR A 338 -31.98 -4.83 -6.01
C THR A 338 -33.32 -5.11 -5.33
N LEU A 339 -34.41 -4.73 -6.01
CA LEU A 339 -35.76 -5.01 -5.56
C LEU A 339 -35.93 -6.51 -5.26
N GLU A 340 -35.52 -7.35 -6.20
CA GLU A 340 -35.67 -8.79 -6.08
C GLU A 340 -34.94 -9.33 -4.87
N ASN A 341 -33.71 -8.88 -4.70
CA ASN A 341 -32.86 -9.34 -3.62
C ASN A 341 -33.38 -8.86 -2.24
N TRP A 342 -33.81 -7.61 -2.16
CA TRP A 342 -34.37 -7.11 -0.92
C TRP A 342 -35.60 -7.93 -0.52
N ARG A 343 -36.46 -8.27 -1.49
CA ARG A 343 -37.62 -9.16 -1.25
C ARG A 343 -37.21 -10.52 -0.73
N ALA A 344 -36.29 -11.14 -1.44
CA ALA A 344 -35.84 -12.48 -1.09
C ALA A 344 -35.25 -12.52 0.33
N GLN A 345 -34.45 -11.53 0.68
CA GLN A 345 -33.73 -11.54 1.96
C GLN A 345 -34.51 -10.96 3.13
N THR A 346 -35.40 -10.00 2.90
CA THR A 346 -36.14 -9.35 3.99
C THR A 346 -37.62 -9.65 4.01
N GLY A 347 -38.17 -10.17 2.92
CA GLY A 347 -39.63 -10.31 2.77
C GLY A 347 -40.36 -9.00 2.48
N LEU A 348 -39.61 -7.89 2.32
CA LEU A 348 -40.20 -6.57 2.11
C LEU A 348 -40.08 -6.10 0.68
N ASP A 349 -41.04 -5.27 0.29
CA ASP A 349 -41.02 -4.54 -0.97
C ASP A 349 -40.23 -3.26 -0.80
N ILE A 350 -39.55 -2.83 -1.85
CA ILE A 350 -39.06 -1.46 -1.94
C ILE A 350 -39.95 -0.69 -2.93
N ARG A 351 -40.61 0.34 -2.44
CA ARG A 351 -41.44 1.14 -3.28
C ARG A 351 -40.69 2.40 -3.75
N GLU A 352 -40.43 2.45 -5.06
CA GLU A 352 -39.65 3.52 -5.66
C GLU A 352 -40.48 4.80 -5.77
N SER A 353 -39.79 5.93 -5.71
CA SER A 353 -40.36 7.23 -6.02
C SER A 353 -39.36 8.02 -6.88
N TYR A 354 -39.83 9.11 -7.49
CA TYR A 354 -39.04 9.87 -8.45
C TYR A 354 -39.35 11.35 -8.31
N GLY A 355 -38.33 12.17 -8.53
CA GLY A 355 -38.45 13.64 -8.43
C GLY A 355 -37.15 14.38 -8.67
N GLN A 356 -37.20 15.70 -8.58
CA GLN A 356 -35.97 16.49 -8.57
C GLN A 356 -36.17 17.71 -7.70
N THR A 357 -35.08 18.44 -7.45
CA THR A 357 -35.11 19.61 -6.56
C THR A 357 -36.19 20.58 -6.99
N GLU A 358 -36.35 20.75 -8.29
CA GLU A 358 -37.26 21.76 -8.79
C GLU A 358 -38.74 21.39 -8.64
N THR A 359 -39.04 20.10 -8.50
CA THR A 359 -40.41 19.61 -8.55
C THR A 359 -40.85 18.79 -7.32
N GLY A 360 -39.92 18.51 -6.44
CA GLY A 360 -40.22 17.62 -5.34
C GLY A 360 -40.69 16.26 -5.82
N LEU A 361 -41.53 15.64 -5.00
CA LEU A 361 -42.01 14.29 -5.27
C LEU A 361 -42.93 14.31 -6.49
N THR A 362 -42.51 13.68 -7.59
CA THR A 362 -43.20 13.80 -8.90
C THR A 362 -43.99 12.54 -9.29
N CYS A 363 -43.40 11.37 -9.08
CA CYS A 363 -44.09 10.09 -9.25
C CYS A 363 -43.77 9.17 -8.10
N MET A 364 -44.68 8.25 -7.82
CA MET A 364 -44.34 7.19 -6.88
C MET A 364 -45.25 5.97 -6.88
N VAL A 365 -44.73 4.90 -6.26
CA VAL A 365 -45.51 3.73 -5.93
C VAL A 365 -45.99 3.91 -4.47
N SER A 366 -47.29 4.18 -4.30
CA SER A 366 -47.87 4.33 -2.96
C SER A 366 -48.08 2.97 -2.34
N LYS A 367 -48.53 2.94 -1.10
CA LYS A 367 -48.55 1.67 -0.35
C LYS A 367 -49.45 0.59 -0.97
N THR A 368 -50.59 0.98 -1.49
CA THR A 368 -51.57 0.02 -1.98
C THR A 368 -51.42 -0.30 -3.49
N MET A 369 -50.39 0.27 -4.13
CA MET A 369 -50.14 0.03 -5.56
C MET A 369 -49.28 -1.21 -5.81
N LYS A 370 -49.62 -1.89 -6.90
CA LYS A 370 -48.86 -3.02 -7.41
C LYS A 370 -47.45 -2.55 -7.77
N ILE A 371 -46.45 -3.35 -7.43
CA ILE A 371 -45.07 -3.02 -7.76
C ILE A 371 -44.73 -3.60 -9.12
N LYS A 372 -44.15 -2.78 -9.97
CA LYS A 372 -43.64 -3.22 -11.27
C LYS A 372 -42.13 -2.96 -11.27
N PRO A 373 -41.32 -4.03 -11.27
CA PRO A 373 -39.87 -3.93 -11.40
C PRO A 373 -39.49 -3.05 -12.58
N GLY A 374 -38.64 -2.05 -12.33
CA GLY A 374 -38.11 -1.18 -13.36
C GLY A 374 -38.90 0.11 -13.52
N TYR A 375 -40.03 0.19 -12.84
CA TYR A 375 -40.95 1.30 -12.99
C TYR A 375 -41.00 2.09 -11.70
N MET A 376 -40.96 3.41 -11.82
CA MET A 376 -40.82 4.28 -10.65
C MET A 376 -42.14 4.90 -10.21
N GLY A 377 -43.26 4.34 -10.69
CA GLY A 377 -44.58 4.70 -10.14
C GLY A 377 -45.41 5.61 -11.02
N THR A 378 -46.52 6.10 -10.45
CA THR A 378 -47.45 6.98 -11.16
C THR A 378 -47.37 8.39 -10.62
N ALA A 379 -48.06 9.33 -11.28
CA ALA A 379 -48.13 10.76 -10.87
C ALA A 379 -48.51 11.01 -9.40
N ALA A 380 -47.71 11.87 -8.74
CA ALA A 380 -48.06 12.39 -7.42
C ALA A 380 -49.34 13.18 -7.58
N SER A 381 -50.16 13.23 -6.52
CA SER A 381 -51.60 13.62 -6.68
C SER A 381 -51.78 15.02 -7.24
N CYS A 382 -50.82 15.89 -6.95
CA CYS A 382 -50.84 17.24 -7.52
C CYS A 382 -50.63 17.33 -9.06
N TYR A 383 -50.01 16.31 -9.66
CA TYR A 383 -49.32 16.52 -10.94
C TYR A 383 -49.91 15.76 -12.14
N ASP A 384 -49.96 16.45 -13.27
CA ASP A 384 -50.21 15.80 -14.55
C ASP A 384 -48.85 15.53 -15.19
N VAL A 385 -48.33 14.35 -14.94
CA VAL A 385 -47.04 13.97 -15.44
C VAL A 385 -47.28 13.21 -16.76
N GLN A 386 -46.57 13.58 -17.83
CA GLN A 386 -46.69 12.92 -19.14
C GLN A 386 -45.32 12.69 -19.81
N ILE A 387 -45.29 11.89 -20.86
CA ILE A 387 -44.15 11.77 -21.73
C ILE A 387 -44.44 12.65 -22.94
N ILE A 388 -43.47 13.49 -23.35
CA ILE A 388 -43.76 14.52 -24.34
C ILE A 388 -42.75 14.62 -25.47
N ASP A 389 -43.22 15.04 -26.64
CA ASP A 389 -42.37 15.06 -27.82
C ASP A 389 -41.61 16.38 -27.94
N ASP A 390 -40.84 16.49 -29.02
CA ASP A 390 -40.02 17.67 -29.28
C ASP A 390 -40.79 18.97 -29.43
N LYS A 391 -42.07 18.90 -29.72
CA LYS A 391 -42.90 20.09 -29.83
C LYS A 391 -43.79 20.34 -28.60
N GLY A 392 -43.59 19.61 -27.50
CA GLY A 392 -44.42 19.79 -26.30
C GLY A 392 -45.71 18.97 -26.16
N ASN A 393 -46.03 18.10 -27.12
CA ASN A 393 -47.25 17.32 -27.06
C ASN A 393 -47.14 15.99 -26.26
N VAL A 394 -48.29 15.56 -25.75
CA VAL A 394 -48.39 14.31 -25.01
C VAL A 394 -48.29 13.10 -25.95
N LEU A 395 -47.50 12.12 -25.52
CA LEU A 395 -47.25 10.93 -26.32
C LEU A 395 -48.04 9.76 -25.75
N PRO A 396 -48.28 8.74 -26.58
CA PRO A 396 -48.98 7.57 -26.12
C PRO A 396 -48.12 6.61 -25.30
N PRO A 397 -48.78 5.72 -24.53
CA PRO A 397 -48.05 4.71 -23.77
C PRO A 397 -47.11 3.91 -24.66
N GLY A 398 -45.96 3.52 -24.12
CA GLY A 398 -45.00 2.72 -24.89
C GLY A 398 -44.03 3.50 -25.78
N THR A 399 -44.18 4.82 -25.87
CA THR A 399 -43.33 5.64 -26.69
C THR A 399 -42.41 6.42 -25.78
N GLU A 400 -41.13 6.42 -26.13
CA GLU A 400 -40.15 7.15 -25.38
C GLU A 400 -40.17 8.65 -25.72
N GLY A 401 -40.01 9.45 -24.67
CA GLY A 401 -39.76 10.88 -24.82
C GLY A 401 -39.32 11.52 -23.52
N ASP A 402 -39.64 12.80 -23.38
CA ASP A 402 -39.15 13.59 -22.27
C ASP A 402 -40.24 13.63 -21.20
N ILE A 403 -39.88 13.30 -19.97
CA ILE A 403 -40.83 13.35 -18.86
C ILE A 403 -41.11 14.81 -18.51
N GLY A 404 -42.38 15.18 -18.38
CA GLY A 404 -42.74 16.54 -17.94
C GLY A 404 -43.95 16.63 -17.03
N ILE A 405 -44.14 17.78 -16.41
CA ILE A 405 -45.34 18.06 -15.57
C ILE A 405 -46.00 19.25 -16.19
N ARG A 406 -47.31 19.22 -16.28
CA ARG A 406 -48.05 20.33 -16.88
C ARG A 406 -48.03 21.50 -15.89
N VAL A 407 -47.62 22.69 -16.36
CA VAL A 407 -47.53 23.89 -15.50
C VAL A 407 -48.28 25.09 -16.06
N LYS A 408 -48.79 25.01 -17.28
CA LYS A 408 -49.71 26.01 -17.81
C LYS A 408 -51.05 25.35 -18.11
N PRO A 409 -52.16 26.08 -17.98
CA PRO A 409 -52.27 27.46 -17.50
C PRO A 409 -52.16 27.57 -15.98
N ILE A 410 -52.23 26.41 -15.28
CA ILE A 410 -52.18 26.37 -13.81
C ILE A 410 -50.94 25.60 -13.37
N ARG A 411 -50.14 26.25 -12.54
CA ARG A 411 -48.94 25.64 -11.97
C ARG A 411 -49.34 24.86 -10.70
N PRO A 412 -49.06 23.55 -10.66
CA PRO A 412 -49.50 22.81 -9.50
C PRO A 412 -48.67 23.08 -8.24
N ILE A 413 -49.37 22.99 -7.10
CA ILE A 413 -48.75 23.07 -5.82
C ILE A 413 -47.60 22.04 -5.78
N GLY A 414 -46.40 22.52 -5.47
CA GLY A 414 -45.24 21.65 -5.35
C GLY A 414 -44.08 21.97 -6.27
N ILE A 415 -44.35 22.64 -7.41
CA ILE A 415 -43.32 23.09 -8.34
C ILE A 415 -42.64 24.29 -7.69
N PHE A 416 -41.34 24.45 -7.95
CA PHE A 416 -40.54 25.55 -7.40
C PHE A 416 -40.87 26.83 -8.12
N SER A 417 -40.34 27.92 -7.58
CA SER A 417 -40.70 29.26 -8.01
C SER A 417 -39.84 29.75 -9.18
N GLY A 418 -38.78 29.03 -9.51
CA GLY A 418 -37.86 29.41 -10.59
C GLY A 418 -36.42 29.55 -10.09
N TYR A 419 -35.49 29.65 -11.03
CA TYR A 419 -34.07 29.78 -10.67
C TYR A 419 -33.81 31.25 -10.41
N VAL A 420 -33.20 31.53 -9.27
CA VAL A 420 -33.08 32.87 -8.75
C VAL A 420 -32.16 33.65 -9.66
N ASP A 421 -32.49 34.93 -9.90
CA ASP A 421 -31.73 35.81 -10.80
C ASP A 421 -31.56 35.25 -12.22
N ASN A 422 -32.42 34.32 -12.63
CA ASN A 422 -32.23 33.60 -13.90
C ASN A 422 -33.51 33.20 -14.58
N PRO A 423 -34.33 34.20 -15.00
CA PRO A 423 -35.60 33.83 -15.63
C PRO A 423 -35.40 33.13 -16.99
N ASP A 424 -34.25 33.38 -17.60
CA ASP A 424 -33.92 32.77 -18.88
C ASP A 424 -33.79 31.26 -18.75
N LYS A 425 -33.03 30.80 -17.77
CA LYS A 425 -32.84 29.36 -17.60
C LYS A 425 -34.06 28.61 -17.07
N THR A 426 -35.03 29.29 -16.46
CA THR A 426 -36.29 28.67 -16.10
C THR A 426 -37.12 28.52 -17.38
N ALA A 427 -37.11 29.56 -18.22
CA ALA A 427 -37.76 29.51 -19.55
C ALA A 427 -37.21 28.36 -20.41
N ALA A 428 -35.90 28.20 -20.42
CA ALA A 428 -35.30 27.14 -21.23
C ALA A 428 -35.81 25.71 -20.91
N ASN A 429 -36.28 25.44 -19.68
CA ASN A 429 -36.85 24.12 -19.36
C ASN A 429 -38.37 24.05 -19.52
N ILE A 430 -38.99 25.07 -20.10
CA ILE A 430 -40.41 25.02 -20.32
C ILE A 430 -40.62 24.82 -21.78
N ARG A 431 -41.39 23.79 -22.12
CA ARG A 431 -41.67 23.45 -23.48
C ARG A 431 -43.17 23.32 -23.61
N GLY A 432 -43.80 24.20 -24.41
CA GLY A 432 -45.25 24.26 -24.46
C GLY A 432 -45.76 24.55 -23.06
N ASP A 433 -46.57 23.63 -22.53
CA ASP A 433 -47.25 23.81 -21.26
C ASP A 433 -46.56 22.98 -20.16
N PHE A 434 -45.45 22.31 -20.51
CA PHE A 434 -44.76 21.40 -19.59
C PHE A 434 -43.43 21.92 -19.05
N TRP A 435 -43.18 21.61 -17.78
CA TRP A 435 -41.84 21.74 -17.19
C TRP A 435 -41.13 20.45 -17.50
N LEU A 436 -39.96 20.57 -18.12
CA LEU A 436 -39.14 19.41 -18.47
C LEU A 436 -38.29 19.01 -17.29
N LEU A 437 -38.35 17.75 -16.88
CA LEU A 437 -37.49 17.28 -15.78
C LEU A 437 -36.09 16.98 -16.31
N GLY A 438 -35.95 16.87 -17.62
CA GLY A 438 -34.69 16.50 -18.24
C GLY A 438 -34.35 15.01 -18.21
N ASP A 439 -35.31 14.18 -17.83
CA ASP A 439 -35.13 12.72 -17.88
C ASP A 439 -35.97 12.14 -19.00
N ARG A 440 -35.41 11.21 -19.74
CA ARG A 440 -36.19 10.47 -20.73
C ARG A 440 -37.07 9.47 -20.01
N GLY A 441 -38.20 9.10 -20.60
CA GLY A 441 -39.04 8.03 -20.03
C GLY A 441 -40.09 7.44 -20.97
N ILE A 442 -40.72 6.34 -20.51
CA ILE A 442 -41.84 5.67 -21.18
C ILE A 442 -42.96 5.51 -20.16
N LYS A 443 -44.21 5.68 -20.58
CA LYS A 443 -45.36 5.48 -19.69
C LYS A 443 -46.06 4.18 -20.10
N ASP A 444 -46.47 3.35 -19.14
CA ASP A 444 -47.14 2.08 -19.52
C ASP A 444 -48.65 2.24 -19.47
N GLU A 445 -49.37 1.17 -19.74
CA GLU A 445 -50.82 1.21 -19.87
C GLU A 445 -51.58 1.65 -18.60
N ASP A 446 -50.91 1.64 -17.45
CA ASP A 446 -51.53 2.02 -16.17
C ASP A 446 -50.98 3.34 -15.66
N GLY A 447 -50.12 3.98 -16.42
CA GLY A 447 -49.60 5.28 -16.04
C GLY A 447 -48.33 5.19 -15.26
N TYR A 448 -47.71 4.03 -15.23
CA TYR A 448 -46.44 3.87 -14.56
C TYR A 448 -45.29 4.38 -15.47
N PHE A 449 -44.37 5.13 -14.87
CA PHE A 449 -43.23 5.63 -15.60
C PHE A 449 -42.01 4.73 -15.49
N GLN A 450 -41.38 4.52 -16.65
CA GLN A 450 -40.10 3.86 -16.71
C GLN A 450 -38.98 4.86 -17.12
N PHE A 451 -38.02 5.05 -16.20
CA PHE A 451 -36.86 5.91 -16.43
C PHE A 451 -36.03 5.34 -17.56
N MET A 452 -35.73 6.15 -18.58
CA MET A 452 -34.84 5.74 -19.69
C MET A 452 -33.56 6.61 -19.83
N GLY A 453 -33.10 7.24 -18.75
CA GLY A 453 -31.81 7.93 -18.78
C GLY A 453 -31.92 9.44 -18.83
N ARG A 454 -30.87 10.14 -18.40
CA ARG A 454 -30.85 11.60 -18.48
C ARG A 454 -30.78 12.04 -19.93
N ALA A 455 -31.56 13.03 -20.28
CA ALA A 455 -31.52 13.56 -21.63
C ALA A 455 -30.35 14.51 -21.87
N ASP A 456 -29.58 14.87 -20.84
CA ASP A 456 -28.47 15.81 -20.99
C ASP A 456 -27.22 15.30 -20.28
N ASP A 457 -26.31 16.19 -19.90
CA ASP A 457 -25.00 15.77 -19.38
C ASP A 457 -24.94 15.66 -17.87
N ILE A 458 -26.06 15.83 -17.18
CA ILE A 458 -26.01 15.71 -15.72
C ILE A 458 -25.66 14.26 -15.37
N ILE A 459 -24.86 14.11 -14.32
CA ILE A 459 -24.42 12.81 -13.82
C ILE A 459 -25.14 12.54 -12.52
N ASN A 460 -25.51 11.28 -12.31
CA ASN A 460 -26.12 10.80 -11.05
C ASN A 460 -25.25 9.70 -10.43
N SER A 461 -24.53 10.03 -9.36
CA SER A 461 -23.66 9.08 -8.70
C SER A 461 -24.23 8.88 -7.32
N SER A 462 -24.79 7.69 -7.12
CA SER A 462 -25.41 7.35 -5.85
C SER A 462 -26.48 8.41 -5.54
N GLY A 463 -26.55 8.91 -4.31
CA GLY A 463 -27.52 10.00 -4.10
C GLY A 463 -27.43 11.10 -5.20
N TYR A 464 -26.22 11.63 -5.31
CA TYR A 464 -25.94 12.99 -5.73
C TYR A 464 -26.11 13.32 -7.24
N ARG A 465 -26.61 14.54 -7.50
CA ARG A 465 -26.72 15.17 -8.83
C ARG A 465 -25.51 16.07 -9.12
N ILE A 466 -24.79 15.76 -10.19
CA ILE A 466 -23.45 16.30 -10.44
C ILE A 466 -23.38 16.96 -11.79
N GLY A 467 -22.86 18.17 -11.84
CA GLY A 467 -22.75 18.91 -13.10
C GLY A 467 -21.38 18.69 -13.71
N PRO A 468 -21.32 18.29 -14.98
CA PRO A 468 -20.00 18.00 -15.56
C PRO A 468 -19.00 19.15 -15.48
N SER A 469 -19.42 20.38 -15.73
CA SER A 469 -18.51 21.51 -15.63
C SER A 469 -17.81 21.65 -14.26
N GLU A 470 -18.48 21.21 -13.19
CA GLU A 470 -17.92 21.28 -11.84
C GLU A 470 -16.66 20.45 -11.75
N VAL A 471 -16.75 19.21 -12.20
CA VAL A 471 -15.62 18.29 -12.13
C VAL A 471 -14.54 18.72 -13.13
N GLU A 472 -14.95 19.12 -14.33
CA GLU A 472 -14.02 19.57 -15.37
C GLU A 472 -13.16 20.74 -14.92
N ASN A 473 -13.80 21.77 -14.33
CA ASN A 473 -13.06 22.91 -13.81
C ASN A 473 -11.99 22.45 -12.80
N ALA A 474 -12.39 21.63 -11.83
CA ALA A 474 -11.46 21.06 -10.86
C ALA A 474 -10.26 20.42 -11.58
N LEU A 475 -10.56 19.48 -12.48
CA LEU A 475 -9.52 18.74 -13.20
C LEU A 475 -8.55 19.66 -13.95
N MET A 476 -9.06 20.72 -14.56
CA MET A 476 -8.25 21.68 -15.38
C MET A 476 -7.24 22.49 -14.58
N GLU A 477 -7.46 22.59 -13.28
CA GLU A 477 -6.53 23.29 -12.40
C GLU A 477 -5.26 22.48 -12.19
N HIS A 478 -5.29 21.18 -12.44
CA HIS A 478 -4.08 20.38 -12.38
C HIS A 478 -3.32 20.56 -13.71
N PRO A 479 -1.98 20.67 -13.65
CA PRO A 479 -1.17 20.92 -14.84
C PRO A 479 -1.00 19.75 -15.80
N ALA A 480 -1.37 18.55 -15.38
CA ALA A 480 -1.29 17.37 -16.25
C ALA A 480 -2.44 17.29 -17.23
N VAL A 481 -3.46 18.10 -17.02
CA VAL A 481 -4.69 18.09 -17.79
C VAL A 481 -4.70 19.30 -18.73
N VAL A 482 -4.62 19.04 -20.03
CA VAL A 482 -4.75 20.11 -21.01
C VAL A 482 -6.23 20.23 -21.42
N GLU A 483 -6.92 19.12 -21.44
CA GLU A 483 -8.33 19.10 -21.84
C GLU A 483 -9.06 17.90 -21.20
N THR A 484 -10.35 18.06 -20.92
CA THR A 484 -11.10 17.02 -20.21
C THR A 484 -12.61 17.08 -20.46
N ALA A 485 -13.24 15.92 -20.37
CA ALA A 485 -14.71 15.80 -20.49
C ALA A 485 -15.21 14.80 -19.44
N VAL A 486 -16.12 15.24 -18.57
CA VAL A 486 -16.67 14.39 -17.52
C VAL A 486 -18.07 13.88 -17.91
N ILE A 487 -18.32 12.60 -17.68
CA ILE A 487 -19.56 11.97 -18.09
C ILE A 487 -19.94 10.87 -17.14
N SER A 488 -21.10 10.24 -17.38
CA SER A 488 -21.60 9.19 -16.50
C SER A 488 -21.12 7.85 -17.03
N SER A 489 -20.95 6.89 -16.12
CA SER A 489 -20.44 5.58 -16.51
C SER A 489 -21.09 4.48 -15.67
N PRO A 490 -21.51 3.40 -16.33
CA PRO A 490 -22.11 2.31 -15.59
C PRO A 490 -21.08 1.62 -14.73
N ASP A 491 -21.48 1.17 -13.55
CA ASP A 491 -20.60 0.44 -12.67
C ASP A 491 -21.38 -0.68 -12.04
N PRO A 492 -20.84 -1.91 -12.07
CA PRO A 492 -21.64 -3.07 -11.63
C PRO A 492 -21.97 -3.13 -10.14
N VAL A 493 -21.24 -2.38 -9.32
CA VAL A 493 -21.41 -2.38 -7.87
C VAL A 493 -22.12 -1.14 -7.35
N ARG A 494 -21.88 0.03 -7.98
CA ARG A 494 -22.53 1.29 -7.58
CA ARG A 494 -22.51 1.20 -7.61
C ARG A 494 -23.73 1.77 -8.39
N GLY A 495 -23.85 1.30 -9.63
CA GLY A 495 -24.89 1.78 -10.54
C GLY A 495 -24.36 2.77 -11.57
N GLU A 496 -24.12 3.98 -11.11
CA GLU A 496 -23.67 5.01 -12.01
C GLU A 496 -22.60 5.86 -11.31
N VAL A 497 -21.50 6.12 -12.00
CA VAL A 497 -20.38 6.87 -11.44
C VAL A 497 -19.85 7.95 -12.38
N VAL A 498 -19.09 8.88 -11.82
CA VAL A 498 -18.44 9.94 -12.60
C VAL A 498 -17.19 9.41 -13.32
N LYS A 499 -17.11 9.64 -14.63
CA LYS A 499 -15.90 9.29 -15.36
C LYS A 499 -15.36 10.50 -16.07
N ALA A 500 -14.04 10.61 -16.04
CA ALA A 500 -13.31 11.71 -16.65
C ALA A 500 -12.50 11.17 -17.78
N PHE A 501 -12.66 11.75 -18.96
CA PHE A 501 -11.72 11.51 -20.04
C PHE A 501 -10.76 12.65 -20.01
N VAL A 502 -9.47 12.37 -20.00
CA VAL A 502 -8.43 13.41 -19.85
C VAL A 502 -7.38 13.33 -20.97
N VAL A 503 -7.09 14.49 -21.56
CA VAL A 503 -5.96 14.65 -22.49
C VAL A 503 -4.77 15.19 -21.67
N LEU A 504 -3.68 14.44 -21.68
CA LEU A 504 -2.51 14.79 -20.88
C LEU A 504 -1.61 15.76 -21.62
N ALA A 505 -0.99 16.66 -20.86
CA ALA A 505 0.19 17.40 -21.32
C ALA A 505 1.27 16.38 -21.69
N SER A 506 1.99 16.64 -22.78
CA SER A 506 3.02 15.69 -23.26
C SER A 506 3.91 15.11 -22.15
N GLN A 507 4.24 15.94 -21.16
CA GLN A 507 5.26 15.57 -20.20
C GLN A 507 4.76 14.53 -19.19
N PHE A 508 3.46 14.24 -19.22
CA PHE A 508 2.86 13.22 -18.33
C PHE A 508 2.54 11.88 -19.02
N LEU A 509 2.96 11.74 -20.28
CA LEU A 509 2.53 10.64 -21.12
C LEU A 509 3.15 9.29 -20.73
N SER A 510 4.23 9.34 -19.92
CA SER A 510 4.83 8.13 -19.40
C SER A 510 4.90 8.10 -17.87
N HIS A 511 4.02 8.85 -17.21
CA HIS A 511 3.73 8.58 -15.80
C HIS A 511 3.02 7.23 -15.68
N ASP A 512 3.03 6.63 -14.49
CA ASP A 512 2.15 5.46 -14.22
C ASP A 512 0.70 5.92 -14.31
N PRO A 513 -0.04 5.44 -15.32
CA PRO A 513 -1.46 5.77 -15.41
C PRO A 513 -2.25 5.48 -14.12
N GLU A 514 -1.90 4.41 -13.41
N GLU A 514 -1.91 4.41 -13.41
CA GLU A 514 -2.58 4.08 -12.15
CA GLU A 514 -2.62 4.08 -12.16
C GLU A 514 -2.34 5.18 -11.13
C GLU A 514 -2.35 5.15 -11.11
N GLN A 515 -1.08 5.51 -10.93
CA GLN A 515 -0.68 6.50 -9.92
C GLN A 515 -1.17 7.87 -10.28
N LEU A 516 -1.16 8.20 -11.58
CA LEU A 516 -1.61 9.55 -12.02
C LEU A 516 -3.10 9.65 -11.80
N THR A 517 -3.82 8.57 -12.04
CA THR A 517 -5.26 8.56 -11.81
C THR A 517 -5.57 8.87 -10.35
N LYS A 518 -4.96 8.15 -9.42
CA LYS A 518 -5.13 8.44 -7.98
C LYS A 518 -4.80 9.91 -7.66
N GLU A 519 -3.68 10.40 -8.17
CA GLU A 519 -3.30 11.80 -7.96
C GLU A 519 -4.42 12.76 -8.40
N LEU A 520 -4.97 12.55 -9.60
CA LEU A 520 -5.95 13.48 -10.13
C LEU A 520 -7.25 13.35 -9.30
N GLN A 521 -7.54 12.13 -8.88
CA GLN A 521 -8.72 11.87 -8.07
C GLN A 521 -8.62 12.61 -6.73
N GLN A 522 -7.50 12.44 -6.04
CA GLN A 522 -7.22 13.20 -4.81
C GLN A 522 -7.25 14.71 -5.05
N HIS A 523 -6.68 15.16 -6.16
CA HIS A 523 -6.75 16.56 -6.49
C HIS A 523 -8.18 17.12 -6.49
N VAL A 524 -9.09 16.39 -7.13
CA VAL A 524 -10.46 16.85 -7.19
C VAL A 524 -11.09 16.87 -5.80
N LYS A 525 -10.84 15.83 -5.01
CA LYS A 525 -11.35 15.74 -3.63
C LYS A 525 -10.87 16.89 -2.73
N SER A 526 -9.66 17.37 -2.99
CA SER A 526 -9.15 18.51 -2.24
C SER A 526 -9.73 19.88 -2.69
N VAL A 527 -10.24 20.01 -3.92
CA VAL A 527 -10.73 21.32 -4.39
C VAL A 527 -12.25 21.53 -4.39
N THR A 528 -13.02 20.45 -4.31
CA THR A 528 -14.49 20.54 -4.31
C THR A 528 -15.04 19.34 -3.53
N ALA A 529 -16.31 19.40 -3.15
CA ALA A 529 -16.97 18.33 -2.38
C ALA A 529 -16.67 16.97 -3.00
N PRO A 530 -16.12 16.03 -2.23
CA PRO A 530 -15.66 14.75 -2.79
C PRO A 530 -16.66 13.86 -3.50
N TYR A 531 -17.96 14.05 -3.29
CA TYR A 531 -18.96 13.18 -3.92
C TYR A 531 -18.85 13.19 -5.42
N LYS A 532 -18.34 14.28 -5.98
CA LYS A 532 -18.25 14.42 -7.43
C LYS A 532 -16.92 13.98 -8.06
N TYR A 533 -16.03 13.39 -7.27
CA TYR A 533 -14.74 13.02 -7.83
C TYR A 533 -14.88 11.93 -8.93
N PRO A 534 -13.99 11.94 -9.91
CA PRO A 534 -14.06 10.98 -10.98
C PRO A 534 -13.54 9.63 -10.56
N ARG A 535 -14.44 8.67 -10.37
CA ARG A 535 -14.07 7.35 -9.86
C ARG A 535 -13.44 6.52 -10.95
N LYS A 536 -13.51 7.01 -12.18
CA LYS A 536 -12.87 6.42 -13.32
C LYS A 536 -12.21 7.52 -14.15
N ILE A 537 -10.99 7.27 -14.61
CA ILE A 537 -10.32 8.16 -15.55
C ILE A 537 -9.81 7.36 -16.73
N GLU A 538 -9.94 7.91 -17.94
CA GLU A 538 -9.32 7.31 -19.10
C GLU A 538 -8.55 8.40 -19.81
N PHE A 539 -7.30 8.11 -20.14
CA PHE A 539 -6.44 9.04 -20.85
C PHE A 539 -6.59 8.84 -22.35
N VAL A 540 -6.71 9.94 -23.08
CA VAL A 540 -6.92 9.90 -24.52
C VAL A 540 -6.17 11.03 -25.20
N LEU A 541 -5.90 10.87 -26.49
CA LEU A 541 -5.06 11.84 -27.23
C LEU A 541 -5.88 13.03 -27.66
N ASN A 542 -7.18 12.81 -27.77
CA ASN A 542 -8.13 13.86 -28.13
C ASN A 542 -9.57 13.50 -27.72
N LEU A 543 -10.44 14.50 -27.75
CA LEU A 543 -11.86 14.31 -27.44
C LEU A 543 -12.66 14.67 -28.67
N PRO A 544 -13.87 14.13 -28.79
CA PRO A 544 -14.70 14.52 -29.94
C PRO A 544 -15.35 15.90 -29.75
N LYS A 545 -15.38 16.66 -30.85
CA LYS A 545 -15.81 18.04 -30.87
C LYS A 545 -16.82 18.28 -31.98
N THR A 546 -17.69 19.26 -31.76
CA THR A 546 -18.56 19.74 -32.80
C THR A 546 -17.75 20.49 -33.85
N VAL A 547 -18.37 20.88 -34.96
CA VAL A 547 -17.73 21.74 -35.96
C VAL A 547 -17.36 23.17 -35.49
N THR A 548 -17.88 23.63 -34.36
CA THR A 548 -17.44 24.88 -33.73
C THR A 548 -16.50 24.65 -32.53
N GLY A 549 -16.00 23.41 -32.38
CA GLY A 549 -15.01 23.07 -31.34
C GLY A 549 -15.52 22.63 -29.96
N LYS A 550 -16.84 22.45 -29.82
CA LYS A 550 -17.43 22.09 -28.51
C LYS A 550 -17.35 20.57 -28.30
N ILE A 551 -16.97 20.17 -27.09
CA ILE A 551 -16.80 18.75 -26.76
C ILE A 551 -18.18 18.06 -26.78
N GLN A 552 -18.23 16.91 -27.43
CA GLN A 552 -19.48 16.12 -27.56
C GLN A 552 -19.58 15.03 -26.46
N ARG A 553 -20.18 15.39 -25.33
CA ARG A 553 -20.32 14.46 -24.22
C ARG A 553 -21.30 13.37 -24.54
N ALA A 554 -22.39 13.72 -25.23
CA ALA A 554 -23.39 12.72 -25.61
C ALA A 554 -22.70 11.55 -26.33
N LYS A 555 -21.82 11.87 -27.26
CA LYS A 555 -21.10 10.83 -27.97
C LYS A 555 -20.29 9.92 -27.03
N LEU A 556 -19.52 10.52 -26.12
CA LEU A 556 -18.76 9.72 -25.19
C LEU A 556 -19.68 8.88 -24.30
N ARG A 557 -20.72 9.51 -23.75
CA ARG A 557 -21.65 8.82 -22.87
C ARG A 557 -22.18 7.58 -23.57
N ASP A 558 -22.81 7.78 -24.72
CA ASP A 558 -23.38 6.67 -25.51
C ASP A 558 -22.40 5.49 -25.66
N LYS A 559 -21.13 5.79 -25.89
CA LYS A 559 -20.11 4.75 -26.09
C LYS A 559 -19.98 3.97 -24.78
N GLU A 560 -19.78 4.73 -23.70
CA GLU A 560 -19.61 4.21 -22.34
C GLU A 560 -20.72 3.23 -21.89
N TRP A 561 -21.91 3.34 -22.49
CA TRP A 561 -23.08 2.52 -22.16
C TRP A 561 -23.41 1.63 -23.36
N LYS A 562 -22.83 0.43 -23.39
CA LYS A 562 -23.06 -0.57 -24.46
C LYS A 562 -24.03 -0.15 -25.58
N HIS B 30 8.04 -13.79 8.36
CA HIS B 30 6.57 -13.58 8.40
C HIS B 30 6.17 -13.21 9.82
N GLN B 31 5.10 -12.40 9.93
CA GLN B 31 4.57 -11.95 11.23
C GLN B 31 3.07 -12.23 11.33
N GLU B 32 2.57 -12.30 12.58
CA GLU B 32 1.12 -12.39 12.87
C GLU B 32 0.57 -11.09 13.51
N VAL B 33 0.27 -10.11 12.65
CA VAL B 33 -0.25 -8.79 13.04
C VAL B 33 -1.56 -8.49 12.30
N PRO B 34 -2.35 -7.53 12.78
CA PRO B 34 -3.36 -6.94 11.89
C PRO B 34 -2.71 -6.25 10.68
N ALA B 35 -3.47 -6.09 9.60
CA ALA B 35 -2.94 -5.45 8.39
C ALA B 35 -2.54 -3.98 8.66
N LYS B 36 -3.30 -3.32 9.52
CA LYS B 36 -3.14 -1.90 9.74
C LYS B 36 -2.91 -1.60 11.20
N PHE B 37 -2.02 -0.66 11.48
CA PHE B 37 -1.84 -0.15 12.82
C PHE B 37 -1.24 1.25 12.80
N ASN B 38 -1.68 2.08 13.75
CA ASN B 38 -1.17 3.43 13.95
C ASN B 38 -1.37 3.81 15.40
N PHE B 39 -0.29 4.11 16.10
CA PHE B 39 -0.40 4.44 17.52
C PHE B 39 -1.28 5.66 17.81
N ALA B 40 -1.23 6.66 16.94
CA ALA B 40 -1.99 7.91 17.17
C ALA B 40 -3.49 7.65 17.08
N SER B 41 -3.94 6.92 16.06
CA SER B 41 -5.38 6.72 15.84
C SER B 41 -5.95 5.56 16.62
N ASP B 42 -5.16 4.52 16.85
CA ASP B 42 -5.64 3.31 17.48
C ASP B 42 -5.51 3.34 19.00
N VAL B 43 -4.60 4.17 19.52
CA VAL B 43 -4.37 4.25 20.98
C VAL B 43 -4.65 5.63 21.54
N LEU B 44 -3.94 6.61 21.00
CA LEU B 44 -3.99 7.93 21.57
C LEU B 44 -5.41 8.51 21.45
N ASP B 45 -6.02 8.38 20.27
CA ASP B 45 -7.37 8.94 20.02
C ASP B 45 -8.50 8.20 20.74
N HIS B 46 -8.26 6.94 21.11
CA HIS B 46 -9.18 6.25 22.03
C HIS B 46 -9.35 7.10 23.28
N TRP B 47 -8.24 7.50 23.89
CA TRP B 47 -8.28 8.24 25.14
C TRP B 47 -8.93 9.61 24.99
N ALA B 48 -8.63 10.29 23.90
CA ALA B 48 -9.29 11.57 23.60
C ALA B 48 -10.82 11.36 23.44
N ASP B 49 -11.24 10.36 22.67
CA ASP B 49 -12.68 10.10 22.47
C ASP B 49 -13.42 9.80 23.78
N MET B 50 -12.72 9.18 24.72
CA MET B 50 -13.28 8.89 26.02
C MET B 50 -13.62 10.17 26.74
N GLU B 51 -12.76 11.17 26.60
CA GLU B 51 -12.99 12.47 27.22
C GLU B 51 -14.15 13.22 26.51
N LYS B 52 -14.06 13.40 25.20
CA LYS B 52 -15.11 14.05 24.41
C LYS B 52 -16.49 13.50 24.76
N ALA B 53 -16.57 12.17 24.86
CA ALA B 53 -17.85 11.45 25.05
C ALA B 53 -18.34 11.39 26.50
N GLY B 54 -17.55 11.93 27.43
CA GLY B 54 -17.92 11.97 28.84
C GLY B 54 -17.67 10.69 29.63
N LYS B 55 -17.06 9.68 28.99
CA LYS B 55 -16.84 8.37 29.63
C LYS B 55 -15.63 8.36 30.56
N ARG B 56 -14.84 9.41 30.48
CA ARG B 56 -13.75 9.60 31.40
C ARG B 56 -13.55 11.10 31.58
N PRO B 57 -13.15 11.55 32.79
CA PRO B 57 -12.81 12.95 32.97
C PRO B 57 -11.54 13.39 32.21
N PRO B 58 -11.44 14.70 31.88
CA PRO B 58 -10.21 15.24 31.34
C PRO B 58 -8.98 14.85 32.16
N SER B 59 -8.20 13.92 31.63
CA SER B 59 -7.08 13.33 32.36
C SER B 59 -5.76 13.86 31.78
N PRO B 60 -4.79 14.20 32.64
CA PRO B 60 -3.52 14.70 32.11
C PRO B 60 -2.77 13.66 31.28
N ALA B 61 -2.25 14.10 30.14
CA ALA B 61 -1.52 13.25 29.21
C ALA B 61 -0.03 13.62 29.16
N LEU B 62 0.27 14.92 29.11
CA LEU B 62 1.66 15.41 29.06
C LEU B 62 1.78 16.61 30.01
N TRP B 63 2.74 16.50 30.93
CA TRP B 63 3.01 17.52 31.95
C TRP B 63 4.47 17.88 31.82
N TRP B 64 4.74 19.11 31.36
CA TRP B 64 6.11 19.59 31.12
C TRP B 64 6.51 20.73 32.05
N VAL B 65 7.76 20.70 32.52
CA VAL B 65 8.31 21.79 33.32
C VAL B 65 9.73 22.09 32.87
N ASN B 66 10.15 23.36 32.95
CA ASN B 66 11.54 23.71 32.60
C ASN B 66 12.47 23.89 33.78
N GLY B 67 11.92 23.92 34.98
CA GLY B 67 12.73 24.03 36.20
C GLY B 67 13.03 25.46 36.60
N LYS B 68 12.54 26.42 35.81
CA LYS B 68 12.68 27.85 36.09
C LYS B 68 11.31 28.53 36.32
N GLY B 69 10.27 27.77 36.62
CA GLY B 69 8.96 28.35 36.90
C GLY B 69 7.91 28.19 35.82
N LYS B 70 8.26 27.59 34.68
CA LYS B 70 7.34 27.44 33.55
C LYS B 70 6.87 26.02 33.46
N GLU B 71 5.55 25.83 33.39
CA GLU B 71 4.94 24.49 33.30
C GLU B 71 3.80 24.49 32.30
N LEU B 72 3.60 23.37 31.63
CA LEU B 72 2.50 23.24 30.70
C LEU B 72 1.89 21.86 30.83
N MET B 73 0.58 21.74 30.66
CA MET B 73 -0.09 20.42 30.72
C MET B 73 -1.16 20.29 29.66
N TRP B 74 -1.18 19.12 29.02
CA TRP B 74 -2.19 18.79 28.02
C TRP B 74 -2.98 17.61 28.54
N ASN B 75 -4.30 17.67 28.48
CA ASN B 75 -5.12 16.46 28.61
C ASN B 75 -5.19 15.73 27.26
N PHE B 76 -5.82 14.57 27.20
CA PHE B 76 -5.70 13.72 25.99
C PHE B 76 -6.39 14.29 24.80
N ARG B 77 -7.45 15.04 25.02
CA ARG B 77 -8.11 15.74 23.93
C ARG B 77 -7.23 16.87 23.38
N GLU B 78 -6.65 17.64 24.28
CA GLU B 78 -5.74 18.73 23.94
C GLU B 78 -4.53 18.18 23.20
N LEU B 79 -4.02 17.03 23.66
CA LEU B 79 -2.89 16.36 23.00
C LEU B 79 -3.32 15.91 21.62
N SER B 80 -4.52 15.34 21.54
CA SER B 80 -5.00 14.86 20.26
C SER B 80 -5.12 16.01 19.28
N GLU B 81 -5.80 17.08 19.69
CA GLU B 81 -5.95 18.25 18.84
C GLU B 81 -4.62 18.88 18.48
N ASN B 82 -3.75 19.08 19.46
CA ASN B 82 -2.51 19.80 19.21
C ASN B 82 -1.60 19.03 18.27
N SER B 83 -1.59 17.69 18.40
CA SER B 83 -0.79 16.85 17.53
C SER B 83 -1.41 16.71 16.12
N GLN B 84 -2.72 16.90 16.01
CA GLN B 84 -3.36 16.98 14.70
C GLN B 84 -2.93 18.25 14.00
N GLN B 85 -2.81 19.34 14.77
CA GLN B 85 -2.20 20.57 14.25
C GLN B 85 -0.77 20.27 13.76
N ALA B 86 0.01 19.53 14.55
CA ALA B 86 1.38 19.17 14.16
C ALA B 86 1.40 18.42 12.81
N ALA B 87 0.49 17.44 12.66
CA ALA B 87 0.34 16.70 11.41
C ALA B 87 0.01 17.60 10.24
N ASN B 88 -0.84 18.60 10.47
CA ASN B 88 -1.24 19.50 9.40
C ASN B 88 -0.09 20.40 8.99
N VAL B 89 0.72 20.83 9.94
CA VAL B 89 1.92 21.60 9.66
C VAL B 89 2.85 20.82 8.75
N LEU B 90 3.09 19.56 9.09
CA LEU B 90 4.06 18.77 8.35
C LEU B 90 3.51 18.43 6.96
N SER B 91 2.28 17.95 6.89
CA SER B 91 1.75 17.42 5.62
C SER B 91 1.07 18.46 4.75
N GLY B 92 0.63 19.55 5.36
CA GLY B 92 -0.09 20.61 4.66
C GLY B 92 0.78 21.81 4.35
N ALA B 93 1.20 22.53 5.38
CA ALA B 93 2.03 23.74 5.18
C ALA B 93 3.37 23.38 4.52
N CYS B 94 4.03 22.35 5.02
CA CYS B 94 5.32 21.92 4.47
C CYS B 94 5.17 20.84 3.37
N GLY B 95 3.96 20.34 3.14
CA GLY B 95 3.69 19.40 2.06
C GLY B 95 4.47 18.09 2.08
N LEU B 96 4.90 17.65 3.26
CA LEU B 96 5.64 16.41 3.36
C LEU B 96 4.68 15.26 3.11
N GLN B 97 5.11 14.29 2.32
CA GLN B 97 4.25 13.19 1.89
C GLN B 97 4.58 11.88 2.63
N ARG B 98 3.56 11.02 2.70
CA ARG B 98 3.68 9.67 3.22
C ARG B 98 4.99 9.01 2.82
N GLY B 99 5.76 8.50 3.77
CA GLY B 99 7.04 7.88 3.46
C GLY B 99 8.26 8.79 3.51
N ASP B 100 8.06 10.10 3.55
CA ASP B 100 9.16 11.06 3.63
C ASP B 100 9.83 11.02 5.00
N ARG B 101 11.15 11.14 5.01
CA ARG B 101 11.94 10.99 6.23
C ARG B 101 12.23 12.34 6.85
N VAL B 102 11.95 12.45 8.14
CA VAL B 102 12.01 13.71 8.83
C VAL B 102 12.96 13.62 10.01
N ALA B 103 14.11 14.27 9.91
CA ALA B 103 15.03 14.29 11.04
C ALA B 103 14.43 15.13 12.18
N VAL B 104 14.54 14.67 13.42
CA VAL B 104 14.06 15.40 14.59
C VAL B 104 15.19 15.56 15.61
N VAL B 105 15.57 16.81 15.86
CA VAL B 105 16.73 17.13 16.70
C VAL B 105 16.38 18.23 17.69
N LEU B 106 15.71 17.84 18.78
CA LEU B 106 15.12 18.79 19.73
C LEU B 106 15.49 18.46 21.16
N PRO B 107 15.52 19.48 22.04
CA PRO B 107 15.72 19.24 23.45
C PRO B 107 14.44 18.66 24.04
N ARG B 108 14.39 18.54 25.37
CA ARG B 108 13.22 17.99 26.04
C ARG B 108 12.13 19.05 26.19
N VAL B 109 11.48 19.35 25.06
CA VAL B 109 10.39 20.33 25.01
C VAL B 109 9.15 19.63 24.48
N PRO B 110 7.97 20.15 24.83
CA PRO B 110 6.74 19.48 24.40
C PRO B 110 6.67 19.21 22.92
N GLU B 111 7.22 20.12 22.13
CA GLU B 111 7.18 20.02 20.67
C GLU B 111 7.81 18.72 20.11
N TRP B 112 8.75 18.12 20.84
CA TRP B 112 9.23 16.80 20.45
C TRP B 112 8.10 15.79 20.43
N TRP B 113 7.29 15.75 21.48
CA TRP B 113 6.19 14.78 21.58
C TRP B 113 5.13 15.08 20.51
N LEU B 114 4.86 16.37 20.27
CA LEU B 114 3.90 16.79 19.26
C LEU B 114 4.34 16.43 17.85
N VAL B 115 5.63 16.63 17.56
CA VAL B 115 6.17 16.40 16.24
C VAL B 115 6.14 14.93 15.89
N ILE B 116 6.63 14.08 16.79
CA ILE B 116 6.62 12.63 16.60
C ILE B 116 5.18 12.12 16.38
N LEU B 117 4.25 12.57 17.21
CA LEU B 117 2.85 12.20 16.97
C LEU B 117 2.38 12.73 15.62
N GLY B 118 2.83 13.93 15.24
CA GLY B 118 2.45 14.51 13.96
C GLY B 118 2.92 13.67 12.80
N CYS B 119 4.13 13.14 12.90
CA CYS B 119 4.70 12.25 11.90
C CYS B 119 3.91 10.95 11.80
N ILE B 120 3.61 10.36 12.97
CA ILE B 120 2.85 9.12 13.03
C ILE B 120 1.50 9.26 12.34
N ARG B 121 0.82 10.38 12.55
CA ARG B 121 -0.46 10.65 11.90
C ARG B 121 -0.33 10.82 10.39
N ALA B 122 0.72 11.55 10.00
CA ALA B 122 0.90 12.00 8.62
C ALA B 122 1.62 10.96 7.79
N GLY B 123 1.95 9.82 8.41
CA GLY B 123 2.63 8.73 7.72
C GLY B 123 4.07 9.05 7.43
N LEU B 124 4.68 9.88 8.25
CA LEU B 124 6.06 10.32 8.05
C LEU B 124 7.03 9.56 8.95
N ILE B 125 8.21 9.26 8.42
CA ILE B 125 9.24 8.51 9.14
C ILE B 125 10.09 9.43 10.00
N PHE B 126 9.93 9.33 11.30
CA PHE B 126 10.70 10.18 12.19
C PHE B 126 12.07 9.55 12.52
N MET B 127 13.08 10.41 12.61
CA MET B 127 14.46 10.01 12.82
C MET B 127 15.04 10.92 13.90
N PRO B 128 14.85 10.53 15.17
CA PRO B 128 15.32 11.37 16.26
C PRO B 128 16.83 11.26 16.43
N GLY B 129 17.43 12.35 16.86
CA GLY B 129 18.86 12.43 17.16
C GLY B 129 19.10 13.44 18.28
N THR B 130 20.22 13.32 18.95
CA THR B 130 20.50 14.21 20.07
C THR B 130 20.84 15.66 19.66
N ILE B 131 20.40 16.64 20.47
CA ILE B 131 20.75 18.06 20.29
C ILE B 131 22.22 18.32 20.51
N GLN B 132 22.91 17.33 21.05
CA GLN B 132 24.37 17.36 21.22
C GLN B 132 25.13 17.24 19.93
N MET B 133 24.49 16.75 18.87
CA MET B 133 25.17 16.52 17.58
C MET B 133 25.88 17.74 17.04
N LYS B 134 27.02 17.50 16.42
CA LYS B 134 27.77 18.51 15.69
C LYS B 134 27.52 18.36 14.20
N SER B 135 27.99 19.36 13.46
CA SER B 135 27.74 19.47 12.02
C SER B 135 28.05 18.20 11.23
N THR B 136 29.20 17.59 11.49
CA THR B 136 29.58 16.37 10.80
C THR B 136 28.62 15.22 11.10
N ASP B 137 28.13 15.14 12.34
CA ASP B 137 27.16 14.10 12.69
C ASP B 137 25.87 14.33 11.88
N ILE B 138 25.48 15.60 11.77
CA ILE B 138 24.24 15.97 11.08
C ILE B 138 24.38 15.71 9.58
N LEU B 139 25.49 16.13 9.00
CA LEU B 139 25.73 15.88 7.58
C LEU B 139 25.55 14.40 7.28
N TYR B 140 26.20 13.54 8.07
CA TYR B 140 26.18 12.08 7.90
C TYR B 140 24.75 11.53 7.91
N ARG B 141 23.98 11.91 8.91
CA ARG B 141 22.61 11.43 9.01
C ARG B 141 21.69 11.93 7.89
N LEU B 142 21.76 13.22 7.56
CA LEU B 142 20.93 13.76 6.48
C LEU B 142 21.29 13.15 5.15
N GLN B 143 22.58 12.96 4.89
CA GLN B 143 23.04 12.44 3.60
C GLN B 143 22.73 10.94 3.45
N MET B 144 22.93 10.19 4.52
CA MET B 144 22.68 8.76 4.48
CA MET B 144 22.66 8.75 4.51
C MET B 144 21.17 8.45 4.43
N SER B 145 20.37 9.25 5.13
CA SER B 145 18.91 9.06 5.13
C SER B 145 18.18 9.70 3.96
N LYS B 146 18.83 10.66 3.28
CA LYS B 146 18.15 11.48 2.28
C LYS B 146 16.93 12.14 2.85
N ALA B 147 17.08 12.65 4.07
CA ALA B 147 15.99 13.32 4.77
C ALA B 147 15.41 14.41 3.88
N LYS B 148 14.08 14.51 3.87
CA LYS B 148 13.41 15.57 3.14
C LYS B 148 13.22 16.77 4.04
N ALA B 149 13.19 16.56 5.35
CA ALA B 149 12.95 17.63 6.32
C ALA B 149 13.75 17.47 7.61
N ILE B 150 14.01 18.58 8.27
CA ILE B 150 14.61 18.56 9.60
C ILE B 150 13.81 19.50 10.51
N VAL B 151 13.53 19.03 11.72
CA VAL B 151 12.89 19.82 12.75
C VAL B 151 13.88 19.96 13.87
N ALA B 152 14.38 21.17 14.08
CA ALA B 152 15.47 21.42 15.03
C ALA B 152 15.17 22.59 15.96
N GLY B 153 15.97 22.68 17.02
CA GLY B 153 15.87 23.79 17.97
C GLY B 153 17.07 24.70 17.87
N ASP B 154 17.11 25.68 18.75
CA ASP B 154 18.18 26.67 18.78
C ASP B 154 19.57 26.08 18.92
N GLU B 155 19.67 24.99 19.65
CA GLU B 155 20.95 24.40 20.01
CA GLU B 155 20.95 24.40 20.02
C GLU B 155 21.76 23.99 18.78
N VAL B 156 21.07 23.45 17.76
CA VAL B 156 21.71 22.93 16.53
C VAL B 156 21.52 23.73 15.21
N ILE B 157 20.86 24.90 15.22
CA ILE B 157 20.65 25.68 13.98
C ILE B 157 21.94 25.91 13.19
N GLN B 158 22.97 26.47 13.84
CA GLN B 158 24.23 26.84 13.15
C GLN B 158 24.96 25.59 12.62
N GLU B 159 24.90 24.50 13.38
CA GLU B 159 25.49 23.24 12.95
C GLU B 159 24.78 22.70 11.70
N VAL B 160 23.45 22.79 11.68
CA VAL B 160 22.64 22.39 10.53
C VAL B 160 22.92 23.27 9.34
N ASP B 161 22.96 24.59 9.55
CA ASP B 161 23.17 25.51 8.45
C ASP B 161 24.59 25.46 7.87
N THR B 162 25.55 24.95 8.64
CA THR B 162 26.93 24.79 8.15
C THR B 162 26.99 23.74 7.03
N VAL B 163 26.07 22.76 7.09
CA VAL B 163 26.06 21.64 6.15
C VAL B 163 24.79 21.44 5.29
N ALA B 164 23.76 22.25 5.52
CA ALA B 164 22.47 22.09 4.84
C ALA B 164 22.57 22.08 3.34
N SER B 165 23.42 22.95 2.80
CA SER B 165 23.54 23.10 1.36
C SER B 165 24.22 21.91 0.67
N GLU B 166 24.91 21.05 1.44
CA GLU B 166 25.46 19.79 0.91
C GLU B 166 24.44 18.61 0.91
N CYS B 167 23.18 18.90 1.21
CA CYS B 167 22.14 17.90 1.29
C CYS B 167 21.03 18.14 0.27
N PRO B 168 21.19 17.59 -0.93
CA PRO B 168 20.24 17.82 -2.03
C PRO B 168 18.78 17.52 -1.66
N SER B 169 18.55 16.41 -0.99
CA SER B 169 17.19 15.96 -0.68
C SER B 169 16.46 16.83 0.37
N LEU B 170 17.21 17.57 1.20
CA LEU B 170 16.60 18.41 2.24
C LEU B 170 15.82 19.61 1.67
N ARG B 171 14.50 19.55 1.81
CA ARG B 171 13.59 20.57 1.27
C ARG B 171 12.95 21.42 2.33
N ILE B 172 12.81 20.91 3.55
CA ILE B 172 12.11 21.62 4.61
C ILE B 172 12.93 21.71 5.92
N LYS B 173 13.09 22.92 6.43
CA LYS B 173 13.75 23.16 7.70
C LYS B 173 12.77 23.89 8.62
N LEU B 174 12.33 23.19 9.66
CA LEU B 174 11.38 23.75 10.65
C LEU B 174 12.08 24.03 11.97
N LEU B 175 12.02 25.28 12.42
CA LEU B 175 12.65 25.68 13.69
C LEU B 175 11.61 25.77 14.82
N VAL B 176 11.88 25.11 15.93
CA VAL B 176 11.13 25.26 17.17
C VAL B 176 11.88 26.22 18.09
N SER B 177 11.36 27.43 18.27
CA SER B 177 12.07 28.45 19.03
C SER B 177 11.18 29.66 19.32
N GLU B 178 11.60 30.48 20.26
CA GLU B 178 10.94 31.77 20.48
C GLU B 178 11.39 32.79 19.45
N LYS B 179 12.52 32.52 18.80
CA LYS B 179 13.09 33.41 17.76
C LYS B 179 12.76 32.87 16.36
N SER B 180 12.51 33.80 15.43
CA SER B 180 12.48 33.46 14.00
C SER B 180 13.91 33.46 13.47
N CYS B 181 14.14 32.77 12.38
CA CYS B 181 15.44 32.79 11.74
C CYS B 181 15.36 32.62 10.22
N ASP B 182 16.18 33.37 9.50
CA ASP B 182 16.11 33.32 8.04
C ASP B 182 16.43 31.92 7.53
N GLY B 183 15.64 31.47 6.55
CA GLY B 183 15.82 30.14 5.94
C GLY B 183 15.05 29.02 6.62
N TRP B 184 14.45 29.31 7.78
CA TRP B 184 13.77 28.31 8.60
C TRP B 184 12.32 28.67 8.82
N LEU B 185 11.43 27.70 8.61
CA LEU B 185 10.02 27.90 8.89
C LEU B 185 9.79 27.90 10.42
N ASN B 186 8.96 28.81 10.89
CA ASN B 186 8.63 28.92 12.32
C ASN B 186 7.54 27.92 12.69
N PHE B 187 7.93 26.87 13.42
CA PHE B 187 7.02 25.78 13.76
C PHE B 187 5.90 26.21 14.68
N LYS B 188 6.23 26.99 15.71
CA LYS B 188 5.24 27.42 16.71
C LYS B 188 4.15 28.30 16.09
N LYS B 189 4.54 29.17 15.16
CA LYS B 189 3.59 30.07 14.52
C LYS B 189 2.68 29.24 13.61
N LEU B 190 3.27 28.32 12.83
CA LEU B 190 2.48 27.48 11.92
C LEU B 190 1.52 26.53 12.67
N LEU B 191 2.01 25.95 13.75
CA LEU B 191 1.21 25.08 14.60
C LEU B 191 -0.06 25.78 15.02
N ASN B 192 0.07 27.02 15.48
CA ASN B 192 -1.08 27.79 15.94
C ASN B 192 -2.10 28.12 14.87
N GLU B 193 -1.65 28.17 13.61
CA GLU B 193 -2.53 28.45 12.47
C GLU B 193 -3.19 27.18 11.93
N ALA B 194 -2.62 26.02 12.23
CA ALA B 194 -3.09 24.76 11.65
C ALA B 194 -4.44 24.32 12.23
N SER B 195 -5.19 23.57 11.44
CA SER B 195 -6.44 22.99 11.86
C SER B 195 -6.22 21.92 12.95
N THR B 196 -7.16 21.84 13.89
CA THR B 196 -7.11 20.82 14.93
C THR B 196 -7.74 19.50 14.46
N THR B 197 -8.17 19.44 13.20
CA THR B 197 -8.64 18.19 12.57
C THR B 197 -7.68 17.77 11.47
N HIS B 198 -7.09 16.58 11.66
CA HIS B 198 -6.30 15.94 10.63
C HIS B 198 -6.75 14.49 10.54
N HIS B 199 -6.91 14.01 9.32
CA HIS B 199 -7.35 12.65 9.08
C HIS B 199 -6.15 11.74 9.04
N CYS B 200 -6.02 10.93 10.08
CA CYS B 200 -4.86 10.05 10.27
C CYS B 200 -4.71 9.10 9.09
N VAL B 201 -3.48 8.96 8.61
CA VAL B 201 -3.21 8.05 7.50
C VAL B 201 -3.39 6.61 7.95
N GLU B 202 -4.07 5.82 7.13
CA GLU B 202 -4.29 4.41 7.42
C GLU B 202 -3.00 3.65 7.20
N THR B 203 -2.06 3.83 8.11
CA THR B 203 -0.74 3.25 7.98
C THR B 203 -0.74 1.72 8.18
N GLY B 204 0.17 1.05 7.49
CA GLY B 204 0.32 -0.40 7.59
C GLY B 204 1.20 -0.81 8.76
N SER B 205 0.88 -1.98 9.33
CA SER B 205 1.66 -2.56 10.42
C SER B 205 3.15 -2.66 10.16
N GLN B 206 3.52 -3.11 8.97
CA GLN B 206 4.91 -3.34 8.61
C GLN B 206 5.56 -2.14 7.96
N GLU B 207 4.76 -1.09 7.75
CA GLU B 207 5.21 0.12 7.08
C GLU B 207 6.21 0.86 7.97
N ALA B 208 7.25 1.41 7.36
CA ALA B 208 8.29 2.14 8.08
C ALA B 208 7.66 3.32 8.80
N SER B 209 7.96 3.45 10.09
CA SER B 209 7.53 4.59 10.95
C SER B 209 8.69 5.42 11.48
N ALA B 210 9.79 4.79 11.85
CA ALA B 210 10.93 5.51 12.40
C ALA B 210 12.25 4.92 11.95
N ILE B 211 13.29 5.73 12.00
CA ILE B 211 14.65 5.27 11.74
C ILE B 211 15.52 5.81 12.86
N TYR B 212 16.14 4.91 13.63
CA TYR B 212 17.04 5.32 14.67
C TYR B 212 18.45 4.97 14.23
N PHE B 213 19.33 5.97 14.18
CA PHE B 213 20.75 5.73 13.90
C PHE B 213 21.34 5.03 15.12
N THR B 214 22.18 4.03 14.88
CA THR B 214 22.69 3.19 15.97
C THR B 214 24.12 2.72 15.68
N SER B 215 24.99 2.86 16.67
CA SER B 215 26.42 2.65 16.49
C SER B 215 26.75 1.20 16.34
N GLY B 216 27.79 0.91 15.56
CA GLY B 216 28.25 -0.46 15.36
C GLY B 216 29.67 -0.67 15.89
N THR B 217 30.10 -1.93 15.83
CA THR B 217 31.41 -2.32 16.32
C THR B 217 32.59 -1.71 15.53
N SER B 218 32.35 -1.36 14.27
CA SER B 218 33.30 -0.61 13.47
C SER B 218 32.51 0.16 12.43
N GLY B 219 33.12 1.20 11.89
CA GLY B 219 32.44 2.06 10.96
C GLY B 219 31.45 2.96 11.68
N LEU B 220 30.54 3.55 10.91
CA LEU B 220 29.73 4.65 11.37
C LEU B 220 28.31 4.19 11.51
N PRO B 221 27.50 4.95 12.26
CA PRO B 221 26.18 4.46 12.63
C PRO B 221 25.34 3.96 11.47
N LYS B 222 24.58 2.89 11.72
CA LYS B 222 23.63 2.33 10.79
C LYS B 222 22.22 2.83 11.10
N MET B 223 21.34 2.73 10.12
CA MET B 223 19.97 3.20 10.22
C MET B 223 19.02 2.05 10.59
N ALA B 224 18.53 2.04 11.83
CA ALA B 224 17.60 1.01 12.28
C ALA B 224 16.15 1.43 12.01
N GLU B 225 15.47 0.70 11.13
CA GLU B 225 14.08 0.96 10.75
C GLU B 225 13.06 0.20 11.59
N HIS B 226 12.10 0.92 12.14
CA HIS B 226 11.01 0.35 12.90
C HIS B 226 9.70 0.61 12.22
N SER B 227 8.74 -0.30 12.39
CA SER B 227 7.42 -0.16 11.79
C SER B 227 6.39 0.43 12.75
N TYR B 228 5.22 0.72 12.24
CA TYR B 228 4.13 1.20 13.08
C TYR B 228 3.76 0.19 14.18
N SER B 229 3.87 -1.11 13.89
CA SER B 229 3.58 -2.15 14.86
C SER B 229 4.78 -2.49 15.77
N SER B 230 6.00 -2.48 15.22
CA SER B 230 7.19 -2.82 16.04
C SER B 230 7.43 -1.82 17.19
N LEU B 231 6.94 -0.59 17.05
CA LEU B 231 6.93 0.35 18.16
C LEU B 231 5.59 0.31 18.89
N GLY B 232 4.52 0.71 18.21
CA GLY B 232 3.21 0.97 18.87
C GLY B 232 2.39 -0.22 19.33
N LEU B 233 2.31 -1.26 18.50
CA LEU B 233 1.59 -2.48 18.90
C LEU B 233 2.37 -3.24 19.99
N LYS B 234 3.70 -3.25 19.86
CA LYS B 234 4.58 -3.83 20.88
C LYS B 234 4.36 -3.08 22.20
N ALA B 235 4.40 -1.74 22.16
CA ALA B 235 4.17 -0.94 23.34
C ALA B 235 2.81 -1.21 23.95
N LYS B 236 1.77 -1.27 23.13
CA LYS B 236 0.43 -1.59 23.64
C LYS B 236 0.46 -2.95 24.35
N MET B 237 1.17 -3.92 23.79
CA MET B 237 1.24 -5.25 24.41
C MET B 237 2.07 -5.32 25.70
N ASP B 238 3.11 -4.49 25.83
CA ASP B 238 3.93 -4.42 27.05
C ASP B 238 3.32 -3.50 28.10
N ALA B 239 2.34 -2.71 27.71
CA ALA B 239 1.83 -1.61 28.54
C ALA B 239 1.53 -2.10 29.94
N GLY B 240 2.08 -1.42 30.93
CA GLY B 240 1.89 -1.77 32.34
C GLY B 240 3.02 -2.57 32.96
N TRP B 241 3.98 -3.03 32.15
CA TRP B 241 5.13 -3.81 32.68
C TRP B 241 5.93 -3.01 33.73
N THR B 242 5.94 -1.70 33.54
CA THR B 242 6.58 -0.79 34.43
C THR B 242 5.90 -0.74 35.78
N GLY B 243 4.65 -1.21 35.84
CA GLY B 243 3.82 -1.06 37.04
C GLY B 243 2.91 0.16 37.02
N LEU B 244 3.07 1.01 35.98
CA LEU B 244 2.25 2.21 35.78
C LEU B 244 0.78 1.85 35.61
N GLN B 245 -0.10 2.72 36.07
CA GLN B 245 -1.55 2.54 35.89
C GLN B 245 -2.19 3.78 35.33
N ALA B 246 -3.44 3.62 34.87
CA ALA B 246 -4.17 4.64 34.08
C ALA B 246 -4.18 6.06 34.67
N SER B 247 -4.25 6.18 35.98
CA SER B 247 -4.33 7.50 36.60
C SER B 247 -3.01 7.95 37.28
N ASP B 248 -1.89 7.41 36.82
CA ASP B 248 -0.57 7.72 37.40
C ASP B 248 0.21 8.64 36.49
N ILE B 249 1.36 9.09 37.00
CA ILE B 249 2.30 9.96 36.26
C ILE B 249 3.63 9.28 36.22
N MET B 250 4.17 9.08 35.01
CA MET B 250 5.51 8.48 34.86
C MET B 250 6.53 9.46 34.33
N TRP B 251 7.73 9.44 34.88
CA TRP B 251 8.81 10.28 34.39
C TRP B 251 9.90 9.40 33.80
N THR B 252 10.07 9.45 32.47
CA THR B 252 11.19 8.80 31.79
C THR B 252 12.24 9.88 31.54
N ILE B 253 13.44 9.62 32.06
CA ILE B 253 14.58 10.54 32.00
C ILE B 253 15.43 10.03 30.88
N SER B 254 15.49 10.77 29.77
CA SER B 254 16.14 10.30 28.56
C SER B 254 16.54 11.41 27.58
N ASP B 255 17.66 11.21 26.90
CA ASP B 255 17.96 11.97 25.69
C ASP B 255 16.82 11.69 24.69
N THR B 256 16.33 12.73 24.01
CA THR B 256 15.24 12.57 23.05
C THR B 256 15.62 11.76 21.78
N GLY B 257 16.92 11.57 21.58
CA GLY B 257 17.42 10.77 20.47
C GLY B 257 17.51 9.29 20.74
N TRP B 258 17.23 8.87 21.97
CA TRP B 258 17.32 7.47 22.33
C TRP B 258 15.95 6.82 22.17
N ILE B 259 15.92 5.64 21.59
CA ILE B 259 14.65 4.92 21.37
C ILE B 259 13.85 4.78 22.69
N LEU B 260 14.52 4.75 23.82
CA LEU B 260 13.86 4.80 25.12
C LEU B 260 12.79 5.89 25.18
N ASN B 261 13.07 7.05 24.61
CA ASN B 261 12.14 8.17 24.73
C ASN B 261 10.80 7.82 24.07
N ILE B 262 10.83 7.14 22.92
CA ILE B 262 9.57 6.77 22.23
C ILE B 262 8.83 5.64 22.93
N LEU B 263 9.57 4.65 23.42
CA LEU B 263 8.95 3.48 23.99
C LEU B 263 8.39 3.76 25.35
N CYS B 264 9.18 4.47 26.17
CA CYS B 264 8.82 4.66 27.56
C CYS B 264 8.21 5.97 27.90
N SER B 265 8.76 7.04 27.33
CA SER B 265 8.26 8.37 27.66
C SER B 265 6.97 8.68 26.96
N LEU B 266 6.80 8.11 25.77
CA LEU B 266 5.61 8.40 24.97
C LEU B 266 4.62 7.21 25.00
N MET B 267 5.04 6.06 24.54
CA MET B 267 4.09 4.98 24.30
C MET B 267 3.57 4.21 25.55
N GLU B 268 4.41 3.98 26.53
CA GLU B 268 3.98 3.23 27.71
C GLU B 268 2.84 3.96 28.42
N PRO B 269 3.08 5.20 28.84
CA PRO B 269 2.00 5.88 29.54
C PRO B 269 0.77 6.11 28.68
N TRP B 270 0.95 6.37 27.39
CA TRP B 270 -0.22 6.68 26.58
C TRP B 270 -1.00 5.42 26.17
N ALA B 271 -0.35 4.26 26.20
CA ALA B 271 -1.06 2.99 26.06
C ALA B 271 -2.09 2.84 27.17
N LEU B 272 -1.73 3.29 28.37
CA LEU B 272 -2.53 3.10 29.61
C LEU B 272 -3.49 4.26 29.94
N GLY B 273 -3.34 5.37 29.25
CA GLY B 273 -4.11 6.58 29.53
C GLY B 273 -3.49 7.40 30.64
N ALA B 274 -2.24 7.10 30.94
CA ALA B 274 -1.54 7.72 32.04
C ALA B 274 -0.82 8.97 31.56
N CYS B 275 -0.40 9.77 32.53
CA CYS B 275 0.33 11.01 32.26
C CYS B 275 1.82 10.77 32.16
N THR B 276 2.45 11.33 31.14
CA THR B 276 3.91 11.33 31.09
C THR B 276 4.42 12.69 31.58
N PHE B 277 5.51 12.66 32.35
CA PHE B 277 6.16 13.87 32.87
C PHE B 277 7.46 14.14 32.14
N VAL B 278 7.67 15.40 31.72
CA VAL B 278 8.92 15.82 31.10
C VAL B 278 9.47 17.07 31.77
N HIS B 279 10.75 16.99 32.14
CA HIS B 279 11.53 18.12 32.63
C HIS B 279 12.59 18.46 31.58
N LEU B 280 12.74 19.73 31.24
CA LEU B 280 13.76 20.20 30.29
C LEU B 280 15.16 19.73 30.68
N LEU B 281 15.45 19.68 31.97
CA LEU B 281 16.75 19.25 32.48
C LEU B 281 17.90 19.70 31.58
N PRO B 282 18.09 21.01 31.43
CA PRO B 282 19.07 21.44 30.45
C PRO B 282 20.51 21.04 30.78
N LYS B 283 20.83 20.95 32.09
CA LYS B 283 22.18 20.57 32.52
C LYS B 283 22.28 19.14 33.10
N PHE B 284 21.17 18.39 33.12
CA PHE B 284 21.20 17.03 33.68
C PHE B 284 21.83 17.03 35.11
N ASP B 285 21.26 17.87 35.96
CA ASP B 285 21.74 18.13 37.32
C ASP B 285 21.03 17.18 38.29
N PRO B 286 21.80 16.34 38.99
CA PRO B 286 21.18 15.39 39.90
C PRO B 286 20.33 16.03 41.00
N LEU B 287 20.73 17.20 41.50
CA LEU B 287 19.97 17.87 42.55
C LEU B 287 18.61 18.30 42.01
N VAL B 288 18.56 18.72 40.75
CA VAL B 288 17.31 19.11 40.09
C VAL B 288 16.40 17.90 39.95
N ILE B 289 16.98 16.77 39.56
CA ILE B 289 16.22 15.52 39.45
C ILE B 289 15.63 15.12 40.80
N LEU B 290 16.40 15.25 41.86
CA LEU B 290 15.93 14.90 43.19
C LEU B 290 14.80 15.81 43.65
N LYS B 291 14.96 17.12 43.45
CA LYS B 291 13.93 18.07 43.87
C LYS B 291 12.62 17.84 43.14
N THR B 292 12.72 17.44 41.88
CA THR B 292 11.58 17.16 41.03
C THR B 292 10.85 15.91 41.50
N LEU B 293 11.59 14.85 41.82
CA LEU B 293 10.97 13.65 42.36
C LEU B 293 10.25 13.95 43.66
N SER B 294 10.81 14.85 44.45
CA SER B 294 10.23 15.21 45.74
C SER B 294 9.01 16.13 45.64
N SER B 295 9.03 17.03 44.67
CA SER B 295 8.05 18.10 44.57
C SER B 295 6.86 17.77 43.73
N TYR B 296 6.98 16.76 42.88
CA TYR B 296 5.88 16.38 41.98
C TYR B 296 5.42 14.97 42.27
N PRO B 297 4.10 14.69 42.10
CA PRO B 297 3.58 13.37 42.43
C PRO B 297 3.87 12.34 41.34
N ILE B 298 5.17 12.15 41.04
CA ILE B 298 5.64 11.15 40.10
C ILE B 298 5.50 9.80 40.77
N LYS B 299 4.75 8.89 40.17
CA LYS B 299 4.48 7.57 40.74
C LYS B 299 5.46 6.53 40.19
N SER B 300 5.82 6.66 38.90
CA SER B 300 6.81 5.77 38.26
C SER B 300 7.95 6.56 37.64
N MET B 301 9.16 6.04 37.70
CA MET B 301 10.29 6.66 37.02
C MET B 301 11.16 5.65 36.29
N MET B 302 11.67 6.07 35.14
CA MET B 302 12.57 5.25 34.33
C MET B 302 13.79 6.07 33.99
N GLY B 303 14.97 5.47 34.09
CA GLY B 303 16.19 6.10 33.66
C GLY B 303 17.34 5.10 33.65
N ALA B 304 18.40 5.44 32.92
CA ALA B 304 19.61 4.65 32.91
C ALA B 304 20.18 4.57 34.35
N PRO B 305 20.89 3.49 34.67
CA PRO B 305 21.53 3.34 36.01
C PRO B 305 22.34 4.52 36.49
N ILE B 306 22.96 5.25 35.58
CA ILE B 306 23.71 6.44 35.98
C ILE B 306 22.82 7.41 36.76
N VAL B 307 21.56 7.51 36.39
CA VAL B 307 20.65 8.42 37.06
C VAL B 307 20.51 8.06 38.54
N TYR B 308 20.30 6.78 38.80
CA TYR B 308 20.20 6.27 40.16
C TYR B 308 21.50 6.44 40.91
N ARG B 309 22.62 6.20 40.24
CA ARG B 309 23.91 6.38 40.92
C ARG B 309 24.15 7.84 41.30
N MET B 310 23.78 8.76 40.41
CA MET B 310 23.94 10.18 40.73
C MET B 310 23.06 10.56 41.93
N LEU B 311 21.83 10.07 41.92
CA LEU B 311 20.89 10.40 42.98
C LEU B 311 21.43 9.90 44.34
N LEU B 312 22.09 8.74 44.36
CA LEU B 312 22.61 8.18 45.63
C LEU B 312 23.74 9.03 46.25
N GLN B 313 24.44 9.83 45.45
CA GLN B 313 25.45 10.75 45.96
C GLN B 313 24.84 12.01 46.53
N GLN B 314 23.56 12.23 46.26
CA GLN B 314 22.85 13.41 46.78
C GLN B 314 22.29 13.18 48.19
N ASP B 315 21.64 14.22 48.72
CA ASP B 315 21.04 14.18 50.04
C ASP B 315 19.62 13.58 49.99
N LEU B 316 19.53 12.25 49.93
CA LEU B 316 18.22 11.59 49.85
C LEU B 316 17.32 11.87 51.07
N SER B 317 17.92 12.06 52.24
CA SER B 317 17.11 12.22 53.45
C SER B 317 16.35 13.57 53.46
N SER B 318 16.91 14.59 52.79
CA SER B 318 16.29 15.92 52.79
C SER B 318 15.12 15.99 51.84
N TYR B 319 15.14 15.16 50.81
CA TYR B 319 14.14 15.24 49.75
C TYR B 319 13.45 13.88 49.58
N LYS B 320 12.51 13.60 50.48
CA LYS B 320 11.73 12.37 50.45
C LYS B 320 10.70 12.39 49.30
N PHE B 321 10.30 11.21 48.83
CA PHE B 321 9.28 11.06 47.78
C PHE B 321 8.40 9.85 48.06
N PRO B 322 7.57 9.93 49.09
CA PRO B 322 6.78 8.75 49.48
C PRO B 322 5.77 8.31 48.42
N HIS B 323 5.36 9.21 47.52
CA HIS B 323 4.49 8.90 46.37
C HIS B 323 5.11 8.01 45.29
N LEU B 324 6.42 7.99 45.22
CA LEU B 324 7.15 7.16 44.25
C LEU B 324 6.98 5.66 44.57
N GLN B 325 6.48 4.90 43.60
CA GLN B 325 6.24 3.47 43.76
C GLN B 325 7.13 2.62 42.83
N ASN B 326 7.26 3.03 41.57
CA ASN B 326 7.92 2.21 40.57
C ASN B 326 9.16 2.86 40.03
N CYS B 327 10.29 2.19 40.22
CA CYS B 327 11.56 2.65 39.70
C CYS B 327 12.11 1.62 38.76
N VAL B 328 12.10 1.89 37.46
CA VAL B 328 12.66 0.95 36.49
C VAL B 328 13.89 1.53 35.82
N THR B 329 14.67 0.64 35.19
CA THR B 329 15.93 1.05 34.58
C THR B 329 16.22 0.24 33.34
N VAL B 330 17.04 0.82 32.47
CA VAL B 330 17.51 0.15 31.25
C VAL B 330 18.74 0.88 30.67
N GLY B 331 19.43 0.21 29.74
CA GLY B 331 20.50 0.86 28.94
C GLY B 331 21.90 0.47 29.32
N GLU B 332 22.07 0.03 30.55
CA GLU B 332 23.38 -0.31 31.09
C GLU B 332 23.14 -1.38 32.15
N SER B 333 24.17 -2.07 32.57
CA SER B 333 24.02 -3.01 33.65
C SER B 333 23.77 -2.30 34.99
N LEU B 334 22.70 -2.71 35.69
CA LEU B 334 22.42 -2.26 37.08
C LEU B 334 23.22 -3.10 38.09
N LEU B 335 24.20 -2.46 38.71
CA LEU B 335 25.04 -3.12 39.68
C LEU B 335 24.23 -3.47 40.93
N PRO B 336 24.42 -4.69 41.47
CA PRO B 336 23.82 -5.05 42.76
C PRO B 336 24.02 -3.98 43.82
N GLU B 337 25.21 -3.38 43.84
CA GLU B 337 25.51 -2.34 44.80
C GLU B 337 24.53 -1.15 44.71
N THR B 338 24.16 -0.77 43.49
CA THR B 338 23.23 0.34 43.28
C THR B 338 21.85 -0.04 43.77
N LEU B 339 21.41 -1.24 43.40
CA LEU B 339 20.13 -1.80 43.81
C LEU B 339 20.00 -1.84 45.33
N GLU B 340 21.02 -2.38 45.98
CA GLU B 340 21.08 -2.49 47.43
C GLU B 340 20.98 -1.12 48.11
N ASN B 341 21.74 -0.16 47.60
CA ASN B 341 21.76 1.16 48.19
C ASN B 341 20.44 1.91 48.01
N TRP B 342 19.85 1.81 46.82
CA TRP B 342 18.55 2.42 46.57
C TRP B 342 17.51 1.86 47.54
N ARG B 343 17.52 0.54 47.73
CA ARG B 343 16.61 -0.10 48.68
C ARG B 343 16.82 0.40 50.10
N ALA B 344 18.07 0.48 50.54
CA ALA B 344 18.36 0.93 51.91
C ALA B 344 17.90 2.36 52.11
N GLN B 345 18.13 3.23 51.12
CA GLN B 345 17.86 4.67 51.29
C GLN B 345 16.43 5.06 51.02
N THR B 346 15.79 4.42 50.05
CA THR B 346 14.45 4.84 49.64
C THR B 346 13.36 3.89 50.05
N GLY B 347 13.71 2.66 50.41
CA GLY B 347 12.71 1.62 50.61
C GLY B 347 12.16 1.01 49.32
N LEU B 348 12.63 1.46 48.16
CA LEU B 348 12.10 0.97 46.91
C LEU B 348 13.06 0.02 46.23
N ASP B 349 12.46 -0.83 45.40
CA ASP B 349 13.16 -1.70 44.46
C ASP B 349 13.47 -0.96 43.17
N ILE B 350 14.58 -1.29 42.52
CA ILE B 350 14.79 -0.94 41.13
C ILE B 350 14.62 -2.19 40.26
N ARG B 351 13.67 -2.13 39.35
CA ARG B 351 13.47 -3.24 38.47
C ARG B 351 14.14 -3.01 37.12
N GLU B 352 15.14 -3.80 36.85
CA GLU B 352 15.93 -3.70 35.65
C GLU B 352 15.16 -4.21 34.42
N SER B 353 15.51 -3.66 33.27
CA SER B 353 15.04 -4.17 31.98
C SER B 353 16.22 -4.16 31.00
N TYR B 354 16.04 -4.81 29.85
CA TYR B 354 17.14 -4.95 28.88
C TYR B 354 16.61 -4.88 27.48
N GLY B 355 17.40 -4.31 26.58
CA GLY B 355 17.01 -4.22 25.17
C GLY B 355 18.03 -3.47 24.32
N GLN B 356 17.73 -3.31 23.03
CA GLN B 356 18.53 -2.47 22.15
C GLN B 356 17.61 -1.82 21.10
N THR B 357 18.17 -0.89 20.33
CA THR B 357 17.40 -0.12 19.36
C THR B 357 16.70 -1.05 18.37
N GLU B 358 17.38 -2.14 18.02
CA GLU B 358 16.88 -3.05 16.99
C GLU B 358 15.74 -3.95 17.49
N THR B 359 15.64 -4.13 18.80
CA THR B 359 14.69 -5.08 19.37
C THR B 359 13.71 -4.49 20.40
N GLY B 360 13.88 -3.23 20.77
CA GLY B 360 13.08 -2.65 21.85
C GLY B 360 13.21 -3.44 23.15
N LEU B 361 12.17 -3.37 23.98
CA LEU B 361 12.15 -4.12 25.25
C LEU B 361 12.30 -5.60 24.99
N THR B 362 13.39 -6.20 25.48
CA THR B 362 13.65 -7.62 25.21
C THR B 362 13.50 -8.53 26.47
N CYS B 363 14.03 -8.08 27.61
CA CYS B 363 13.83 -8.76 28.87
C CYS B 363 13.49 -7.78 29.97
N MET B 364 12.76 -8.22 30.97
CA MET B 364 12.57 -7.36 32.14
C MET B 364 12.09 -8.06 33.43
N VAL B 365 12.26 -7.32 34.54
CA VAL B 365 11.68 -7.65 35.82
C VAL B 365 10.36 -6.88 35.96
N SER B 366 9.22 -7.55 35.75
CA SER B 366 7.92 -6.87 35.79
C SER B 366 7.48 -6.75 37.26
N LYS B 367 6.37 -6.07 37.52
CA LYS B 367 6.07 -5.62 38.88
C LYS B 367 5.98 -6.71 39.96
N THR B 368 5.42 -7.87 39.62
CA THR B 368 5.21 -8.89 40.63
C THR B 368 6.33 -9.95 40.64
N MET B 369 7.38 -9.73 39.86
CA MET B 369 8.47 -10.68 39.79
C MET B 369 9.45 -10.46 40.93
N LYS B 370 9.99 -11.57 41.42
CA LYS B 370 11.07 -11.55 42.39
C LYS B 370 12.29 -10.83 41.79
N ILE B 371 12.95 -10.03 42.61
CA ILE B 371 14.16 -9.33 42.24
C ILE B 371 15.40 -10.17 42.52
N LYS B 372 16.27 -10.32 41.54
CA LYS B 372 17.53 -11.03 41.68
C LYS B 372 18.67 -10.08 41.31
N PRO B 373 19.42 -9.60 42.31
CA PRO B 373 20.58 -8.76 42.05
C PRO B 373 21.48 -9.36 40.99
N GLY B 374 21.81 -8.54 39.99
CA GLY B 374 22.74 -8.91 38.94
C GLY B 374 22.07 -9.47 37.70
N TYR B 375 20.74 -9.63 37.77
CA TYR B 375 19.97 -10.22 36.68
C TYR B 375 18.99 -9.22 36.13
N MET B 376 18.85 -9.19 34.82
CA MET B 376 18.06 -8.19 34.15
C MET B 376 16.68 -8.65 33.74
N GLY B 377 16.24 -9.79 34.26
CA GLY B 377 14.85 -10.22 34.10
C GLY B 377 14.60 -11.34 33.11
N THR B 378 13.32 -11.57 32.78
CA THR B 378 12.90 -12.65 31.92
C THR B 378 12.36 -12.08 30.62
N ALA B 379 12.01 -12.96 29.68
CA ALA B 379 11.52 -12.56 28.35
C ALA B 379 10.30 -11.65 28.35
N ALA B 380 10.37 -10.61 27.52
CA ALA B 380 9.21 -9.77 27.23
C ALA B 380 8.24 -10.63 26.47
N SER B 381 6.95 -10.33 26.59
CA SER B 381 5.90 -11.33 26.32
C SER B 381 5.88 -11.85 24.89
N CYS B 382 6.24 -11.02 23.94
CA CYS B 382 6.28 -11.45 22.56
C CYS B 382 7.45 -12.39 22.25
N TYR B 383 8.46 -12.43 23.11
CA TYR B 383 9.76 -12.91 22.68
C TYR B 383 10.15 -14.26 23.22
N ASP B 384 10.65 -15.11 22.34
CA ASP B 384 11.41 -16.27 22.79
C ASP B 384 12.88 -15.91 22.87
N VAL B 385 13.29 -15.36 24.01
CA VAL B 385 14.70 -15.04 24.24
C VAL B 385 15.52 -16.22 24.81
N GLN B 386 16.70 -16.48 24.23
CA GLN B 386 17.54 -17.61 24.65
C GLN B 386 19.02 -17.31 24.56
N ILE B 387 19.81 -18.15 25.21
CA ILE B 387 21.26 -18.12 25.12
C ILE B 387 21.67 -19.15 24.08
N ILE B 388 22.30 -18.71 23.01
CA ILE B 388 22.56 -19.60 21.91
C ILE B 388 24.06 -19.72 21.57
N ASP B 389 24.45 -20.92 21.12
CA ASP B 389 25.86 -21.27 20.86
C ASP B 389 26.33 -20.89 19.45
N ASP B 390 27.60 -21.18 19.14
CA ASP B 390 28.18 -20.84 17.81
C ASP B 390 27.46 -21.43 16.59
N LYS B 391 26.59 -22.42 16.78
CA LYS B 391 25.87 -23.06 15.69
C LYS B 391 24.39 -22.70 15.69
N GLY B 392 23.98 -21.77 16.54
CA GLY B 392 22.57 -21.28 16.58
C GLY B 392 21.56 -22.04 17.44
N ASN B 393 22.05 -23.05 18.18
CA ASN B 393 21.20 -23.86 19.05
C ASN B 393 21.04 -23.28 20.48
N VAL B 394 19.93 -23.64 21.12
CA VAL B 394 19.58 -23.12 22.41
C VAL B 394 20.40 -23.85 23.44
N LEU B 395 20.99 -23.08 24.35
CA LEU B 395 21.83 -23.60 25.43
C LEU B 395 21.03 -23.73 26.74
N PRO B 396 21.48 -24.64 27.62
CA PRO B 396 20.88 -24.79 28.93
C PRO B 396 21.19 -23.63 29.91
N PRO B 397 20.51 -23.60 31.08
CA PRO B 397 20.83 -22.64 32.13
C PRO B 397 22.26 -22.84 32.67
N GLY B 398 22.93 -21.75 33.02
CA GLY B 398 24.29 -21.82 33.51
C GLY B 398 25.41 -21.97 32.48
N THR B 399 25.10 -21.77 31.21
CA THR B 399 26.13 -21.76 30.16
C THR B 399 26.16 -20.39 29.45
N GLU B 400 27.33 -19.76 29.47
CA GLU B 400 27.49 -18.51 28.75
C GLU B 400 27.36 -18.77 27.23
N GLY B 401 26.78 -17.80 26.55
CA GLY B 401 26.61 -17.82 25.10
C GLY B 401 26.12 -16.45 24.65
N ASP B 402 25.54 -16.37 23.46
CA ASP B 402 25.09 -15.09 22.88
C ASP B 402 23.58 -14.90 23.07
N ILE B 403 23.14 -13.72 23.48
CA ILE B 403 21.72 -13.52 23.76
C ILE B 403 21.07 -13.24 22.42
N GLY B 404 19.93 -13.88 22.17
CA GLY B 404 19.20 -13.67 20.93
C GLY B 404 17.74 -13.94 21.11
N ILE B 405 16.97 -13.59 20.08
CA ILE B 405 15.51 -13.70 20.06
C ILE B 405 15.15 -14.52 18.84
N ARG B 406 14.28 -15.50 19.01
CA ARG B 406 13.80 -16.30 17.90
C ARG B 406 13.02 -15.39 16.97
N VAL B 407 13.44 -15.33 15.69
CA VAL B 407 12.75 -14.52 14.66
C VAL B 407 12.47 -15.28 13.37
N LYS B 408 12.83 -16.55 13.32
CA LYS B 408 12.35 -17.45 12.30
C LYS B 408 11.60 -18.55 13.04
N PRO B 409 10.58 -19.15 12.38
CA PRO B 409 10.00 -18.77 11.06
C PRO B 409 9.09 -17.53 11.12
N ILE B 410 8.57 -17.23 12.32
CA ILE B 410 7.72 -16.06 12.58
C ILE B 410 8.54 -15.02 13.28
N ARG B 411 8.57 -13.78 12.77
CA ARG B 411 9.26 -12.66 13.44
C ARG B 411 8.31 -11.99 14.46
N PRO B 412 8.73 -11.93 15.73
CA PRO B 412 7.73 -11.45 16.69
C PRO B 412 7.47 -9.95 16.53
N ILE B 413 6.30 -9.52 16.97
CA ILE B 413 5.95 -8.11 17.02
C ILE B 413 6.93 -7.47 17.97
N GLY B 414 7.57 -6.37 17.53
CA GLY B 414 8.58 -5.69 18.33
C GLY B 414 9.99 -5.59 17.72
N ILE B 415 10.41 -6.59 16.93
CA ILE B 415 11.69 -6.53 16.25
C ILE B 415 11.62 -5.55 15.08
N PHE B 416 12.73 -4.88 14.80
CA PHE B 416 12.81 -3.89 13.75
C PHE B 416 12.80 -4.53 12.37
N SER B 417 12.69 -3.69 11.35
CA SER B 417 12.51 -4.15 9.97
C SER B 417 13.81 -4.42 9.24
N GLY B 418 14.93 -4.02 9.83
CA GLY B 418 16.25 -4.19 9.22
C GLY B 418 17.07 -2.90 9.14
N TYR B 419 18.37 -3.03 8.89
CA TYR B 419 19.22 -1.87 8.74
C TYR B 419 18.97 -1.34 7.34
N VAL B 420 18.58 -0.06 7.23
CA VAL B 420 18.15 0.50 5.96
C VAL B 420 19.32 0.50 4.98
N ASP B 421 19.02 0.04 3.77
CA ASP B 421 19.98 -0.08 2.68
C ASP B 421 21.05 -1.12 2.92
N ASN B 422 20.89 -1.94 3.94
CA ASN B 422 21.95 -2.88 4.31
C ASN B 422 21.48 -4.25 4.68
N PRO B 423 20.85 -4.94 3.74
CA PRO B 423 20.38 -6.30 3.99
C PRO B 423 21.50 -7.23 4.48
N ASP B 424 22.70 -7.03 3.95
CA ASP B 424 23.84 -7.85 4.36
C ASP B 424 24.09 -7.72 5.85
N LYS B 425 24.04 -6.47 6.34
CA LYS B 425 24.31 -6.16 7.75
C LYS B 425 23.27 -6.69 8.69
N THR B 426 22.01 -6.72 8.24
CA THR B 426 20.92 -7.25 9.03
C THR B 426 21.20 -8.74 9.17
N ALA B 427 21.50 -9.35 8.03
CA ALA B 427 21.80 -10.75 7.92
C ALA B 427 23.02 -11.21 8.76
N ALA B 428 24.01 -10.34 8.96
CA ALA B 428 25.19 -10.71 9.75
C ALA B 428 24.88 -10.96 11.24
N ASN B 429 23.78 -10.39 11.72
CA ASN B 429 23.31 -10.59 13.09
C ASN B 429 22.32 -11.74 13.23
N ILE B 430 22.02 -12.43 12.14
CA ILE B 430 21.12 -13.58 12.20
C ILE B 430 21.94 -14.83 12.17
N ARG B 431 21.83 -15.62 13.23
CA ARG B 431 22.46 -16.93 13.28
C ARG B 431 21.35 -17.97 13.45
N GLY B 432 21.27 -18.89 12.48
CA GLY B 432 20.17 -19.85 12.41
C GLY B 432 18.81 -19.17 12.54
N ASP B 433 17.99 -19.60 13.50
CA ASP B 433 16.65 -19.01 13.65
C ASP B 433 16.62 -17.75 14.54
N PHE B 434 17.79 -17.29 14.99
CA PHE B 434 17.85 -16.24 16.00
C PHE B 434 18.43 -14.91 15.52
N TRP B 435 17.91 -13.80 16.07
CA TRP B 435 18.57 -12.49 15.96
C TRP B 435 19.48 -12.29 17.16
N LEU B 436 20.77 -12.13 16.91
CA LEU B 436 21.73 -11.91 18.00
C LEU B 436 21.79 -10.43 18.39
N LEU B 437 21.59 -10.13 19.67
CA LEU B 437 21.72 -8.74 20.13
C LEU B 437 23.18 -8.29 20.21
N GLY B 438 24.11 -9.25 20.32
CA GLY B 438 25.53 -8.92 20.38
C GLY B 438 26.04 -8.85 21.80
N ASP B 439 25.22 -9.30 22.75
CA ASP B 439 25.55 -9.30 24.16
C ASP B 439 25.74 -10.77 24.57
N ARG B 440 26.66 -10.99 25.52
CA ARG B 440 26.87 -12.30 26.12
C ARG B 440 25.94 -12.51 27.28
N GLY B 441 25.57 -13.73 27.56
CA GLY B 441 24.73 -13.98 28.71
C GLY B 441 24.70 -15.39 29.24
N ILE B 442 24.20 -15.51 30.47
CA ILE B 442 23.83 -16.77 31.10
C ILE B 442 22.37 -16.63 31.55
N LYS B 443 21.62 -17.72 31.40
CA LYS B 443 20.25 -17.82 31.89
C LYS B 443 20.23 -18.72 33.14
N ASP B 444 19.55 -18.28 34.19
CA ASP B 444 19.40 -19.14 35.38
C ASP B 444 18.17 -20.05 35.29
N GLU B 445 17.92 -20.76 36.40
CA GLU B 445 16.91 -21.79 36.47
C GLU B 445 15.45 -21.31 36.29
N ASP B 446 15.18 -20.05 36.61
CA ASP B 446 13.85 -19.48 36.39
C ASP B 446 13.79 -18.67 35.08
N GLY B 447 14.87 -18.58 34.32
CA GLY B 447 14.84 -17.87 33.08
C GLY B 447 15.23 -16.41 33.20
N TYR B 448 15.80 -16.04 34.34
CA TYR B 448 16.36 -14.71 34.48
C TYR B 448 17.72 -14.67 33.72
N PHE B 449 18.01 -13.57 33.03
CA PHE B 449 19.23 -13.42 32.23
C PHE B 449 20.21 -12.59 32.97
N GLN B 450 21.47 -13.00 32.89
CA GLN B 450 22.59 -12.26 33.46
C GLN B 450 23.50 -11.79 32.34
N PHE B 451 23.66 -10.47 32.20
CA PHE B 451 24.54 -9.86 31.20
C PHE B 451 25.99 -10.24 31.52
N MET B 452 26.76 -10.62 30.50
CA MET B 452 28.15 -11.05 30.69
C MET B 452 29.13 -10.26 29.83
N GLY B 453 28.69 -9.14 29.26
CA GLY B 453 29.55 -8.24 28.48
C GLY B 453 29.15 -8.22 27.00
N ARG B 454 29.49 -7.12 26.32
CA ARG B 454 29.42 -7.06 24.86
C ARG B 454 30.33 -8.08 24.24
N ALA B 455 29.80 -8.80 23.25
CA ALA B 455 30.61 -9.71 22.45
C ALA B 455 31.63 -8.95 21.60
N ASP B 456 31.32 -7.76 21.10
CA ASP B 456 32.23 -7.03 20.21
C ASP B 456 32.78 -5.74 20.84
N ASP B 457 33.17 -4.77 19.99
CA ASP B 457 33.88 -3.56 20.43
C ASP B 457 32.97 -2.40 20.77
N ILE B 458 31.66 -2.57 20.73
CA ILE B 458 30.76 -1.44 21.03
C ILE B 458 30.96 -1.07 22.49
N ILE B 459 30.93 0.24 22.77
CA ILE B 459 31.15 0.76 24.12
C ILE B 459 29.82 1.31 24.65
N ASN B 460 29.65 1.23 25.97
CA ASN B 460 28.46 1.73 26.62
C ASN B 460 28.79 2.65 27.79
N SER B 461 28.77 3.95 27.60
CA SER B 461 29.09 4.87 28.67
C SER B 461 27.79 5.43 29.15
N SER B 462 27.46 5.17 30.41
CA SER B 462 26.19 5.61 30.95
C SER B 462 25.08 5.03 30.08
N GLY B 463 24.23 5.86 29.47
CA GLY B 463 23.19 5.31 28.58
C GLY B 463 23.68 5.06 27.15
N TYR B 464 24.64 5.85 26.73
CA TYR B 464 24.97 5.92 25.32
C TYR B 464 25.74 4.69 24.79
N ARG B 465 25.23 4.18 23.67
CA ARG B 465 25.88 3.17 22.87
C ARG B 465 26.81 3.84 21.85
N ILE B 466 28.11 3.54 21.94
CA ILE B 466 29.15 4.27 21.20
C ILE B 466 29.99 3.33 20.32
N GLY B 467 30.25 3.74 19.08
CA GLY B 467 31.08 2.97 18.16
C GLY B 467 32.54 3.40 18.17
N PRO B 468 33.48 2.46 18.33
CA PRO B 468 34.86 2.95 18.49
C PRO B 468 35.41 3.74 17.29
N SER B 469 35.07 3.32 16.07
CA SER B 469 35.47 4.04 14.88
C SER B 469 35.07 5.53 14.97
N GLU B 470 33.89 5.82 15.52
CA GLU B 470 33.45 7.19 15.66
C GLU B 470 34.43 8.03 16.47
N VAL B 471 34.94 7.48 17.57
CA VAL B 471 35.79 8.24 18.49
C VAL B 471 37.20 8.30 17.91
N GLU B 472 37.67 7.16 17.41
CA GLU B 472 38.95 7.07 16.69
C GLU B 472 39.06 8.02 15.49
N ASN B 473 38.05 8.08 14.63
CA ASN B 473 38.11 8.99 13.50
C ASN B 473 38.35 10.41 14.01
N ALA B 474 37.67 10.77 15.09
CA ALA B 474 37.72 12.10 15.62
C ALA B 474 39.12 12.41 16.17
N LEU B 475 39.71 11.44 16.85
CA LEU B 475 41.06 11.61 17.43
C LEU B 475 42.14 11.74 16.34
N MET B 476 42.01 10.94 15.27
CA MET B 476 42.91 10.96 14.12
C MET B 476 42.93 12.26 13.29
N GLU B 477 41.92 13.12 13.44
CA GLU B 477 41.97 14.49 12.88
C GLU B 477 42.90 15.42 13.65
N HIS B 478 43.32 15.02 14.85
CA HIS B 478 44.28 15.83 15.60
C HIS B 478 45.71 15.42 15.22
N PRO B 479 46.54 16.41 14.89
CA PRO B 479 47.92 16.18 14.46
C PRO B 479 48.80 15.40 15.44
N ALA B 480 48.51 15.51 16.72
CA ALA B 480 49.29 14.81 17.76
C ALA B 480 49.10 13.29 17.74
N VAL B 481 48.03 12.84 17.10
CA VAL B 481 47.58 11.43 17.15
C VAL B 481 47.95 10.68 15.85
N VAL B 482 48.91 9.76 15.90
CA VAL B 482 49.26 9.02 14.69
C VAL B 482 48.56 7.70 14.65
N GLU B 483 48.17 7.23 15.82
CA GLU B 483 47.39 6.02 15.93
C GLU B 483 46.55 6.02 17.21
N THR B 484 45.39 5.38 17.15
CA THR B 484 44.49 5.38 18.30
C THR B 484 43.66 4.11 18.35
N ALA B 485 43.25 3.74 19.56
CA ALA B 485 42.31 2.64 19.76
C ALA B 485 41.40 2.97 20.93
N VAL B 486 40.09 2.93 20.70
CA VAL B 486 39.11 3.31 21.72
C VAL B 486 38.33 2.08 22.20
N ILE B 487 38.28 1.87 23.50
CA ILE B 487 37.63 0.71 24.08
C ILE B 487 36.90 1.12 25.37
N SER B 488 36.18 0.18 25.96
CA SER B 488 35.54 0.42 27.23
C SER B 488 36.52 0.28 28.36
N SER B 489 36.19 0.90 29.50
CA SER B 489 37.00 0.85 30.71
C SER B 489 36.10 1.05 31.95
N PRO B 490 36.47 0.43 33.09
CA PRO B 490 35.71 0.61 34.32
C PRO B 490 36.08 1.86 35.14
N ASP B 491 35.07 2.62 35.55
CA ASP B 491 35.23 3.75 36.43
C ASP B 491 34.39 3.52 37.71
N PRO B 492 34.99 3.69 38.90
CA PRO B 492 34.25 3.42 40.14
C PRO B 492 33.02 4.31 40.39
N VAL B 493 32.95 5.49 39.78
CA VAL B 493 31.81 6.41 39.95
C VAL B 493 30.68 6.15 38.94
N ARG B 494 31.06 6.05 37.66
CA ARG B 494 30.13 6.07 36.54
C ARG B 494 29.77 4.72 35.96
N GLY B 495 30.69 3.77 36.06
CA GLY B 495 30.45 2.40 35.60
C GLY B 495 31.39 2.03 34.47
N GLU B 496 30.97 2.32 33.24
CA GLU B 496 31.77 2.05 32.03
C GLU B 496 32.07 3.39 31.37
N VAL B 497 33.33 3.66 31.02
CA VAL B 497 33.66 4.91 30.35
C VAL B 497 34.37 4.63 29.06
N VAL B 498 34.51 5.67 28.24
CA VAL B 498 35.27 5.61 27.00
C VAL B 498 36.72 5.98 27.34
N LYS B 499 37.65 5.08 27.02
CA LYS B 499 39.07 5.30 27.14
C LYS B 499 39.69 5.26 25.73
N ALA B 500 40.70 6.08 25.48
CA ALA B 500 41.46 6.03 24.22
C ALA B 500 42.91 5.73 24.53
N PHE B 501 43.49 4.74 23.86
CA PHE B 501 44.92 4.59 23.86
C PHE B 501 45.42 5.41 22.69
N VAL B 502 46.35 6.35 22.95
CA VAL B 502 46.84 7.25 21.92
C VAL B 502 48.36 7.14 21.71
N VAL B 503 48.77 6.85 20.47
CA VAL B 503 50.16 6.90 20.03
C VAL B 503 50.47 8.26 19.45
N LEU B 504 51.31 9.01 20.16
CA LEU B 504 51.64 10.39 19.82
C LEU B 504 52.67 10.50 18.68
N ALA B 505 52.61 11.56 17.90
CA ALA B 505 53.71 11.92 16.99
C ALA B 505 54.91 12.30 17.86
N SER B 506 56.12 12.03 17.39
CA SER B 506 57.34 12.30 18.18
C SER B 506 57.36 13.73 18.72
N GLN B 507 56.93 14.68 17.90
CA GLN B 507 56.98 16.12 18.23
C GLN B 507 56.12 16.51 19.46
N PHE B 508 55.17 15.65 19.82
CA PHE B 508 54.28 15.93 20.94
C PHE B 508 54.71 15.23 22.24
N LEU B 509 55.80 14.46 22.18
CA LEU B 509 56.18 13.58 23.30
C LEU B 509 56.46 14.30 24.63
N SER B 510 57.00 15.52 24.62
CA SER B 510 57.22 16.24 25.88
C SER B 510 56.21 17.35 26.17
N HIS B 511 55.00 17.22 25.63
CA HIS B 511 53.87 18.00 26.12
C HIS B 511 53.49 17.44 27.50
N ASP B 512 53.06 18.31 28.42
CA ASP B 512 52.45 17.85 29.66
C ASP B 512 51.28 16.92 29.31
N PRO B 513 51.32 15.65 29.80
CA PRO B 513 50.22 14.70 29.57
C PRO B 513 48.81 15.15 30.01
N GLU B 514 48.72 16.02 31.01
CA GLU B 514 47.42 16.53 31.50
C GLU B 514 46.89 17.58 30.55
N GLN B 515 47.69 18.61 30.28
CA GLN B 515 47.29 19.65 29.30
C GLN B 515 46.94 19.02 27.93
N LEU B 516 47.71 18.03 27.50
CA LEU B 516 47.47 17.42 26.18
C LEU B 516 46.25 16.49 26.24
N THR B 517 46.00 15.90 27.41
CA THR B 517 44.82 15.08 27.60
C THR B 517 43.58 15.97 27.44
N LYS B 518 43.57 17.10 28.14
CA LYS B 518 42.41 18.03 28.12
C LYS B 518 42.15 18.54 26.71
N GLU B 519 43.23 18.78 25.97
CA GLU B 519 43.16 19.36 24.65
C GLU B 519 42.58 18.35 23.64
N LEU B 520 43.04 17.10 23.72
CA LEU B 520 42.50 16.03 22.87
C LEU B 520 41.04 15.75 23.20
N GLN B 521 40.69 15.86 24.48
CA GLN B 521 39.32 15.70 24.95
C GLN B 521 38.43 16.84 24.44
N GLN B 522 38.87 18.10 24.57
CA GLN B 522 38.08 19.26 24.05
C GLN B 522 37.87 19.13 22.53
N HIS B 523 38.84 18.52 21.85
CA HIS B 523 38.81 18.38 20.39
C HIS B 523 37.79 17.33 19.91
N VAL B 524 37.66 16.24 20.67
CA VAL B 524 36.63 15.25 20.35
C VAL B 524 35.29 15.90 20.61
N LYS B 525 35.18 16.61 21.72
CA LYS B 525 33.91 17.27 22.05
C LYS B 525 33.50 18.30 20.99
N SER B 526 34.45 18.97 20.36
CA SER B 526 34.14 19.97 19.34
C SER B 526 33.78 19.41 17.98
N VAL B 527 34.19 18.18 17.66
CA VAL B 527 33.93 17.62 16.30
C VAL B 527 32.81 16.58 16.23
N THR B 528 32.41 16.04 17.38
CA THR B 528 31.34 15.05 17.44
C THR B 528 30.56 15.20 18.77
N ALA B 529 29.41 14.54 18.90
CA ALA B 529 28.59 14.66 20.13
C ALA B 529 29.47 14.33 21.33
N PRO B 530 29.53 15.22 22.36
CA PRO B 530 30.41 15.03 23.53
C PRO B 530 30.20 13.75 24.33
N TYR B 531 29.03 13.12 24.27
CA TYR B 531 28.79 11.96 25.12
C TYR B 531 29.83 10.87 24.84
N LYS B 532 30.41 10.88 23.65
CA LYS B 532 31.36 9.85 23.23
C LYS B 532 32.84 10.22 23.36
N TYR B 533 33.15 11.38 23.94
CA TYR B 533 34.54 11.75 24.19
C TYR B 533 35.23 10.78 25.13
N PRO B 534 36.55 10.62 24.98
CA PRO B 534 37.30 9.71 25.84
C PRO B 534 37.58 10.32 27.21
N ARG B 535 36.94 9.79 28.24
CA ARG B 535 37.14 10.33 29.60
C ARG B 535 38.50 9.93 30.16
N LYS B 536 39.10 8.87 29.59
CA LYS B 536 40.46 8.49 29.92
C LYS B 536 41.30 8.49 28.66
N ILE B 537 42.50 9.04 28.74
CA ILE B 537 43.49 8.90 27.68
C ILE B 537 44.78 8.36 28.30
N GLU B 538 45.25 7.23 27.79
CA GLU B 538 46.60 6.76 28.08
C GLU B 538 47.44 6.87 26.80
N PHE B 539 48.60 7.52 26.90
CA PHE B 539 49.51 7.63 25.77
C PHE B 539 50.42 6.44 25.81
N VAL B 540 50.70 5.87 24.65
CA VAL B 540 51.54 4.70 24.57
C VAL B 540 52.39 4.78 23.31
N LEU B 541 53.50 4.06 23.33
CA LEU B 541 54.47 4.09 22.25
C LEU B 541 54.02 3.19 21.08
N ASN B 542 53.33 2.11 21.41
CA ASN B 542 52.84 1.14 20.42
C ASN B 542 51.43 0.71 20.84
N LEU B 543 50.64 0.26 19.87
CA LEU B 543 49.37 -0.35 20.15
C LEU B 543 49.51 -1.80 19.77
N PRO B 544 48.97 -2.72 20.59
CA PRO B 544 49.09 -4.15 20.26
C PRO B 544 48.26 -4.51 19.01
N LYS B 545 48.86 -5.24 18.07
CA LYS B 545 48.19 -5.61 16.84
C LYS B 545 48.25 -7.11 16.54
N THR B 546 47.40 -7.46 15.60
CA THR B 546 47.42 -8.74 14.92
C THR B 546 48.63 -8.82 14.00
N VAL B 547 48.94 -10.03 13.54
CA VAL B 547 50.01 -10.25 12.57
C VAL B 547 49.73 -9.57 11.20
N THR B 548 48.46 -9.30 10.90
CA THR B 548 48.08 -8.47 9.74
C THR B 548 48.00 -6.97 10.09
N GLY B 549 48.34 -6.61 11.32
CA GLY B 549 48.38 -5.20 11.74
C GLY B 549 47.10 -4.62 12.34
N LYS B 550 46.00 -5.38 12.36
CA LYS B 550 44.76 -4.83 12.89
C LYS B 550 44.85 -4.67 14.40
N ILE B 551 44.18 -3.62 14.89
CA ILE B 551 44.29 -3.24 16.28
C ILE B 551 43.52 -4.32 17.07
N GLN B 552 44.12 -4.75 18.19
CA GLN B 552 43.60 -5.84 19.00
C GLN B 552 42.83 -5.21 20.15
N ARG B 553 41.64 -4.73 19.84
CA ARG B 553 40.84 -4.04 20.83
C ARG B 553 40.46 -4.97 21.99
N ALA B 554 40.01 -6.18 21.64
CA ALA B 554 39.61 -7.17 22.65
C ALA B 554 40.72 -7.35 23.68
N LYS B 555 41.97 -7.40 23.22
CA LYS B 555 43.10 -7.53 24.15
C LYS B 555 43.21 -6.31 25.08
N LEU B 556 43.17 -5.10 24.51
CA LEU B 556 43.30 -3.90 25.33
C LEU B 556 42.17 -3.82 26.34
N ARG B 557 40.96 -4.23 25.90
CA ARG B 557 39.77 -4.26 26.77
C ARG B 557 40.00 -5.19 27.96
N ASP B 558 40.45 -6.41 27.67
CA ASP B 558 40.73 -7.44 28.70
C ASP B 558 41.72 -6.95 29.76
N LYS B 559 42.84 -6.38 29.30
CA LYS B 559 43.86 -5.85 30.21
C LYS B 559 43.25 -4.73 31.08
N GLU B 560 42.40 -3.91 30.48
CA GLU B 560 41.72 -2.81 31.16
C GLU B 560 40.67 -3.31 32.20
N TRP B 561 40.01 -4.42 31.90
CA TRP B 561 39.07 -5.04 32.83
C TRP B 561 39.75 -6.20 33.59
N LYS B 562 40.91 -5.89 34.21
CA LYS B 562 41.70 -6.83 35.03
C LYS B 562 42.42 -7.90 34.21
N GLN C 27 20.95 -15.22 3.32
CA GLN C 27 22.37 -15.32 2.85
C GLN C 27 22.64 -16.77 2.47
N TRP C 28 23.10 -17.09 1.26
CA TRP C 28 22.97 -16.28 0.02
C TRP C 28 23.95 -15.13 -0.11
N GLY C 29 24.85 -15.05 0.88
CA GLY C 29 25.55 -13.83 1.23
C GLY C 29 25.60 -12.76 0.16
N HIS C 30 26.82 -12.36 -0.13
CA HIS C 30 27.12 -11.23 -0.97
C HIS C 30 27.78 -11.71 -2.26
N GLN C 31 27.92 -10.75 -3.17
CA GLN C 31 28.51 -10.99 -4.48
C GLN C 31 29.58 -9.94 -4.83
N GLU C 32 30.52 -10.33 -5.70
CA GLU C 32 31.54 -9.41 -6.22
C GLU C 32 31.18 -8.99 -7.65
N VAL C 33 30.35 -7.95 -7.75
CA VAL C 33 29.90 -7.40 -9.02
C VAL C 33 30.15 -5.90 -9.06
N PRO C 34 30.17 -5.31 -10.26
CA PRO C 34 30.06 -3.84 -10.33
C PRO C 34 28.70 -3.42 -9.78
N ALA C 35 28.55 -2.16 -9.37
CA ALA C 35 27.27 -1.70 -8.82
C ALA C 35 26.15 -1.74 -9.88
N LYS C 36 26.52 -1.50 -11.13
CA LYS C 36 25.56 -1.32 -12.20
C LYS C 36 25.88 -2.21 -13.40
N PHE C 37 24.82 -2.76 -14.00
CA PHE C 37 24.98 -3.54 -15.22
C PHE C 37 23.68 -3.59 -16.01
N ASN C 38 23.82 -3.61 -17.32
CA ASN C 38 22.69 -3.72 -18.21
C ASN C 38 23.17 -4.27 -19.54
N PHE C 39 22.68 -5.44 -19.94
CA PHE C 39 23.16 -6.07 -21.16
C PHE C 39 22.99 -5.18 -22.39
N ALA C 40 21.91 -4.43 -22.46
CA ALA C 40 21.62 -3.62 -23.65
C ALA C 40 22.66 -2.53 -23.83
N SER C 41 22.93 -1.79 -22.77
CA SER C 41 23.80 -0.64 -22.87
C SER C 41 25.27 -1.01 -22.78
N ASP C 42 25.59 -2.02 -21.98
CA ASP C 42 26.98 -2.38 -21.73
C ASP C 42 27.56 -3.33 -22.76
N VAL C 43 26.70 -4.08 -23.44
CA VAL C 43 27.18 -5.04 -24.46
C VAL C 43 26.63 -4.74 -25.85
N LEU C 44 25.31 -4.74 -25.98
CA LEU C 44 24.71 -4.63 -27.28
C LEU C 44 25.07 -3.31 -27.96
N ASP C 45 24.99 -2.21 -27.20
CA ASP C 45 25.27 -0.88 -27.75
C ASP C 45 26.76 -0.63 -28.01
N HIS C 46 27.66 -1.37 -27.37
CA HIS C 46 29.07 -1.34 -27.77
C HIS C 46 29.18 -1.72 -29.26
N TRP C 47 28.51 -2.80 -29.65
CA TRP C 47 28.61 -3.28 -31.03
C TRP C 47 27.96 -2.32 -32.01
N ALA C 48 26.86 -1.70 -31.61
CA ALA C 48 26.23 -0.65 -32.41
C ALA C 48 27.18 0.55 -32.64
N ASP C 49 27.77 1.05 -31.56
CA ASP C 49 28.68 2.21 -31.62
C ASP C 49 29.90 1.94 -32.48
N MET C 50 30.34 0.69 -32.53
CA MET C 50 31.45 0.28 -33.37
C MET C 50 31.08 0.50 -34.83
N GLU C 51 29.82 0.22 -35.17
CA GLU C 51 29.34 0.41 -36.55
C GLU C 51 29.21 1.89 -36.89
N LYS C 52 28.46 2.63 -36.07
CA LYS C 52 28.29 4.08 -36.27
C LYS C 52 29.63 4.81 -36.47
N ALA C 53 30.63 4.45 -35.67
CA ALA C 53 31.93 5.14 -35.67
C ALA C 53 32.92 4.63 -36.73
N GLY C 54 32.52 3.63 -37.50
CA GLY C 54 33.35 3.10 -38.59
C GLY C 54 34.41 2.09 -38.20
N LYS C 55 34.45 1.71 -36.92
CA LYS C 55 35.48 0.80 -36.39
C LYS C 55 35.22 -0.66 -36.74
N ARG C 56 34.00 -0.95 -37.18
CA ARG C 56 33.64 -2.28 -37.61
C ARG C 56 32.60 -2.15 -38.72
N PRO C 57 32.64 -3.05 -39.73
CA PRO C 57 31.60 -2.98 -40.77
C PRO C 57 30.21 -3.39 -40.25
N PRO C 58 29.14 -2.94 -40.93
CA PRO C 58 27.79 -3.35 -40.54
C PRO C 58 27.67 -4.87 -40.50
N SER C 59 27.61 -5.42 -39.30
CA SER C 59 27.66 -6.87 -39.12
C SER C 59 26.27 -7.41 -38.74
N PRO C 60 25.88 -8.58 -39.27
CA PRO C 60 24.57 -9.13 -38.96
C PRO C 60 24.42 -9.52 -37.47
N ALA C 61 23.32 -9.12 -36.86
CA ALA C 61 23.06 -9.42 -35.46
C ALA C 61 21.92 -10.43 -35.33
N LEU C 62 20.85 -10.22 -36.10
CA LEU C 62 19.69 -11.11 -36.07
C LEU C 62 19.28 -11.45 -37.50
N TRP C 63 19.20 -12.74 -37.78
CA TRP C 63 18.79 -13.23 -39.09
C TRP C 63 17.64 -14.19 -38.86
N TRP C 64 16.45 -13.79 -39.29
CA TRP C 64 15.22 -14.58 -39.05
C TRP C 64 14.60 -15.06 -40.35
N VAL C 65 14.11 -16.29 -40.34
CA VAL C 65 13.41 -16.88 -41.49
C VAL C 65 12.14 -17.59 -41.00
N ASN C 66 11.07 -17.60 -41.80
CA ASN C 66 9.88 -18.39 -41.41
C ASN C 66 9.73 -19.71 -42.13
N GLY C 67 10.57 -19.97 -43.13
CA GLY C 67 10.55 -21.23 -43.82
C GLY C 67 9.64 -21.31 -45.01
N LYS C 68 8.89 -20.24 -45.28
CA LYS C 68 8.01 -20.14 -46.46
C LYS C 68 8.42 -18.99 -47.40
N GLY C 69 9.67 -18.55 -47.32
CA GLY C 69 10.23 -17.53 -48.22
C GLY C 69 10.48 -16.15 -47.62
N LYS C 70 10.08 -15.98 -46.37
CA LYS C 70 10.17 -14.69 -45.69
C LYS C 70 11.36 -14.65 -44.76
N GLU C 71 12.23 -13.65 -44.91
CA GLU C 71 13.42 -13.51 -44.08
C GLU C 71 13.64 -12.04 -43.71
N LEU C 72 14.27 -11.82 -42.58
CA LEU C 72 14.55 -10.48 -42.05
C LEU C 72 15.95 -10.50 -41.47
N MET C 73 16.68 -9.39 -41.60
CA MET C 73 18.00 -9.34 -40.99
C MET C 73 18.35 -7.94 -40.50
N TRP C 74 18.85 -7.87 -39.28
CA TRP C 74 19.26 -6.61 -38.67
C TRP C 74 20.73 -6.62 -38.33
N ASN C 75 21.42 -5.54 -38.69
CA ASN C 75 22.77 -5.32 -38.18
C ASN C 75 22.69 -4.76 -36.75
N PHE C 76 23.82 -4.60 -36.08
CA PHE C 76 23.78 -4.25 -34.67
C PHE C 76 23.25 -2.83 -34.40
N ARG C 77 23.48 -1.93 -35.34
CA ARG C 77 22.91 -0.58 -35.28
C ARG C 77 21.39 -0.64 -35.40
N GLU C 78 20.91 -1.40 -36.38
CA GLU C 78 19.47 -1.57 -36.63
C GLU C 78 18.78 -2.24 -35.46
N LEU C 79 19.46 -3.21 -34.87
CA LEU C 79 18.94 -3.89 -33.69
C LEU C 79 18.91 -2.92 -32.51
N SER C 80 19.95 -2.10 -32.35
CA SER C 80 19.94 -1.14 -31.26
C SER C 80 18.79 -0.18 -31.45
N GLU C 81 18.70 0.44 -32.63
CA GLU C 81 17.63 1.40 -32.90
C GLU C 81 16.24 0.79 -32.72
N ASN C 82 15.99 -0.37 -33.31
N ASN C 82 16.00 -0.38 -33.31
CA ASN C 82 14.66 -0.99 -33.28
CA ASN C 82 14.67 -1.02 -33.31
C ASN C 82 14.25 -1.47 -31.89
C ASN C 82 14.26 -1.47 -31.89
N SER C 83 15.25 -1.84 -31.08
CA SER C 83 15.01 -2.21 -29.69
C SER C 83 14.83 -0.98 -28.80
N GLN C 84 15.42 0.15 -29.20
CA GLN C 84 15.15 1.42 -28.52
C GLN C 84 13.69 1.83 -28.79
N GLN C 85 13.22 1.61 -30.01
CA GLN C 85 11.80 1.82 -30.33
C GLN C 85 10.93 0.93 -29.46
N ALA C 86 11.36 -0.32 -29.22
CA ALA C 86 10.59 -1.22 -28.35
C ALA C 86 10.51 -0.66 -26.95
N ALA C 87 11.65 -0.24 -26.41
CA ALA C 87 11.68 0.35 -25.06
C ALA C 87 10.74 1.55 -24.95
N ASN C 88 10.68 2.36 -25.99
CA ASN C 88 9.82 3.55 -25.97
C ASN C 88 8.36 3.16 -25.98
N VAL C 89 8.00 2.12 -26.72
CA VAL C 89 6.64 1.62 -26.75
C VAL C 89 6.21 1.17 -25.35
N LEU C 90 7.10 0.43 -24.69
CA LEU C 90 6.78 -0.16 -23.41
C LEU C 90 6.72 0.92 -22.32
N SER C 91 7.74 1.78 -22.27
CA SER C 91 7.82 2.76 -21.17
C SER C 91 7.16 4.09 -21.49
N GLY C 92 6.90 4.38 -22.76
CA GLY C 92 6.28 5.66 -23.18
C GLY C 92 4.82 5.51 -23.56
N ALA C 93 4.57 4.84 -24.68
CA ALA C 93 3.20 4.63 -25.15
C ALA C 93 2.37 3.93 -24.06
N CYS C 94 2.90 2.82 -23.52
CA CYS C 94 2.17 2.04 -22.51
C CYS C 94 2.44 2.49 -21.07
N GLY C 95 3.39 3.41 -20.89
CA GLY C 95 3.71 3.95 -19.57
C GLY C 95 4.14 2.94 -18.51
N LEU C 96 4.73 1.81 -18.93
CA LEU C 96 5.21 0.84 -17.95
C LEU C 96 6.45 1.39 -17.25
N GLN C 97 6.50 1.18 -15.95
CA GLN C 97 7.53 1.77 -15.10
C GLN C 97 8.55 0.74 -14.64
N ARG C 98 9.76 1.24 -14.39
CA ARG C 98 10.83 0.44 -13.80
C ARG C 98 10.33 -0.50 -12.74
N GLY C 99 10.66 -1.78 -12.85
CA GLY C 99 10.20 -2.77 -11.87
C GLY C 99 8.89 -3.48 -12.23
N ASP C 100 8.13 -2.95 -13.20
CA ASP C 100 6.84 -3.56 -13.58
C ASP C 100 7.11 -4.85 -14.31
N ARG C 101 6.25 -5.84 -14.11
CA ARG C 101 6.44 -7.17 -14.67
C ARG C 101 5.63 -7.34 -15.92
N VAL C 102 6.30 -7.85 -16.96
CA VAL C 102 5.75 -7.94 -18.29
C VAL C 102 5.79 -9.39 -18.78
N ALA C 103 4.64 -10.03 -18.90
CA ALA C 103 4.60 -11.39 -19.46
C ALA C 103 4.94 -11.31 -20.93
N VAL C 104 5.73 -12.24 -21.43
CA VAL C 104 6.04 -12.31 -22.87
C VAL C 104 5.69 -13.71 -23.38
N VAL C 105 4.72 -13.77 -24.29
CA VAL C 105 4.17 -15.05 -24.76
C VAL C 105 4.05 -15.00 -26.29
N LEU C 106 5.18 -15.26 -26.95
CA LEU C 106 5.30 -15.06 -28.38
C LEU C 106 5.94 -16.29 -29.04
N PRO C 107 5.67 -16.49 -30.34
CA PRO C 107 6.35 -17.50 -31.11
C PRO C 107 7.76 -17.05 -31.46
N ARG C 108 8.51 -17.85 -32.21
CA ARG C 108 9.87 -17.49 -32.62
C ARG C 108 9.85 -16.46 -33.74
N VAL C 109 9.47 -15.23 -33.39
CA VAL C 109 9.43 -14.10 -34.31
C VAL C 109 10.38 -13.01 -33.80
N PRO C 110 10.85 -12.14 -34.69
CA PRO C 110 11.87 -11.18 -34.26
C PRO C 110 11.44 -10.30 -33.09
N GLU C 111 10.14 -10.00 -33.01
CA GLU C 111 9.59 -9.16 -31.96
C GLU C 111 9.89 -9.69 -30.55
N TRP C 112 10.08 -11.01 -30.39
CA TRP C 112 10.47 -11.55 -29.10
C TRP C 112 11.80 -10.93 -28.65
N TRP C 113 12.77 -10.94 -29.56
CA TRP C 113 14.11 -10.43 -29.23
C TRP C 113 14.00 -8.92 -28.94
N LEU C 114 13.21 -8.23 -29.76
CA LEU C 114 13.05 -6.80 -29.60
C LEU C 114 12.38 -6.45 -28.28
N VAL C 115 11.38 -7.23 -27.89
CA VAL C 115 10.62 -6.97 -26.65
C VAL C 115 11.44 -7.20 -25.40
N ILE C 116 12.17 -8.32 -25.37
CA ILE C 116 13.10 -8.61 -24.27
C ILE C 116 14.16 -7.52 -24.12
N LEU C 117 14.78 -7.12 -25.23
CA LEU C 117 15.72 -6.00 -25.20
C LEU C 117 15.05 -4.72 -24.72
N GLY C 118 13.81 -4.52 -25.15
CA GLY C 118 13.04 -3.34 -24.77
C GLY C 118 12.86 -3.29 -23.28
N CYS C 119 12.51 -4.45 -22.70
CA CYS C 119 12.39 -4.57 -21.24
C CYS C 119 13.69 -4.23 -20.52
N ILE C 120 14.80 -4.83 -20.97
CA ILE C 120 16.08 -4.63 -20.34
C ILE C 120 16.45 -3.12 -20.32
N ARG C 121 16.23 -2.44 -21.44
CA ARG C 121 16.52 -1.01 -21.52
C ARG C 121 15.64 -0.23 -20.56
N ALA C 122 14.36 -0.59 -20.51
CA ALA C 122 13.34 0.21 -19.81
C ALA C 122 13.29 -0.16 -18.34
N GLY C 123 14.11 -1.11 -17.93
CA GLY C 123 14.13 -1.55 -16.56
C GLY C 123 12.93 -2.40 -16.20
N LEU C 124 12.34 -3.06 -17.20
CA LEU C 124 11.14 -3.87 -16.98
C LEU C 124 11.52 -5.34 -16.81
N ILE C 125 10.79 -6.04 -15.94
CA ILE C 125 11.03 -7.47 -15.67
C ILE C 125 10.26 -8.36 -16.66
N PHE C 126 10.98 -9.00 -17.56
CA PHE C 126 10.35 -9.86 -18.57
C PHE C 126 10.16 -11.27 -18.04
N MET C 127 9.02 -11.89 -18.38
CA MET C 127 8.62 -13.20 -17.88
C MET C 127 8.14 -14.02 -19.07
N PRO C 128 9.07 -14.64 -19.77
CA PRO C 128 8.75 -15.43 -20.93
C PRO C 128 8.02 -16.72 -20.60
N GLY C 129 7.07 -17.09 -21.48
CA GLY C 129 6.36 -18.35 -21.40
C GLY C 129 6.07 -18.87 -22.78
N THR C 130 5.75 -20.15 -22.91
CA THR C 130 5.50 -20.68 -24.26
C THR C 130 4.14 -20.25 -24.82
N ILE C 131 4.12 -20.08 -26.14
CA ILE C 131 2.89 -19.74 -26.87
C ILE C 131 1.91 -20.90 -26.81
N GLN C 132 2.35 -22.09 -26.40
CA GLN C 132 1.51 -23.27 -26.28
CA GLN C 132 1.40 -23.18 -26.38
C GLN C 132 0.54 -23.19 -25.09
N MET C 133 0.84 -22.30 -24.13
CA MET C 133 0.08 -22.15 -22.85
C MET C 133 -1.40 -21.98 -23.06
N LYS C 134 -2.19 -22.59 -22.18
CA LYS C 134 -3.64 -22.47 -22.24
C LYS C 134 -4.08 -21.55 -21.11
N SER C 135 -5.37 -21.25 -21.07
CA SER C 135 -5.85 -20.17 -20.24
C SER C 135 -5.57 -20.37 -18.74
N THR C 136 -5.70 -21.59 -18.24
CA THR C 136 -5.36 -21.89 -16.85
C THR C 136 -3.89 -21.57 -16.54
N ASP C 137 -3.02 -21.94 -17.47
CA ASP C 137 -1.59 -21.70 -17.24
C ASP C 137 -1.38 -20.18 -17.14
N ILE C 138 -2.11 -19.45 -18.00
CA ILE C 138 -1.93 -18.02 -18.11
C ILE C 138 -2.50 -17.32 -16.87
N LEU C 139 -3.71 -17.70 -16.50
CA LEU C 139 -4.32 -17.17 -15.29
C LEU C 139 -3.36 -17.27 -14.11
N TYR C 140 -2.81 -18.47 -13.90
CA TYR C 140 -1.89 -18.72 -12.78
C TYR C 140 -0.67 -17.80 -12.82
N ARG C 141 -0.04 -17.66 -13.99
CA ARG C 141 1.16 -16.84 -14.10
CA ARG C 141 1.16 -16.83 -14.14
C ARG C 141 0.88 -15.35 -13.90
N LEU C 142 -0.18 -14.85 -14.51
CA LEU C 142 -0.54 -13.45 -14.34
C LEU C 142 -0.96 -13.12 -12.90
N GLN C 143 -1.73 -14.01 -12.27
CA GLN C 143 -2.20 -13.75 -10.91
C GLN C 143 -1.05 -13.83 -9.90
N MET C 144 -0.18 -14.83 -10.05
CA MET C 144 0.91 -15.01 -9.13
C MET C 144 1.99 -13.92 -9.25
N SER C 145 2.24 -13.48 -10.48
CA SER C 145 3.21 -12.44 -10.76
C SER C 145 2.68 -11.01 -10.57
N LYS C 146 1.37 -10.86 -10.54
CA LYS C 146 0.76 -9.52 -10.63
C LYS C 146 1.35 -8.75 -11.82
N ALA C 147 1.42 -9.41 -12.97
CA ALA C 147 1.90 -8.77 -14.19
C ALA C 147 1.07 -7.53 -14.51
N LYS C 148 1.78 -6.47 -14.88
CA LYS C 148 1.17 -5.21 -15.28
C LYS C 148 0.83 -5.24 -16.75
N ALA C 149 1.56 -6.04 -17.51
CA ALA C 149 1.39 -6.11 -18.96
C ALA C 149 1.65 -7.51 -19.51
N ILE C 150 1.04 -7.79 -20.66
CA ILE C 150 1.30 -9.03 -21.43
C ILE C 150 1.55 -8.67 -22.89
N VAL C 151 2.59 -9.26 -23.48
CA VAL C 151 2.85 -9.09 -24.91
C VAL C 151 2.66 -10.45 -25.54
N ALA C 152 1.63 -10.56 -26.36
CA ALA C 152 1.19 -11.85 -26.89
C ALA C 152 1.10 -11.85 -28.41
N GLY C 153 1.05 -13.05 -28.97
CA GLY C 153 0.81 -13.26 -30.40
C GLY C 153 -0.55 -13.89 -30.61
N ASP C 154 -0.90 -14.12 -31.89
CA ASP C 154 -2.21 -14.61 -32.32
C ASP C 154 -2.58 -15.94 -31.70
N GLU C 155 -1.60 -16.79 -31.42
CA GLU C 155 -1.86 -18.14 -30.91
CA GLU C 155 -1.98 -18.13 -30.96
C GLU C 155 -2.64 -18.09 -29.57
N VAL C 156 -2.23 -17.18 -28.68
CA VAL C 156 -2.77 -17.10 -27.31
C VAL C 156 -3.85 -16.05 -27.00
N ILE C 157 -4.19 -15.16 -27.94
CA ILE C 157 -5.17 -14.11 -27.70
C ILE C 157 -6.40 -14.58 -26.94
N GLN C 158 -7.05 -15.61 -27.45
CA GLN C 158 -8.36 -16.03 -26.96
C GLN C 158 -8.19 -16.69 -25.59
N GLU C 159 -7.06 -17.35 -25.38
CA GLU C 159 -6.76 -17.96 -24.07
C GLU C 159 -6.52 -16.88 -23.01
N VAL C 160 -5.83 -15.79 -23.40
CA VAL C 160 -5.60 -14.67 -22.51
C VAL C 160 -6.93 -13.96 -22.20
N ASP C 161 -7.72 -13.71 -23.24
CA ASP C 161 -8.97 -12.97 -23.08
C ASP C 161 -10.03 -13.73 -22.26
N THR C 162 -9.92 -15.05 -22.19
CA THR C 162 -10.82 -15.86 -21.40
C THR C 162 -10.62 -15.58 -19.91
N VAL C 163 -9.41 -15.19 -19.51
CA VAL C 163 -9.09 -14.95 -18.10
C VAL C 163 -8.55 -13.54 -17.72
N ALA C 164 -8.37 -12.65 -18.70
CA ALA C 164 -7.80 -11.32 -18.46
C ALA C 164 -8.55 -10.52 -17.40
N SER C 165 -9.88 -10.61 -17.40
CA SER C 165 -10.69 -9.85 -16.48
C SER C 165 -10.57 -10.34 -15.00
N GLU C 166 -10.09 -11.55 -14.81
CA GLU C 166 -9.82 -12.05 -13.48
C GLU C 166 -8.43 -11.60 -12.92
N CYS C 167 -7.73 -10.71 -13.63
CA CYS C 167 -6.38 -10.26 -13.26
C CYS C 167 -6.32 -8.73 -13.03
N PRO C 168 -6.45 -8.29 -11.77
CA PRO C 168 -6.68 -6.87 -11.53
C PRO C 168 -5.45 -6.01 -11.78
N SER C 169 -4.26 -6.57 -11.67
CA SER C 169 -3.02 -5.81 -11.93
C SER C 169 -2.72 -5.62 -13.43
N LEU C 170 -3.30 -6.47 -14.26
CA LEU C 170 -3.09 -6.40 -15.70
C LEU C 170 -3.69 -5.14 -16.34
N ARG C 171 -2.83 -4.24 -16.78
CA ARG C 171 -3.23 -2.93 -17.28
C ARG C 171 -2.96 -2.78 -18.78
N ILE C 172 -1.98 -3.51 -19.30
CA ILE C 172 -1.56 -3.39 -20.70
C ILE C 172 -1.59 -4.75 -21.40
N LYS C 173 -2.22 -4.79 -22.56
CA LYS C 173 -2.19 -5.97 -23.43
C LYS C 173 -1.71 -5.56 -24.81
N LEU C 174 -0.48 -5.98 -25.17
CA LEU C 174 0.13 -5.65 -26.47
C LEU C 174 0.11 -6.86 -27.39
N LEU C 175 -0.49 -6.71 -28.57
CA LEU C 175 -0.56 -7.79 -29.55
C LEU C 175 0.50 -7.58 -30.58
N VAL C 176 1.28 -8.63 -30.86
CA VAL C 176 2.13 -8.69 -32.07
C VAL C 176 1.46 -9.54 -33.13
N SER C 177 1.02 -8.91 -34.21
CA SER C 177 0.25 -9.60 -35.24
C SER C 177 0.11 -8.76 -36.49
N GLU C 178 -0.25 -9.40 -37.59
CA GLU C 178 -0.62 -8.66 -38.80
C GLU C 178 -2.05 -8.11 -38.70
N LYS C 179 -2.84 -8.67 -37.77
CA LYS C 179 -4.23 -8.24 -37.52
C LYS C 179 -4.29 -7.36 -36.26
N SER C 180 -5.19 -6.36 -36.30
CA SER C 180 -5.58 -5.62 -35.07
C SER C 180 -6.74 -6.38 -34.37
N CYS C 181 -6.87 -6.20 -33.06
CA CYS C 181 -7.95 -6.84 -32.32
C CYS C 181 -8.42 -5.98 -31.14
N ASP C 182 -9.74 -5.93 -30.95
CA ASP C 182 -10.34 -5.06 -29.93
C ASP C 182 -9.77 -5.37 -28.57
N GLY C 183 -9.44 -4.34 -27.80
CA GLY C 183 -8.89 -4.51 -26.44
C GLY C 183 -7.38 -4.69 -26.36
N TRP C 184 -6.72 -4.80 -27.52
CA TRP C 184 -5.28 -5.02 -27.57
C TRP C 184 -4.58 -3.91 -28.33
N LEU C 185 -3.53 -3.37 -27.75
CA LEU C 185 -2.71 -2.39 -28.42
C LEU C 185 -1.85 -3.06 -29.50
N ASN C 186 -1.78 -2.43 -30.67
CA ASN C 186 -1.06 -2.94 -31.84
C ASN C 186 0.44 -2.66 -31.73
N PHE C 187 1.23 -3.68 -31.41
CA PHE C 187 2.65 -3.49 -31.12
C PHE C 187 3.41 -3.01 -32.34
N LYS C 188 3.16 -3.63 -33.49
CA LYS C 188 3.89 -3.32 -34.73
C LYS C 188 3.68 -1.88 -35.16
N LYS C 189 2.47 -1.39 -34.99
CA LYS C 189 2.12 -0.03 -35.40
C LYS C 189 2.78 0.96 -34.46
N LEU C 190 2.71 0.70 -33.15
CA LEU C 190 3.34 1.57 -32.15
C LEU C 190 4.87 1.60 -32.25
N LEU C 191 5.47 0.43 -32.51
CA LEU C 191 6.91 0.32 -32.74
C LEU C 191 7.35 1.28 -33.83
N ASN C 192 6.64 1.23 -34.96
CA ASN C 192 7.00 2.06 -36.12
C ASN C 192 6.86 3.55 -35.86
N GLU C 193 6.04 3.91 -34.87
CA GLU C 193 5.83 5.31 -34.46
C GLU C 193 6.83 5.80 -33.39
N ALA C 194 7.46 4.85 -32.68
CA ALA C 194 8.33 5.20 -31.55
C ALA C 194 9.68 5.76 -32.02
N SER C 195 10.28 6.59 -31.18
CA SER C 195 11.59 7.16 -31.44
C SER C 195 12.64 6.06 -31.41
N THR C 196 13.69 6.20 -32.22
CA THR C 196 14.81 5.28 -32.21
C THR C 196 15.87 5.63 -31.15
N THR C 197 15.60 6.67 -30.37
CA THR C 197 16.41 7.04 -29.22
C THR C 197 15.66 6.73 -27.91
N HIS C 198 16.24 5.86 -27.10
CA HIS C 198 15.77 5.61 -25.74
C HIS C 198 16.98 5.70 -24.84
N HIS C 199 16.81 6.38 -23.70
CA HIS C 199 17.88 6.52 -22.72
C HIS C 199 17.80 5.35 -21.77
N CYS C 200 18.74 4.41 -21.92
CA CYS C 200 18.75 3.18 -21.14
C CYS C 200 18.74 3.48 -19.65
N VAL C 201 17.91 2.75 -18.91
CA VAL C 201 17.84 2.87 -17.45
C VAL C 201 19.13 2.33 -16.80
N GLU C 202 19.69 3.08 -15.85
CA GLU C 202 20.90 2.68 -15.13
C GLU C 202 20.59 1.55 -14.16
N THR C 203 20.31 0.38 -14.68
CA THR C 203 19.88 -0.71 -13.83
C THR C 203 21.00 -1.24 -12.95
N GLY C 204 20.62 -1.73 -11.78
CA GLY C 204 21.56 -2.30 -10.82
C GLY C 204 21.88 -3.75 -11.11
N SER C 205 23.12 -4.16 -10.82
CA SER C 205 23.55 -5.55 -11.04
C SER C 205 22.64 -6.60 -10.38
N GLN C 206 22.17 -6.34 -9.16
CA GLN C 206 21.34 -7.30 -8.42
C GLN C 206 19.84 -7.00 -8.55
N GLU C 207 19.51 -6.00 -9.38
CA GLU C 207 18.15 -5.60 -9.59
C GLU C 207 17.45 -6.64 -10.47
N ALA C 208 16.18 -6.94 -10.15
CA ALA C 208 15.43 -7.95 -10.87
C ALA C 208 15.31 -7.56 -12.33
N SER C 209 15.57 -8.51 -13.23
CA SER C 209 15.47 -8.32 -14.67
C SER C 209 14.51 -9.31 -15.35
N ALA C 210 14.42 -10.54 -14.84
CA ALA C 210 13.52 -11.52 -15.42
C ALA C 210 12.93 -12.42 -14.35
N ILE C 211 11.78 -13.03 -14.65
CA ILE C 211 11.19 -14.07 -13.83
C ILE C 211 10.85 -15.23 -14.74
N TYR C 212 11.44 -16.39 -14.48
CA TYR C 212 11.09 -17.61 -15.25
C TYR C 212 10.29 -18.53 -14.36
N PHE C 213 9.08 -18.88 -14.79
CA PHE C 213 8.30 -19.88 -14.07
C PHE C 213 8.98 -21.22 -14.29
N THR C 214 9.07 -22.02 -13.23
CA THR C 214 9.81 -23.28 -13.30
C THR C 214 9.13 -24.35 -12.41
N SER C 215 8.93 -25.53 -12.97
CA SER C 215 8.13 -26.56 -12.31
C SER C 215 8.87 -27.21 -11.15
N GLY C 216 8.12 -27.63 -10.15
CA GLY C 216 8.67 -28.26 -8.96
C GLY C 216 8.18 -29.69 -8.75
N THR C 217 8.77 -30.37 -7.77
CA THR C 217 8.48 -31.77 -7.51
C THR C 217 7.01 -31.99 -7.17
N SER C 218 6.40 -31.01 -6.53
CA SER C 218 4.97 -31.04 -6.32
C SER C 218 4.42 -29.62 -6.28
N GLY C 219 3.13 -29.50 -6.46
CA GLY C 219 2.50 -28.21 -6.58
C GLY C 219 2.81 -27.54 -7.92
N LEU C 220 2.62 -26.23 -7.97
CA LEU C 220 2.56 -25.53 -9.24
C LEU C 220 3.79 -24.65 -9.38
N PRO C 221 4.07 -24.19 -10.60
CA PRO C 221 5.38 -23.61 -10.85
C PRO C 221 5.74 -22.43 -9.95
N LYS C 222 7.03 -22.35 -9.61
CA LYS C 222 7.57 -21.25 -8.84
C LYS C 222 8.18 -20.20 -9.76
N MET C 223 8.32 -19.00 -9.23
CA MET C 223 8.84 -17.84 -9.97
C MET C 223 10.34 -17.65 -9.71
N ALA C 224 11.18 -18.01 -10.68
CA ALA C 224 12.63 -17.89 -10.55
C ALA C 224 13.11 -16.52 -11.03
N GLU C 225 13.59 -15.69 -10.09
CA GLU C 225 13.98 -14.31 -10.38
C GLU C 225 15.46 -14.26 -10.72
N HIS C 226 15.79 -13.63 -11.84
CA HIS C 226 17.18 -13.36 -12.26
C HIS C 226 17.45 -11.87 -12.36
N SER C 227 18.70 -11.51 -12.11
CA SER C 227 19.10 -10.13 -12.09
C SER C 227 19.74 -9.70 -13.41
N TYR C 228 20.02 -8.40 -13.54
CA TYR C 228 20.75 -7.89 -14.70
C TYR C 228 22.12 -8.52 -14.88
N SER C 229 22.78 -8.84 -13.77
CA SER C 229 24.12 -9.48 -13.79
C SER C 229 24.08 -11.00 -13.91
N SER C 230 23.14 -11.65 -13.22
CA SER C 230 23.02 -13.12 -13.27
C SER C 230 22.75 -13.67 -14.69
N LEU C 231 22.12 -12.86 -15.54
CA LEU C 231 21.95 -13.21 -16.96
C LEU C 231 23.07 -12.60 -17.80
N GLY C 232 23.09 -11.27 -17.87
CA GLY C 232 23.96 -10.55 -18.82
C GLY C 232 25.47 -10.57 -18.56
N LEU C 233 25.88 -10.31 -17.31
CA LEU C 233 27.29 -10.33 -16.96
C LEU C 233 27.83 -11.76 -16.96
N LYS C 234 27.02 -12.70 -16.48
CA LYS C 234 27.31 -14.13 -16.56
C LYS C 234 27.51 -14.55 -18.03
N ALA C 235 26.60 -14.16 -18.91
CA ALA C 235 26.74 -14.44 -20.36
C ALA C 235 28.01 -13.81 -20.93
N LYS C 236 28.29 -12.55 -20.55
CA LYS C 236 29.49 -11.88 -21.04
C LYS C 236 30.74 -12.65 -20.62
N MET C 237 30.73 -13.17 -19.40
CA MET C 237 31.83 -13.98 -18.87
C MET C 237 31.99 -15.34 -19.53
N ASP C 238 30.89 -16.00 -19.87
CA ASP C 238 30.93 -17.32 -20.52
C ASP C 238 31.10 -17.19 -22.06
N ALA C 239 30.97 -15.98 -22.58
CA ALA C 239 30.91 -15.74 -24.01
C ALA C 239 32.04 -16.45 -24.76
N GLY C 240 31.66 -17.28 -25.73
CA GLY C 240 32.60 -18.06 -26.53
C GLY C 240 32.70 -19.53 -26.14
N TRP C 241 32.09 -19.90 -25.01
CA TRP C 241 32.11 -21.29 -24.51
C TRP C 241 31.63 -22.29 -25.56
N THR C 242 30.68 -21.84 -26.36
CA THR C 242 30.13 -22.64 -27.41
C THR C 242 31.06 -22.81 -28.59
N GLY C 243 32.18 -22.08 -28.62
CA GLY C 243 33.09 -22.08 -29.78
C GLY C 243 32.81 -21.01 -30.81
N LEU C 244 31.69 -20.31 -30.64
CA LEU C 244 31.29 -19.24 -31.54
C LEU C 244 32.28 -18.06 -31.53
N GLN C 245 32.46 -17.44 -32.70
CA GLN C 245 33.35 -16.26 -32.83
C GLN C 245 32.63 -15.05 -33.44
N ALA C 246 33.26 -13.88 -33.32
CA ALA C 246 32.64 -12.58 -33.67
C ALA C 246 31.95 -12.53 -35.03
N SER C 247 32.51 -13.19 -36.03
CA SER C 247 31.94 -13.10 -37.39
C SER C 247 31.16 -14.36 -37.83
N ASP C 248 30.65 -15.12 -36.86
CA ASP C 248 29.91 -16.36 -37.11
C ASP C 248 28.41 -16.20 -36.91
N ILE C 249 27.67 -17.25 -37.28
CA ILE C 249 26.21 -17.31 -37.10
C ILE C 249 25.85 -18.52 -36.28
N MET C 250 25.13 -18.30 -35.19
CA MET C 250 24.68 -19.39 -34.33
C MET C 250 23.18 -19.57 -34.38
N TRP C 251 22.74 -20.82 -34.44
CA TRP C 251 21.31 -21.15 -34.37
C TRP C 251 20.98 -21.90 -33.09
N THR C 252 20.35 -21.20 -32.14
CA THR C 252 19.83 -21.86 -30.95
C THR C 252 18.37 -22.22 -31.27
N ILE C 253 18.06 -23.50 -31.10
CA ILE C 253 16.73 -24.06 -31.34
C ILE C 253 16.06 -24.27 -29.97
N SER C 254 15.06 -23.43 -29.68
CA SER C 254 14.48 -23.41 -28.34
C SER C 254 13.10 -22.82 -28.30
N ASP C 255 12.27 -23.35 -27.41
CA ASP C 255 11.03 -22.69 -27.02
C ASP C 255 11.40 -21.31 -26.46
N THR C 256 10.65 -20.28 -26.83
CA THR C 256 10.95 -18.91 -26.38
C THR C 256 10.70 -18.70 -24.86
N GLY C 257 10.02 -19.64 -24.23
CA GLY C 257 9.83 -19.63 -22.78
C GLY C 257 10.91 -20.31 -21.92
N TRP C 258 11.88 -20.95 -22.56
CA TRP C 258 12.98 -21.59 -21.87
C TRP C 258 14.11 -20.59 -21.66
N ILE C 259 14.70 -20.59 -20.47
CA ILE C 259 15.85 -19.73 -20.19
C ILE C 259 16.95 -19.87 -21.23
N LEU C 260 17.10 -21.06 -21.82
CA LEU C 260 18.06 -21.24 -22.93
C LEU C 260 17.97 -20.13 -23.98
N ASN C 261 16.75 -19.68 -24.28
CA ASN C 261 16.57 -18.73 -25.36
C ASN C 261 17.25 -17.42 -25.05
N ILE C 262 17.18 -16.97 -23.80
CA ILE C 262 17.85 -15.72 -23.44
C ILE C 262 19.36 -15.87 -23.33
N LEU C 263 19.83 -17.00 -22.79
CA LEU C 263 21.25 -17.17 -22.54
C LEU C 263 22.02 -17.50 -23.80
N CYS C 264 21.46 -18.35 -24.64
CA CYS C 264 22.19 -18.86 -25.83
CA CYS C 264 22.19 -18.86 -25.80
C CYS C 264 21.74 -18.21 -27.12
N SER C 265 20.42 -18.01 -27.29
CA SER C 265 19.94 -17.43 -28.53
C SER C 265 20.17 -15.93 -28.59
N LEU C 266 20.17 -15.27 -27.43
CA LEU C 266 20.28 -13.82 -27.39
C LEU C 266 21.67 -13.39 -26.90
N MET C 267 22.05 -13.81 -25.70
CA MET C 267 23.22 -13.22 -25.04
C MET C 267 24.59 -13.73 -25.49
N GLU C 268 24.71 -15.02 -25.75
CA GLU C 268 25.97 -15.60 -26.17
C GLU C 268 26.46 -14.92 -27.46
N PRO C 269 25.68 -14.99 -28.54
CA PRO C 269 26.16 -14.37 -29.79
C PRO C 269 26.37 -12.88 -29.65
N TRP C 270 25.49 -12.19 -28.93
CA TRP C 270 25.58 -10.73 -28.87
C TRP C 270 26.66 -10.24 -27.92
N ALA C 271 27.08 -11.09 -26.99
CA ALA C 271 28.29 -10.84 -26.23
C ALA C 271 29.50 -10.73 -27.16
N LEU C 272 29.55 -11.58 -28.21
CA LEU C 272 30.72 -11.67 -29.10
C LEU C 272 30.66 -10.81 -30.35
N GLY C 273 29.53 -10.17 -30.60
CA GLY C 273 29.33 -9.43 -31.85
C GLY C 273 28.93 -10.35 -33.02
N ALA C 274 28.50 -11.57 -32.69
CA ALA C 274 28.13 -12.57 -33.69
C ALA C 274 26.63 -12.49 -34.05
N CYS C 275 26.26 -13.16 -35.14
CA CYS C 275 24.87 -13.22 -35.57
C CYS C 275 24.09 -14.37 -34.93
N THR C 276 22.90 -14.09 -34.41
CA THR C 276 21.99 -15.16 -33.99
C THR C 276 21.00 -15.50 -35.11
N PHE C 277 20.75 -16.79 -35.34
CA PHE C 277 19.82 -17.23 -36.39
C PHE C 277 18.53 -17.72 -35.77
N VAL C 278 17.39 -17.26 -36.28
CA VAL C 278 16.08 -17.66 -35.77
C VAL C 278 15.17 -18.14 -36.90
N HIS C 279 14.67 -19.38 -36.77
CA HIS C 279 13.68 -19.98 -37.66
C HIS C 279 12.37 -20.09 -36.88
N LEU C 280 11.26 -19.62 -37.49
CA LEU C 280 9.94 -19.70 -36.85
C LEU C 280 9.64 -21.11 -36.41
N LEU C 281 10.03 -22.10 -37.21
CA LEU C 281 9.78 -23.51 -36.91
C LEU C 281 8.39 -23.74 -36.34
N PRO C 282 7.34 -23.33 -37.06
CA PRO C 282 5.99 -23.45 -36.51
C PRO C 282 5.65 -24.90 -36.07
N LYS C 283 6.18 -25.87 -36.79
CA LYS C 283 5.82 -27.27 -36.61
C LYS C 283 6.95 -28.10 -36.00
N PHE C 284 8.17 -27.57 -35.94
CA PHE C 284 9.26 -28.33 -35.30
C PHE C 284 9.52 -29.67 -36.04
N ASP C 285 9.71 -29.51 -37.35
CA ASP C 285 9.85 -30.61 -38.29
C ASP C 285 11.35 -30.90 -38.46
N PRO C 286 11.76 -32.14 -38.21
CA PRO C 286 13.18 -32.43 -38.31
C PRO C 286 13.72 -32.20 -39.73
N LEU C 287 12.89 -32.47 -40.73
CA LEU C 287 13.30 -32.30 -42.12
C LEU C 287 13.58 -30.82 -42.41
N VAL C 288 12.76 -29.94 -41.84
CA VAL C 288 12.97 -28.48 -42.00
C VAL C 288 14.26 -28.04 -41.34
N ILE C 289 14.50 -28.56 -40.13
CA ILE C 289 15.73 -28.29 -39.39
C ILE C 289 16.95 -28.70 -40.21
N LEU C 290 16.88 -29.88 -40.81
CA LEU C 290 17.99 -30.39 -41.59
C LEU C 290 18.24 -29.55 -42.85
N LYS C 291 17.18 -29.20 -43.58
CA LYS C 291 17.34 -28.38 -44.77
C LYS C 291 17.94 -27.03 -44.43
N THR C 292 17.52 -26.47 -43.30
CA THR C 292 18.03 -25.17 -42.81
C THR C 292 19.52 -25.19 -42.46
N LEU C 293 19.97 -26.23 -41.76
CA LEU C 293 21.40 -26.38 -41.51
C LEU C 293 22.20 -26.50 -42.82
N SER C 294 21.61 -27.16 -43.80
CA SER C 294 22.24 -27.38 -45.09
C SER C 294 22.24 -26.13 -46.00
N SER C 295 21.18 -25.35 -45.92
CA SER C 295 20.96 -24.22 -46.83
C SER C 295 21.54 -22.89 -46.38
N TYR C 296 21.78 -22.73 -45.09
CA TYR C 296 22.29 -21.47 -44.55
C TYR C 296 23.66 -21.68 -43.92
N PRO C 297 24.53 -20.67 -43.96
CA PRO C 297 25.87 -20.83 -43.41
C PRO C 297 25.90 -20.74 -41.88
N ILE C 298 25.18 -21.63 -41.22
CA ILE C 298 25.20 -21.76 -39.76
C ILE C 298 26.53 -22.40 -39.37
N LYS C 299 27.30 -21.73 -38.54
CA LYS C 299 28.59 -22.24 -38.06
C LYS C 299 28.42 -23.01 -36.74
N SER C 300 27.57 -22.49 -35.85
CA SER C 300 27.32 -23.13 -34.55
C SER C 300 25.84 -23.40 -34.35
N MET C 301 25.50 -24.50 -33.69
CA MET C 301 24.11 -24.80 -33.33
C MET C 301 24.00 -25.29 -31.89
N MET C 302 22.89 -24.93 -31.26
CA MET C 302 22.57 -25.42 -29.93
C MET C 302 21.16 -25.96 -29.92
N GLY C 303 20.97 -27.10 -29.30
CA GLY C 303 19.64 -27.61 -29.07
C GLY C 303 19.64 -28.73 -28.06
N ALA C 304 18.45 -29.05 -27.54
CA ALA C 304 18.29 -30.22 -26.68
C ALA C 304 18.61 -31.50 -27.45
N PRO C 305 19.06 -32.54 -26.73
CA PRO C 305 19.39 -33.83 -27.32
C PRO C 305 18.33 -34.40 -28.25
N ILE C 306 17.06 -34.12 -27.98
CA ILE C 306 15.99 -34.59 -28.85
C ILE C 306 16.17 -34.10 -30.29
N VAL C 307 16.72 -32.90 -30.45
CA VAL C 307 16.93 -32.31 -31.78
C VAL C 307 17.90 -33.16 -32.56
N TYR C 308 19.02 -33.51 -31.93
CA TYR C 308 20.03 -34.34 -32.59
C TYR C 308 19.51 -35.74 -32.87
N ARG C 309 18.73 -36.29 -31.93
CA ARG C 309 18.12 -37.62 -32.14
C ARG C 309 17.19 -37.62 -33.35
N MET C 310 16.37 -36.58 -33.46
CA MET C 310 15.46 -36.44 -34.58
C MET C 310 16.22 -36.31 -35.90
N LEU C 311 17.30 -35.54 -35.89
CA LEU C 311 18.09 -35.37 -37.10
C LEU C 311 18.69 -36.68 -37.55
N LEU C 312 19.10 -37.54 -36.61
CA LEU C 312 19.75 -38.81 -36.97
C LEU C 312 18.79 -39.79 -37.67
N GLN C 313 17.49 -39.64 -37.44
CA GLN C 313 16.50 -40.46 -38.15
C GLN C 313 16.23 -39.97 -39.57
N GLN C 314 16.72 -38.78 -39.91
CA GLN C 314 16.58 -38.25 -41.28
C GLN C 314 17.68 -38.78 -42.18
N ASP C 315 17.52 -38.55 -43.48
CA ASP C 315 18.57 -38.86 -44.44
C ASP C 315 19.62 -37.75 -44.40
N LEU C 316 20.65 -37.99 -43.60
CA LEU C 316 21.72 -37.01 -43.37
C LEU C 316 22.71 -36.97 -44.53
N SER C 317 22.81 -38.08 -45.27
CA SER C 317 23.72 -38.17 -46.41
C SER C 317 23.15 -37.47 -47.66
N SER C 318 21.84 -37.25 -47.68
CA SER C 318 21.26 -36.41 -48.73
C SER C 318 21.79 -34.98 -48.56
N TYR C 319 21.73 -34.49 -47.31
CA TYR C 319 21.83 -33.06 -47.01
C TYR C 319 23.09 -32.73 -46.21
N LYS C 320 24.17 -32.34 -46.89
CA LYS C 320 25.44 -31.99 -46.22
C LYS C 320 25.39 -30.59 -45.57
N PHE C 321 26.33 -30.31 -44.67
CA PHE C 321 26.47 -28.99 -44.08
C PHE C 321 27.89 -28.68 -43.61
N PRO C 322 28.85 -28.64 -44.55
CA PRO C 322 30.27 -28.56 -44.19
C PRO C 322 30.64 -27.34 -43.33
N HIS C 323 29.88 -26.27 -43.47
CA HIS C 323 30.09 -25.04 -42.69
C HIS C 323 29.87 -25.16 -41.19
N LEU C 324 29.13 -26.18 -40.77
CA LEU C 324 28.86 -26.43 -39.36
C LEU C 324 30.10 -26.95 -38.61
N GLN C 325 30.50 -26.25 -37.56
CA GLN C 325 31.68 -26.56 -36.76
C GLN C 325 31.33 -26.95 -35.32
N ASN C 326 30.42 -26.19 -34.70
CA ASN C 326 30.13 -26.37 -33.26
C ASN C 326 28.70 -26.81 -32.99
N CYS C 327 28.57 -27.99 -32.39
CA CYS C 327 27.28 -28.54 -32.03
C CYS C 327 27.27 -28.73 -30.54
N VAL C 328 26.52 -27.89 -29.82
CA VAL C 328 26.39 -28.04 -28.37
C VAL C 328 24.96 -28.46 -28.00
N THR C 329 24.79 -28.93 -26.78
CA THR C 329 23.49 -29.39 -26.33
C THR C 329 23.30 -29.17 -24.83
N VAL C 330 22.04 -29.14 -24.39
CA VAL C 330 21.68 -29.02 -22.97
C VAL C 330 20.24 -29.44 -22.73
N GLY C 331 19.87 -29.62 -21.46
CA GLY C 331 18.46 -29.78 -21.07
C GLY C 331 18.09 -31.20 -20.67
N GLU C 332 18.86 -32.15 -21.17
CA GLU C 332 18.57 -33.55 -21.01
C GLU C 332 19.91 -34.26 -21.13
N SER C 333 19.94 -35.50 -20.70
CA SER C 333 21.14 -36.26 -20.77
C SER C 333 21.42 -36.66 -22.25
N LEU C 334 22.62 -36.36 -22.73
CA LEU C 334 23.06 -36.78 -24.08
C LEU C 334 23.64 -38.18 -24.02
N LEU C 335 22.90 -39.13 -24.62
CA LEU C 335 23.29 -40.54 -24.61
C LEU C 335 24.56 -40.72 -25.41
N PRO C 336 25.50 -41.52 -24.91
CA PRO C 336 26.67 -41.94 -25.70
C PRO C 336 26.33 -42.41 -27.12
N GLU C 337 25.23 -43.16 -27.24
CA GLU C 337 24.77 -43.67 -28.52
C GLU C 337 24.49 -42.51 -29.53
N THR C 338 23.93 -41.42 -29.05
CA THR C 338 23.66 -40.26 -29.89
C THR C 338 24.96 -39.57 -30.33
N LEU C 339 25.85 -39.36 -29.35
CA LEU C 339 27.16 -38.75 -29.62
C LEU C 339 27.88 -39.53 -30.68
N GLU C 340 27.93 -40.85 -30.48
CA GLU C 340 28.62 -41.76 -31.38
C GLU C 340 28.06 -41.66 -32.80
N ASN C 341 26.74 -41.68 -32.95
CA ASN C 341 26.12 -41.62 -34.27
C ASN C 341 26.33 -40.28 -34.96
N TRP C 342 26.17 -39.20 -34.20
CA TRP C 342 26.40 -37.88 -34.75
C TRP C 342 27.82 -37.81 -35.32
N ARG C 343 28.79 -38.31 -34.56
CA ARG C 343 30.19 -38.39 -35.03
C ARG C 343 30.34 -39.19 -36.31
N ALA C 344 29.79 -40.40 -36.35
CA ALA C 344 29.89 -41.26 -37.54
C ALA C 344 29.29 -40.57 -38.75
N GLN C 345 28.13 -39.96 -38.56
CA GLN C 345 27.35 -39.43 -39.67
C GLN C 345 27.79 -38.04 -40.14
N THR C 346 28.21 -37.19 -39.22
CA THR C 346 28.53 -35.80 -39.57
C THR C 346 30.02 -35.46 -39.46
N GLY C 347 30.80 -36.32 -38.80
CA GLY C 347 32.19 -36.00 -38.48
C GLY C 347 32.35 -34.98 -37.36
N LEU C 348 31.25 -34.57 -36.72
CA LEU C 348 31.29 -33.55 -35.69
C LEU C 348 31.07 -34.12 -34.30
N ASP C 349 31.64 -33.43 -33.33
CA ASP C 349 31.37 -33.66 -31.91
C ASP C 349 30.09 -32.97 -31.49
N ILE C 350 29.39 -33.56 -30.52
CA ILE C 350 28.38 -32.84 -29.76
C ILE C 350 28.94 -32.63 -28.37
N ARG C 351 29.04 -31.37 -27.98
CA ARG C 351 29.58 -30.99 -26.70
C ARG C 351 28.47 -30.64 -25.73
N GLU C 352 28.30 -31.50 -24.73
CA GLU C 352 27.20 -31.39 -23.79
C GLU C 352 27.45 -30.30 -22.74
N SER C 353 26.35 -29.71 -22.29
CA SER C 353 26.36 -28.79 -21.15
C SER C 353 25.21 -29.09 -20.20
N TYR C 354 25.25 -28.50 -19.02
CA TYR C 354 24.27 -28.79 -17.98
C TYR C 354 23.95 -27.53 -17.21
N GLY C 355 22.71 -27.48 -16.75
CA GLY C 355 22.23 -26.34 -15.95
C GLY C 355 20.75 -26.44 -15.63
N GLN C 356 20.25 -25.42 -14.94
CA GLN C 356 18.82 -25.30 -14.67
C GLN C 356 18.45 -23.83 -14.64
N THR C 357 17.16 -23.54 -14.60
CA THR C 357 16.67 -22.17 -14.61
C THR C 357 17.29 -21.36 -13.49
N GLU C 358 17.43 -21.98 -12.33
CA GLU C 358 17.89 -21.29 -11.15
C GLU C 358 19.39 -20.91 -11.22
N THR C 359 20.17 -21.63 -12.02
CA THR C 359 21.63 -21.49 -12.00
C THR C 359 22.25 -21.19 -13.35
N GLY C 360 21.48 -21.22 -14.42
CA GLY C 360 22.03 -21.08 -15.76
C GLY C 360 23.11 -22.13 -16.02
N LEU C 361 24.01 -21.82 -16.95
CA LEU C 361 25.08 -22.73 -17.38
C LEU C 361 26.01 -23.13 -16.21
N THR C 362 25.90 -24.39 -15.77
CA THR C 362 26.54 -24.86 -14.54
C THR C 362 27.80 -25.68 -14.84
N CYS C 363 27.70 -26.63 -15.77
CA CYS C 363 28.86 -27.38 -16.24
C CYS C 363 28.84 -27.50 -17.75
N MET C 364 30.02 -27.62 -18.36
CA MET C 364 30.06 -27.92 -19.77
C MET C 364 31.37 -28.47 -20.27
N VAL C 365 31.30 -29.02 -21.48
CA VAL C 365 32.46 -29.37 -22.26
C VAL C 365 32.76 -28.22 -23.23
N SER C 366 33.81 -27.45 -22.93
CA SER C 366 34.18 -26.30 -23.78
C SER C 366 34.92 -26.77 -25.01
N LYS C 367 35.23 -25.85 -25.92
CA LYS C 367 35.67 -26.25 -27.25
C LYS C 367 36.94 -27.09 -27.24
N THR C 368 37.85 -26.76 -26.33
CA THR C 368 39.17 -27.32 -26.28
C THR C 368 39.29 -28.53 -25.33
N MET C 369 38.18 -28.94 -24.75
CA MET C 369 38.18 -30.07 -23.81
C MET C 369 37.98 -31.39 -24.52
N LYS C 370 38.62 -32.42 -23.96
CA LYS C 370 38.40 -33.80 -24.38
C LYS C 370 36.95 -34.17 -24.09
N ILE C 371 36.33 -34.91 -25.02
CA ILE C 371 34.96 -35.39 -24.81
C ILE C 371 34.97 -36.78 -24.17
N LYS C 372 34.14 -36.93 -23.14
CA LYS C 372 33.93 -38.20 -22.48
C LYS C 372 32.46 -38.57 -22.58
N PRO C 373 32.15 -39.57 -23.42
CA PRO C 373 30.79 -40.08 -23.53
C PRO C 373 30.16 -40.34 -22.16
N GLY C 374 28.95 -39.81 -21.96
CA GLY C 374 28.17 -40.01 -20.76
C GLY C 374 28.42 -38.98 -19.68
N TYR C 375 29.37 -38.08 -19.93
CA TYR C 375 29.71 -37.03 -18.96
C TYR C 375 29.37 -35.65 -19.55
N MET C 376 28.85 -34.78 -18.72
CA MET C 376 28.33 -33.48 -19.18
C MET C 376 29.32 -32.32 -18.93
N GLY C 377 30.57 -32.63 -18.60
CA GLY C 377 31.62 -31.62 -18.54
C GLY C 377 32.10 -31.22 -17.16
N THR C 378 32.82 -30.10 -17.10
CA THR C 378 33.34 -29.59 -15.84
C THR C 378 32.65 -28.25 -15.49
N ALA C 379 32.98 -27.71 -14.30
CA ALA C 379 32.37 -26.47 -13.82
C ALA C 379 32.46 -25.35 -14.85
N ALA C 380 31.39 -24.57 -14.94
CA ALA C 380 31.34 -23.45 -15.89
C ALA C 380 31.53 -22.12 -15.17
N SER C 381 32.04 -21.14 -15.91
CA SER C 381 32.28 -19.81 -15.35
C SER C 381 33.13 -19.90 -14.08
N CYS C 382 32.67 -19.25 -13.01
CA CYS C 382 33.39 -19.24 -11.75
C CYS C 382 32.65 -20.06 -10.69
N TYR C 383 31.94 -21.09 -11.14
CA TYR C 383 31.18 -21.95 -10.24
C TYR C 383 32.06 -23.04 -9.62
N ASP C 384 31.94 -23.21 -8.32
CA ASP C 384 32.55 -24.33 -7.63
C ASP C 384 31.47 -25.38 -7.51
N VAL C 385 31.48 -26.34 -8.43
CA VAL C 385 30.41 -27.35 -8.50
C VAL C 385 30.92 -28.62 -7.86
N GLN C 386 30.15 -29.17 -6.94
CA GLN C 386 30.56 -30.33 -6.16
C GLN C 386 29.42 -31.32 -6.00
N ILE C 387 29.80 -32.57 -5.69
CA ILE C 387 28.88 -33.62 -5.28
C ILE C 387 28.90 -33.60 -3.75
N ILE C 388 27.75 -33.34 -3.13
CA ILE C 388 27.75 -33.22 -1.66
C ILE C 388 26.88 -34.28 -0.95
N ASP C 389 27.28 -34.65 0.26
CA ASP C 389 26.51 -35.60 1.06
C ASP C 389 25.34 -34.94 1.80
N ASP C 390 24.54 -35.76 2.47
CA ASP C 390 23.34 -35.31 3.19
C ASP C 390 23.59 -34.22 4.25
N LYS C 391 24.85 -34.08 4.70
CA LYS C 391 25.24 -33.05 5.67
C LYS C 391 25.93 -31.79 5.05
N GLY C 392 26.01 -31.74 3.72
CA GLY C 392 26.57 -30.57 3.01
C GLY C 392 28.08 -30.57 2.75
N ASN C 393 28.73 -31.71 2.91
CA ASN C 393 30.19 -31.80 2.75
C ASN C 393 30.58 -32.34 1.38
N VAL C 394 31.63 -31.77 0.82
CA VAL C 394 32.12 -32.18 -0.48
C VAL C 394 32.57 -33.63 -0.38
N LEU C 395 32.17 -34.42 -1.38
CA LEU C 395 32.55 -35.83 -1.46
C LEU C 395 33.77 -36.10 -2.37
N PRO C 396 34.48 -37.20 -2.09
CA PRO C 396 35.54 -37.57 -3.03
C PRO C 396 35.02 -37.92 -4.42
N PRO C 397 35.91 -38.02 -5.40
CA PRO C 397 35.53 -38.53 -6.70
C PRO C 397 34.99 -39.97 -6.66
N GLY C 398 34.00 -40.23 -7.52
CA GLY C 398 33.42 -41.56 -7.69
C GLY C 398 32.47 -42.05 -6.59
N THR C 399 31.85 -41.10 -5.89
CA THR C 399 30.83 -41.41 -4.89
C THR C 399 29.54 -40.67 -5.24
N GLU C 400 28.42 -41.36 -5.20
CA GLU C 400 27.17 -40.73 -5.63
C GLU C 400 26.59 -39.80 -4.55
N GLY C 401 26.07 -38.67 -5.00
CA GLY C 401 25.46 -37.68 -4.10
C GLY C 401 24.78 -36.55 -4.84
N ASP C 402 24.53 -35.45 -4.16
CA ASP C 402 23.73 -34.36 -4.71
C ASP C 402 24.60 -33.31 -5.38
N ILE C 403 24.25 -32.90 -6.59
CA ILE C 403 25.03 -31.89 -7.30
C ILE C 403 24.70 -30.51 -6.71
N GLY C 404 25.73 -29.78 -6.28
CA GLY C 404 25.56 -28.44 -5.72
C GLY C 404 26.56 -27.44 -6.26
N ILE C 405 26.21 -26.15 -6.16
CA ILE C 405 27.14 -25.08 -6.46
C ILE C 405 27.43 -24.29 -5.19
N ARG C 406 28.69 -24.00 -4.92
CA ARG C 406 29.06 -23.22 -3.73
C ARG C 406 28.47 -21.82 -3.79
N VAL C 407 27.65 -21.48 -2.81
CA VAL C 407 27.01 -20.18 -2.78
C VAL C 407 27.34 -19.39 -1.52
N LYS C 408 28.10 -19.98 -0.60
CA LYS C 408 28.67 -19.25 0.54
C LYS C 408 30.17 -19.54 0.72
N PRO C 409 30.94 -18.51 1.10
CA PRO C 409 30.56 -17.15 1.52
C PRO C 409 30.32 -16.15 0.39
N ILE C 410 30.45 -16.60 -0.86
CA ILE C 410 30.26 -15.75 -2.04
C ILE C 410 29.35 -16.45 -3.05
N ARG C 411 28.19 -15.86 -3.30
CA ARG C 411 27.27 -16.35 -4.32
C ARG C 411 27.81 -15.97 -5.71
N PRO C 412 28.22 -16.96 -6.51
CA PRO C 412 28.84 -16.59 -7.81
C PRO C 412 27.89 -15.87 -8.76
N ILE C 413 28.43 -15.02 -9.63
CA ILE C 413 27.65 -14.35 -10.68
C ILE C 413 27.05 -15.39 -11.61
N GLY C 414 25.74 -15.30 -11.82
CA GLY C 414 25.00 -16.32 -12.60
C GLY C 414 23.90 -17.04 -11.84
N ILE C 415 24.05 -17.16 -10.52
CA ILE C 415 23.01 -17.79 -9.70
C ILE C 415 21.87 -16.81 -9.60
N PHE C 416 20.64 -17.32 -9.64
CA PHE C 416 19.44 -16.49 -9.55
C PHE C 416 19.29 -15.92 -8.16
N SER C 417 18.34 -15.00 -8.00
CA SER C 417 18.16 -14.25 -6.75
C SER C 417 17.20 -14.94 -5.79
N GLY C 418 16.51 -15.98 -6.25
CA GLY C 418 15.57 -16.71 -5.41
C GLY C 418 14.16 -16.76 -5.98
N TYR C 419 13.30 -17.54 -5.33
CA TYR C 419 11.93 -17.72 -5.78
C TYR C 419 11.06 -16.59 -5.25
N VAL C 420 10.45 -15.85 -6.16
CA VAL C 420 9.65 -14.67 -5.81
C VAL C 420 8.59 -15.05 -4.79
N ASP C 421 8.54 -14.28 -3.70
CA ASP C 421 7.59 -14.50 -2.61
C ASP C 421 7.73 -15.84 -1.87
N ASN C 422 8.85 -16.52 -2.01
CA ASN C 422 9.02 -17.85 -1.39
C ASN C 422 10.42 -18.04 -0.83
N PRO C 423 10.75 -17.29 0.22
CA PRO C 423 12.07 -17.47 0.78
C PRO C 423 12.21 -18.86 1.37
N ASP C 424 11.14 -19.43 1.91
CA ASP C 424 11.19 -20.77 2.52
C ASP C 424 11.59 -21.81 1.47
N LYS C 425 11.08 -21.68 0.25
CA LYS C 425 11.40 -22.64 -0.81
C LYS C 425 12.80 -22.47 -1.39
N THR C 426 13.28 -21.23 -1.42
CA THR C 426 14.68 -20.96 -1.74
C THR C 426 15.62 -21.55 -0.68
N ALA C 427 15.26 -21.39 0.61
CA ALA C 427 16.09 -21.85 1.73
C ALA C 427 16.26 -23.36 1.73
N ALA C 428 15.19 -24.07 1.35
CA ALA C 428 15.16 -25.52 1.37
C ALA C 428 16.04 -26.17 0.29
N ASN C 429 16.45 -25.43 -0.72
CA ASN C 429 17.43 -25.98 -1.69
C ASN C 429 18.86 -25.57 -1.32
N ILE C 430 19.04 -24.95 -0.14
CA ILE C 430 20.36 -24.60 0.33
C ILE C 430 20.74 -25.58 1.43
N ARG C 431 21.83 -26.31 1.19
CA ARG C 431 22.39 -27.21 2.18
C ARG C 431 23.81 -26.74 2.45
N GLY C 432 24.01 -26.18 3.63
CA GLY C 432 25.34 -25.73 4.07
C GLY C 432 25.76 -24.54 3.23
N ASP C 433 26.90 -24.66 2.57
CA ASP C 433 27.41 -23.62 1.68
C ASP C 433 26.98 -23.83 0.22
N PHE C 434 26.17 -24.85 -0.02
CA PHE C 434 25.77 -25.18 -1.38
C PHE C 434 24.31 -24.93 -1.72
N TRP C 435 24.08 -24.59 -2.99
CA TRP C 435 22.76 -24.61 -3.61
C TRP C 435 22.63 -25.98 -4.26
N LEU C 436 21.61 -26.77 -3.88
CA LEU C 436 21.39 -28.10 -4.46
C LEU C 436 20.57 -27.99 -5.74
N LEU C 437 20.99 -28.68 -6.79
CA LEU C 437 20.26 -28.59 -8.05
C LEU C 437 19.06 -29.54 -8.12
N GLY C 438 18.99 -30.49 -7.19
CA GLY C 438 17.96 -31.53 -7.17
C GLY C 438 18.35 -32.70 -8.05
N ASP C 439 19.59 -32.70 -8.51
CA ASP C 439 20.10 -33.72 -9.39
C ASP C 439 21.18 -34.52 -8.67
N ARG C 440 21.10 -35.83 -8.80
CA ARG C 440 22.16 -36.70 -8.35
C ARG C 440 23.28 -36.74 -9.39
N GLY C 441 24.50 -36.92 -8.93
CA GLY C 441 25.64 -37.09 -9.83
C GLY C 441 26.83 -37.79 -9.19
N ILE C 442 27.81 -38.12 -10.03
CA ILE C 442 29.13 -38.57 -9.63
C ILE C 442 30.16 -37.65 -10.29
N LYS C 443 31.32 -37.50 -9.67
CA LYS C 443 32.43 -36.77 -10.27
C LYS C 443 33.62 -37.72 -10.36
N ASP C 444 34.20 -37.86 -11.55
CA ASP C 444 35.34 -38.76 -11.74
C ASP C 444 36.69 -38.06 -11.46
N GLU C 445 37.77 -38.79 -11.70
CA GLU C 445 39.09 -38.36 -11.27
C GLU C 445 39.56 -37.05 -11.90
N ASP C 446 39.00 -36.67 -13.05
CA ASP C 446 39.37 -35.41 -13.71
C ASP C 446 38.39 -34.29 -13.43
N GLY C 447 37.38 -34.55 -12.62
CA GLY C 447 36.39 -33.53 -12.30
C GLY C 447 35.30 -33.39 -13.34
N TYR C 448 35.08 -34.43 -14.15
CA TYR C 448 33.97 -34.47 -15.11
C TYR C 448 32.73 -34.99 -14.41
N PHE C 449 31.61 -34.34 -14.63
CA PHE C 449 30.38 -34.72 -13.95
C PHE C 449 29.62 -35.75 -14.76
N GLN C 450 29.00 -36.68 -14.05
CA GLN C 450 28.12 -37.71 -14.61
C GLN C 450 26.74 -37.60 -13.98
N PHE C 451 25.72 -37.25 -14.76
CA PHE C 451 24.33 -37.15 -14.29
C PHE C 451 23.79 -38.51 -13.93
N MET C 452 23.16 -38.62 -12.75
CA MET C 452 22.60 -39.89 -12.23
C MET C 452 21.11 -39.84 -11.85
N GLY C 453 20.40 -38.76 -12.17
CA GLY C 453 18.93 -38.78 -12.08
C GLY C 453 18.29 -37.86 -11.05
N ARG C 454 17.06 -37.46 -11.29
CA ARG C 454 16.37 -36.59 -10.36
C ARG C 454 16.15 -37.35 -9.09
N ALA C 455 16.33 -36.66 -7.98
CA ALA C 455 16.09 -37.19 -6.64
C ALA C 455 14.60 -37.09 -6.28
N ASP C 456 13.88 -36.22 -6.99
CA ASP C 456 12.48 -35.93 -6.66
C ASP C 456 11.56 -36.37 -7.80
N ASP C 457 10.33 -35.86 -7.85
CA ASP C 457 9.33 -36.36 -8.79
C ASP C 457 9.26 -35.56 -10.10
N ILE C 458 10.14 -34.58 -10.30
CA ILE C 458 10.17 -33.82 -11.55
C ILE C 458 10.43 -34.75 -12.74
N ILE C 459 9.66 -34.57 -13.79
CA ILE C 459 9.79 -35.33 -15.01
C ILE C 459 10.57 -34.52 -16.04
N ASN C 460 11.49 -35.17 -16.76
CA ASN C 460 12.20 -34.52 -17.84
C ASN C 460 11.88 -35.20 -19.18
N SER C 461 10.99 -34.59 -19.93
CA SER C 461 10.53 -35.12 -21.21
C SER C 461 11.06 -34.26 -22.35
N SER C 462 11.91 -34.85 -23.15
CA SER C 462 12.69 -34.11 -24.11
C SER C 462 13.35 -32.94 -23.43
N GLY C 463 13.23 -31.78 -24.02
CA GLY C 463 13.71 -30.61 -23.31
C GLY C 463 13.09 -30.27 -21.95
N TYR C 464 11.81 -30.55 -21.84
CA TYR C 464 10.94 -29.99 -20.85
C TYR C 464 10.93 -30.56 -19.44
N ARG C 465 11.12 -29.66 -18.51
CA ARG C 465 11.04 -29.89 -17.07
C ARG C 465 9.58 -29.80 -16.62
N ILE C 466 8.97 -30.94 -16.32
CA ILE C 466 7.53 -31.03 -16.01
C ILE C 466 7.24 -31.35 -14.53
N GLY C 467 6.31 -30.60 -13.96
CA GLY C 467 5.80 -30.85 -12.62
C GLY C 467 4.53 -31.70 -12.64
N PRO C 468 4.52 -32.82 -11.92
CA PRO C 468 3.37 -33.73 -11.96
C PRO C 468 2.01 -33.10 -11.59
N SER C 469 1.98 -32.25 -10.56
CA SER C 469 0.70 -31.60 -10.18
C SER C 469 0.05 -30.90 -11.36
N GLU C 470 0.87 -30.33 -12.23
CA GLU C 470 0.36 -29.64 -13.43
C GLU C 470 -0.43 -30.57 -14.33
N VAL C 471 0.07 -31.79 -14.51
CA VAL C 471 -0.56 -32.74 -15.43
C VAL C 471 -1.80 -33.35 -14.76
N GLU C 472 -1.65 -33.68 -13.48
CA GLU C 472 -2.73 -34.25 -12.66
C GLU C 472 -3.94 -33.33 -12.64
N ASN C 473 -3.75 -32.06 -12.24
CA ASN C 473 -4.82 -31.05 -12.31
C ASN C 473 -5.50 -31.00 -13.68
N ALA C 474 -4.71 -30.98 -14.74
CA ALA C 474 -5.23 -30.91 -16.11
C ALA C 474 -6.12 -32.10 -16.36
N LEU C 475 -5.63 -33.28 -16.01
CA LEU C 475 -6.41 -34.51 -16.11
C LEU C 475 -7.67 -34.47 -15.23
N MET C 476 -7.57 -33.86 -14.05
CA MET C 476 -8.74 -33.69 -13.14
C MET C 476 -9.83 -32.75 -13.67
N GLU C 477 -9.51 -31.92 -14.66
CA GLU C 477 -10.52 -31.04 -15.29
C GLU C 477 -11.51 -31.86 -16.13
N HIS C 478 -11.19 -33.11 -16.44
CA HIS C 478 -12.05 -33.97 -17.26
C HIS C 478 -12.91 -34.93 -16.40
N PRO C 479 -14.20 -35.03 -16.71
CA PRO C 479 -15.10 -35.78 -15.85
C PRO C 479 -14.87 -37.28 -15.77
N ALA C 480 -14.04 -37.83 -16.66
CA ALA C 480 -13.68 -39.27 -16.60
C ALA C 480 -12.67 -39.60 -15.51
N VAL C 481 -11.97 -38.59 -14.99
CA VAL C 481 -10.87 -38.83 -14.05
C VAL C 481 -11.27 -38.58 -12.59
N VAL C 482 -11.62 -39.62 -11.84
CA VAL C 482 -11.93 -39.43 -10.43
C VAL C 482 -10.63 -39.14 -9.67
N GLU C 483 -9.53 -39.76 -10.10
CA GLU C 483 -8.24 -39.67 -9.40
C GLU C 483 -7.08 -39.95 -10.34
N THR C 484 -5.92 -39.31 -10.12
CA THR C 484 -4.74 -39.60 -10.97
C THR C 484 -3.36 -39.38 -10.31
N ALA C 485 -2.34 -40.03 -10.86
CA ALA C 485 -0.93 -39.86 -10.45
C ALA C 485 -0.07 -39.82 -11.70
N VAL C 486 0.82 -38.86 -11.80
CA VAL C 486 1.60 -38.68 -13.02
C VAL C 486 3.06 -38.87 -12.70
N ILE C 487 3.75 -39.64 -13.55
CA ILE C 487 5.18 -39.91 -13.35
C ILE C 487 5.93 -39.95 -14.67
N SER C 488 7.24 -40.14 -14.58
CA SER C 488 8.03 -40.43 -15.76
C SER C 488 8.05 -41.94 -16.01
N SER C 489 8.08 -42.29 -17.29
CA SER C 489 8.26 -43.66 -17.74
C SER C 489 9.33 -43.66 -18.81
N PRO C 490 10.11 -44.75 -18.91
CA PRO C 490 11.11 -44.84 -19.97
C PRO C 490 10.51 -45.09 -21.35
N ASP C 491 11.06 -44.41 -22.35
CA ASP C 491 10.70 -44.68 -23.74
C ASP C 491 11.98 -44.75 -24.58
N PRO C 492 12.12 -45.79 -25.41
CA PRO C 492 13.36 -45.98 -26.15
C PRO C 492 13.62 -44.99 -27.27
N VAL C 493 12.59 -44.32 -27.78
CA VAL C 493 12.79 -43.34 -28.88
C VAL C 493 13.04 -41.92 -28.35
N ARG C 494 12.22 -41.49 -27.39
CA ARG C 494 12.30 -40.11 -26.86
C ARG C 494 13.16 -39.96 -25.60
N GLY C 495 13.42 -41.09 -24.93
CA GLY C 495 14.15 -41.12 -23.64
C GLY C 495 13.25 -41.34 -22.43
N GLU C 496 12.39 -40.38 -22.15
CA GLU C 496 11.60 -40.36 -20.92
C GLU C 496 10.33 -39.58 -21.22
N VAL C 497 9.16 -40.17 -20.93
CA VAL C 497 7.89 -39.54 -21.30
C VAL C 497 6.98 -39.41 -20.10
N VAL C 498 5.94 -38.60 -20.25
CA VAL C 498 5.00 -38.43 -19.16
C VAL C 498 3.98 -39.56 -19.17
N LYS C 499 3.74 -40.15 -17.99
CA LYS C 499 2.73 -41.20 -17.82
C LYS C 499 1.72 -40.87 -16.70
N ALA C 500 0.44 -41.11 -16.95
CA ALA C 500 -0.61 -40.89 -15.93
C ALA C 500 -1.25 -42.21 -15.62
N PHE C 501 -1.33 -42.55 -14.33
CA PHE C 501 -2.22 -43.60 -13.88
C PHE C 501 -3.54 -42.94 -13.56
N VAL C 502 -4.63 -43.50 -14.07
CA VAL C 502 -5.96 -42.90 -13.95
C VAL C 502 -7.03 -43.87 -13.46
N VAL C 503 -7.76 -43.48 -12.42
CA VAL C 503 -8.95 -44.19 -11.97
C VAL C 503 -10.17 -43.58 -12.64
N LEU C 504 -10.81 -44.36 -13.49
CA LEU C 504 -11.96 -43.90 -14.27
C LEU C 504 -13.27 -43.78 -13.47
N ALA C 505 -14.08 -42.76 -13.82
CA ALA C 505 -15.46 -42.63 -13.30
C ALA C 505 -16.37 -43.69 -13.91
N SER C 506 -17.45 -44.02 -13.23
CA SER C 506 -18.21 -45.23 -13.61
C SER C 506 -18.94 -45.09 -14.96
N GLN C 507 -19.30 -43.85 -15.29
CA GLN C 507 -19.97 -43.57 -16.54
C GLN C 507 -19.03 -43.58 -17.74
N PHE C 508 -17.71 -43.69 -17.49
CA PHE C 508 -16.75 -43.91 -18.55
C PHE C 508 -16.24 -45.33 -18.64
N LEU C 509 -16.69 -46.19 -17.74
CA LEU C 509 -16.23 -47.58 -17.75
C LEU C 509 -16.60 -48.31 -19.06
N SER C 510 -17.64 -47.86 -19.75
CA SER C 510 -18.10 -48.51 -20.99
C SER C 510 -17.33 -48.12 -22.26
N HIS C 511 -16.49 -47.10 -22.14
CA HIS C 511 -15.70 -46.59 -23.26
C HIS C 511 -14.62 -47.60 -23.65
N ASP C 512 -14.20 -47.57 -24.90
CA ASP C 512 -13.02 -48.30 -25.33
C ASP C 512 -11.82 -47.60 -24.70
N PRO C 513 -11.06 -48.31 -23.87
CA PRO C 513 -9.89 -47.61 -23.33
C PRO C 513 -8.91 -47.05 -24.39
N GLU C 514 -8.83 -47.65 -25.57
CA GLU C 514 -7.90 -47.10 -26.58
C GLU C 514 -8.34 -45.73 -27.04
N GLN C 515 -9.65 -45.51 -27.16
CA GLN C 515 -10.17 -44.22 -27.61
C GLN C 515 -10.22 -43.20 -26.47
N LEU C 516 -10.47 -43.65 -25.24
CA LEU C 516 -10.54 -42.75 -24.07
C LEU C 516 -9.14 -42.20 -23.74
N THR C 517 -8.11 -43.01 -23.95
CA THR C 517 -6.74 -42.51 -23.91
C THR C 517 -6.52 -41.34 -24.88
N LYS C 518 -6.91 -41.49 -26.14
CA LYS C 518 -6.78 -40.41 -27.13
C LYS C 518 -7.57 -39.17 -26.68
N GLU C 519 -8.78 -39.39 -26.18
CA GLU C 519 -9.62 -38.28 -25.70
C GLU C 519 -8.99 -37.56 -24.50
N LEU C 520 -8.32 -38.31 -23.62
CA LEU C 520 -7.80 -37.70 -22.39
C LEU C 520 -6.53 -36.96 -22.71
N GLN C 521 -5.75 -37.50 -23.65
CA GLN C 521 -4.53 -36.86 -24.18
C GLN C 521 -4.85 -35.55 -24.91
N GLN C 522 -5.85 -35.58 -25.78
CA GLN C 522 -6.27 -34.36 -26.47
C GLN C 522 -6.80 -33.34 -25.47
N HIS C 523 -7.63 -33.80 -24.54
CA HIS C 523 -8.04 -32.93 -23.42
C HIS C 523 -6.83 -32.25 -22.71
N VAL C 524 -5.80 -33.00 -22.34
CA VAL C 524 -4.67 -32.37 -21.69
C VAL C 524 -4.04 -31.31 -22.60
N LYS C 525 -3.91 -31.62 -23.89
CA LYS C 525 -3.33 -30.66 -24.84
C LYS C 525 -4.16 -29.40 -24.96
N SER C 526 -5.48 -29.51 -24.78
CA SER C 526 -6.34 -28.34 -24.91
C SER C 526 -6.36 -27.39 -23.67
N VAL C 527 -5.92 -27.87 -22.51
CA VAL C 527 -6.06 -27.13 -21.24
C VAL C 527 -4.75 -26.67 -20.61
N THR C 528 -3.63 -27.23 -21.05
CA THR C 528 -2.31 -26.79 -20.63
C THR C 528 -1.36 -26.92 -21.82
N ALA C 529 -0.13 -26.39 -21.72
CA ALA C 529 0.84 -26.48 -22.83
C ALA C 529 1.04 -27.96 -23.21
N PRO C 530 0.93 -28.31 -24.50
CA PRO C 530 0.91 -29.73 -24.89
C PRO C 530 2.16 -30.52 -24.57
N TYR C 531 3.30 -29.85 -24.41
CA TYR C 531 4.55 -30.56 -24.12
C TYR C 531 4.46 -31.49 -22.90
N LYS C 532 3.49 -31.26 -22.04
CA LYS C 532 3.36 -32.04 -20.81
C LYS C 532 2.20 -33.06 -20.83
N TYR C 533 1.69 -33.38 -22.02
CA TYR C 533 0.63 -34.37 -22.10
C TYR C 533 1.15 -35.79 -21.83
N PRO C 534 0.31 -36.62 -21.19
CA PRO C 534 0.70 -37.99 -20.86
C PRO C 534 0.74 -38.87 -22.13
N ARG C 535 1.94 -39.19 -22.60
CA ARG C 535 2.12 -39.97 -23.83
C ARG C 535 1.78 -41.44 -23.58
N LYS C 536 1.80 -41.81 -22.29
CA LYS C 536 1.32 -43.08 -21.80
C LYS C 536 0.25 -42.85 -20.75
N ILE C 537 -0.83 -43.64 -20.82
CA ILE C 537 -1.89 -43.71 -19.78
C ILE C 537 -2.22 -45.16 -19.43
N GLU C 538 -2.27 -45.46 -18.14
CA GLU C 538 -2.70 -46.74 -17.61
C GLU C 538 -3.89 -46.55 -16.71
N PHE C 539 -4.91 -47.36 -16.92
CA PHE C 539 -6.12 -47.34 -16.08
C PHE C 539 -6.01 -48.31 -14.91
N VAL C 540 -6.23 -47.78 -13.70
CA VAL C 540 -6.16 -48.59 -12.48
C VAL C 540 -7.41 -48.37 -11.65
N LEU C 541 -7.67 -49.30 -10.73
CA LEU C 541 -8.87 -49.27 -9.91
C LEU C 541 -8.66 -48.41 -8.68
N ASN C 542 -7.42 -48.38 -8.23
CA ASN C 542 -7.00 -47.60 -7.08
C ASN C 542 -5.55 -47.14 -7.25
N LEU C 543 -5.10 -46.27 -6.36
CA LEU C 543 -3.73 -45.81 -6.38
C LEU C 543 -3.12 -46.03 -5.00
N PRO C 544 -1.80 -46.16 -4.95
CA PRO C 544 -1.21 -46.42 -3.65
C PRO C 544 -1.11 -45.13 -2.84
N LYS C 545 -1.67 -45.13 -1.63
CA LYS C 545 -1.58 -43.95 -0.76
C LYS C 545 -1.05 -44.27 0.66
N THR C 546 -0.39 -43.30 1.27
CA THR C 546 -0.07 -43.36 2.71
C THR C 546 -1.41 -43.31 3.48
N VAL C 547 -1.43 -43.40 4.80
CA VAL C 547 -2.71 -43.43 5.50
C VAL C 547 -3.41 -42.05 5.60
N THR C 548 -2.65 -40.97 5.49
CA THR C 548 -3.24 -39.63 5.46
C THR C 548 -3.87 -39.29 4.10
N GLY C 549 -3.72 -40.18 3.11
CA GLY C 549 -4.31 -40.00 1.78
C GLY C 549 -3.32 -39.67 0.67
N LYS C 550 -2.09 -39.31 1.02
CA LYS C 550 -1.01 -38.97 0.05
C LYS C 550 -0.73 -40.10 -0.91
N ILE C 551 -0.75 -39.79 -2.19
CA ILE C 551 -0.45 -40.80 -3.21
C ILE C 551 1.07 -40.97 -3.25
N GLN C 552 1.49 -42.21 -3.39
CA GLN C 552 2.89 -42.57 -3.38
C GLN C 552 3.47 -42.66 -4.80
N ARG C 553 3.91 -41.53 -5.35
CA ARG C 553 4.50 -41.51 -6.68
C ARG C 553 5.83 -42.28 -6.77
N ALA C 554 6.71 -42.08 -5.81
CA ALA C 554 7.99 -42.81 -5.78
C ALA C 554 7.74 -44.32 -5.92
N LYS C 555 6.74 -44.81 -5.21
CA LYS C 555 6.36 -46.24 -5.23
C LYS C 555 5.92 -46.68 -6.65
N LEU C 556 5.08 -45.87 -7.28
CA LEU C 556 4.63 -46.10 -8.66
C LEU C 556 5.77 -45.99 -9.67
N ARG C 557 6.76 -45.16 -9.36
CA ARG C 557 7.90 -44.94 -10.25
C ARG C 557 8.88 -46.11 -10.14
N ASP C 558 9.05 -46.63 -8.94
CA ASP C 558 9.98 -47.76 -8.76
C ASP C 558 9.47 -48.98 -9.53
N LYS C 559 8.14 -49.17 -9.58
CA LYS C 559 7.54 -50.28 -10.34
C LYS C 559 7.69 -50.06 -11.84
N GLU C 560 7.39 -48.84 -12.29
CA GLU C 560 7.40 -48.49 -13.71
C GLU C 560 8.79 -48.66 -14.36
N TRP C 561 9.85 -48.30 -13.65
CA TRP C 561 11.20 -48.37 -14.21
C TRP C 561 11.90 -49.74 -14.00
N LYS C 562 11.17 -50.84 -14.22
CA LYS C 562 11.67 -52.21 -14.00
C LYS C 562 12.13 -52.44 -12.56
#